data_9NDK
# 
_entry.id   9NDK 
# 
_audit_conform.dict_name       mmcif_pdbx.dic 
_audit_conform.dict_version    5.403 
_audit_conform.dict_location   http://mmcif.pdb.org/dictionaries/ascii/mmcif_pdbx.dic 
# 
loop_
_database_2.database_id 
_database_2.database_code 
_database_2.pdbx_database_accession 
_database_2.pdbx_DOI 
PDB   9NDK         pdb_00009ndk 10.2210/pdb9ndk/pdb 
WWPDB D_1000293143 ?            ?                   
# 
_pdbx_audit_revision_history.ordinal             1 
_pdbx_audit_revision_history.data_content_type   'Structure model' 
_pdbx_audit_revision_history.major_revision      1 
_pdbx_audit_revision_history.minor_revision      0 
_pdbx_audit_revision_history.revision_date       2025-04-09 
_pdbx_audit_revision_history.part_number         ? 
# 
_pdbx_audit_revision_details.ordinal             1 
_pdbx_audit_revision_details.revision_ordinal    1 
_pdbx_audit_revision_details.data_content_type   'Structure model' 
_pdbx_audit_revision_details.provider            repository 
_pdbx_audit_revision_details.type                'Initial release' 
_pdbx_audit_revision_details.description         ? 
_pdbx_audit_revision_details.details             ? 
# 
_pdbx_database_status.status_code                     REL 
_pdbx_database_status.status_code_sf                  REL 
_pdbx_database_status.status_code_mr                  ? 
_pdbx_database_status.entry_id                        9NDK 
_pdbx_database_status.recvd_initial_deposition_date   2025-02-18 
_pdbx_database_status.SG_entry                        N 
_pdbx_database_status.deposit_site                    RCSB 
_pdbx_database_status.process_site                    RCSB 
_pdbx_database_status.status_code_cs                  ? 
_pdbx_database_status.status_code_nmr_data            ? 
_pdbx_database_status.methods_development_category    ? 
_pdbx_database_status.pdb_format_compatible           Y 
# 
_pdbx_contact_author.id                 2 
_pdbx_contact_author.email              rs17@nyu.edu 
_pdbx_contact_author.name_first         Ruojie 
_pdbx_contact_author.name_last          Sha 
_pdbx_contact_author.name_mi            ? 
_pdbx_contact_author.role               'principal investigator/group leader' 
_pdbx_contact_author.identifier_ORCID   0000-0002-0807-734X 
# 
loop_
_audit_author.name 
_audit_author.pdbx_ordinal 
_audit_author.identifier_ORCID 
'Horvath, A.'   1 0009-0008-5770-8014 
'Vecchioni, S.' 2 0000-0001-8243-650X 
'Woloszyn, K.'  3 0000-0003-1200-583X 
'Ohayon, Y.P.'  4 0000-0001-7500-4282 
'Sha, R.'       5 0000-0002-0807-734X 
# 
_citation.abstract                  ? 
_citation.abstract_id_CAS           ? 
_citation.book_id_ISBN              ? 
_citation.book_publisher            ? 
_citation.book_publisher_city       ? 
_citation.book_title                ? 
_citation.coordinate_linkage        ? 
_citation.country                   ? 
_citation.database_id_Medline       ? 
_citation.details                   ? 
_citation.id                        primary 
_citation.journal_abbrev            'To Be Published' 
_citation.journal_id_ASTM           ? 
_citation.journal_id_CSD            0353 
_citation.journal_id_ISSN           ? 
_citation.journal_full              ? 
_citation.journal_issue             ? 
_citation.journal_volume            ? 
_citation.language                  ? 
_citation.page_first                ? 
_citation.page_last                 ? 
_citation.title                     'Shifted tensegrity triangles' 
_citation.year                      ? 
_citation.database_id_CSD           ? 
_citation.pdbx_database_id_DOI      ? 
_citation.pdbx_database_id_PubMed   ? 
_citation.pdbx_database_id_patent   ? 
_citation.unpublished_flag          ? 
# 
loop_
_citation_author.citation_id 
_citation_author.name 
_citation_author.ordinal 
_citation_author.identifier_ORCID 
primary 'Horvath, A.'   1 0009-0008-5770-8014 
primary 'Vecchioni, S.' 2 0000-0001-8243-650X 
primary 'Woloszyn, K.'  3 0000-0003-1200-583X 
primary 'Ohayon, Y.P.'  4 0000-0001-7500-4282 
primary 'Sha, R.'       5 0000-0002-0807-734X 
# 
loop_
_entity.id 
_entity.type 
_entity.src_method 
_entity.pdbx_description 
_entity.formula_weight 
_entity.pdbx_number_of_molecules 
_entity.pdbx_ec 
_entity.pdbx_mutation 
_entity.pdbx_fragment 
_entity.details 
1 polymer syn 
;DNA (5'-D(P*AP*CP*GP*GP*AP*CP*AP*GP*CP*AP*GP*TP*CP*A)-3')
;
4298.819 1 ? ? ? ? 
2 polymer syn 
;DNA (5'-D(P*CP*AP*CP*AP*CP*CP*GP*T)-3')
;
2371.582 1 ? ? ? ? 
3 polymer syn 
;DNA (5'-D(P*CP*TP*G*AP*CP*TP*GP*CP*TP*GP*TP*GP*C)-3')
;
3958.571 1 ? ? ? ? 
4 polymer syn 
;DNA (5'-D(P*GP*GP*CP*TP*GP*TP*G)-3')
;
2169.433 1 ? ? ? ? 
# 
loop_
_entity_poly.entity_id 
_entity_poly.type 
_entity_poly.nstd_linkage 
_entity_poly.nstd_monomer 
_entity_poly.pdbx_seq_one_letter_code 
_entity_poly.pdbx_seq_one_letter_code_can 
_entity_poly.pdbx_strand_id 
_entity_poly.pdbx_target_identifier 
1 polydeoxyribonucleotide no no '(DA)(DC)(DG)(DG)(DA)(DC)(DA)(DG)(DC)(DA)(DG)(DT)(DC)(DA)' ACGGACAGCAGTCA A ? 
2 polydeoxyribonucleotide no no '(DC)(DA)(DC)(DA)(DC)(DC)(DG)(DT)'                         CACACCGT       B ? 
3 polydeoxyribonucleotide no no '(DC)(DT)(DG)(DA)(DC)(DT)(DG)(DC)(DT)(DG)(DT)(DG)(DC)'     CTGACTGCTGTGC  D ? 
4 polydeoxyribonucleotide no no '(DG)(DG)(DC)(DT)(DG)(DT)(DG)'                             GGCTGTG        X ? 
# 
loop_
_entity_poly_seq.entity_id 
_entity_poly_seq.num 
_entity_poly_seq.mon_id 
_entity_poly_seq.hetero 
1 1  DA n 
1 2  DC n 
1 3  DG n 
1 4  DG n 
1 5  DA n 
1 6  DC n 
1 7  DA n 
1 8  DG n 
1 9  DC n 
1 10 DA n 
1 11 DG n 
1 12 DT n 
1 13 DC n 
1 14 DA n 
2 1  DC n 
2 2  DA n 
2 3  DC n 
2 4  DA n 
2 5  DC n 
2 6  DC n 
2 7  DG n 
2 8  DT n 
3 1  DC n 
3 2  DT n 
3 3  DG n 
3 4  DA n 
3 5  DC n 
3 6  DT n 
3 7  DG n 
3 8  DC n 
3 9  DT n 
3 10 DG n 
3 11 DT n 
3 12 DG n 
3 13 DC n 
4 1  DG n 
4 2  DG n 
4 3  DC n 
4 4  DT n 
4 5  DG n 
4 6  DT n 
4 7  DG n 
# 
loop_
_pdbx_entity_src_syn.entity_id 
_pdbx_entity_src_syn.pdbx_src_id 
_pdbx_entity_src_syn.pdbx_alt_source_flag 
_pdbx_entity_src_syn.pdbx_beg_seq_num 
_pdbx_entity_src_syn.pdbx_end_seq_num 
_pdbx_entity_src_syn.organism_scientific 
_pdbx_entity_src_syn.organism_common_name 
_pdbx_entity_src_syn.ncbi_taxonomy_id 
_pdbx_entity_src_syn.details 
1 1 sample 1 14 'synthetic construct' ? 32630 ? 
2 1 sample 1 8  'synthetic construct' ? 32630 ? 
3 1 sample 1 13 'synthetic construct' ? 32630 ? 
4 1 sample 1 7  'synthetic construct' ? 32630 ? 
# 
loop_
_chem_comp.id 
_chem_comp.type 
_chem_comp.mon_nstd_flag 
_chem_comp.name 
_chem_comp.pdbx_synonyms 
_chem_comp.formula 
_chem_comp.formula_weight 
DA 'DNA linking' y "2'-DEOXYADENOSINE-5'-MONOPHOSPHATE" ? 'C10 H14 N5 O6 P' 331.222 
DC 'DNA linking' y "2'-DEOXYCYTIDINE-5'-MONOPHOSPHATE"  ? 'C9 H14 N3 O7 P'  307.197 
DG 'DNA linking' y "2'-DEOXYGUANOSINE-5'-MONOPHOSPHATE" ? 'C10 H14 N5 O7 P' 347.221 
DT 'DNA linking' y "THYMIDINE-5'-MONOPHOSPHATE"         ? 'C10 H15 N2 O8 P' 322.208 
# 
loop_
_pdbx_poly_seq_scheme.asym_id 
_pdbx_poly_seq_scheme.entity_id 
_pdbx_poly_seq_scheme.seq_id 
_pdbx_poly_seq_scheme.mon_id 
_pdbx_poly_seq_scheme.ndb_seq_num 
_pdbx_poly_seq_scheme.pdb_seq_num 
_pdbx_poly_seq_scheme.auth_seq_num 
_pdbx_poly_seq_scheme.pdb_mon_id 
_pdbx_poly_seq_scheme.auth_mon_id 
_pdbx_poly_seq_scheme.pdb_strand_id 
_pdbx_poly_seq_scheme.pdb_ins_code 
_pdbx_poly_seq_scheme.hetero 
A 1 1  DA 1  112 112 DA DA A . n 
A 1 2  DC 2  113 113 DC DC A . n 
A 1 3  DG 3  114 114 DG DG A . n 
A 1 4  DG 4  115 115 DG DG A . n 
A 1 5  DA 5  116 116 DA DA A . n 
A 1 6  DC 6  117 117 DC DC A . n 
A 1 7  DA 7  118 118 DA DA A . n 
A 1 8  DG 8  119 119 DG DG A . n 
A 1 9  DC 9  120 120 DC DC A . n 
A 1 10 DA 10 121 121 DA DA A . n 
A 1 11 DG 11 122 122 DG DG A . n 
A 1 12 DT 12 123 123 DT DT A . n 
A 1 13 DC 13 124 124 DC DC A . n 
A 1 14 DA 14 125 125 DA DA A . n 
B 2 1  DC 1  131 131 DC DC B . n 
B 2 2  DA 2  132 132 DA DA B . n 
B 2 3  DC 3  133 133 DC DC B . n 
B 2 4  DA 4  134 134 DA DA B . n 
B 2 5  DC 5  135 135 DC DC B . n 
B 2 6  DC 6  136 136 DC DC B . n 
B 2 7  DG 7  137 137 DG DG B . n 
B 2 8  DT 8  138 138 DT DT B . n 
C 3 1  DC 1  198 198 DC DC D . n 
C 3 2  DT 2  199 199 DT DT D . n 
C 3 3  DG 3  200 200 DG DG D . n 
C 3 4  DA 4  201 201 DA DA D . n 
C 3 5  DC 5  202 202 DC DC D . n 
C 3 6  DT 6  203 203 DT DT D . n 
C 3 7  DG 7  204 204 DG DG D . n 
C 3 8  DC 8  205 205 DC DC D . n 
C 3 9  DT 9  206 206 DT DT D . n 
C 3 10 DG 10 207 207 DG DG D . n 
C 3 11 DT 11 208 208 DT DT D . n 
C 3 12 DG 12 209 209 DG DG D . n 
C 3 13 DC 13 210 210 DC DC D . n 
D 4 1  DG 1  105 105 DG DG X . n 
D 4 2  DG 2  106 106 DG DG X . n 
D 4 3  DC 3  107 107 DC DC X . n 
D 4 4  DT 4  108 108 DT DT X . n 
D 4 5  DG 5  109 109 DG DG X . n 
D 4 6  DT 6  110 110 DT DT X . n 
D 4 7  DG 7  111 111 DG DG X . n 
# 
loop_
_software.citation_id 
_software.classification 
_software.compiler_name 
_software.compiler_version 
_software.contact_author 
_software.contact_author_email 
_software.date 
_software.description 
_software.dependencies 
_software.hardware 
_software.language 
_software.location 
_software.mods 
_software.name 
_software.os 
_software.os_version 
_software.type 
_software.version 
_software.pdbx_ordinal 
? refinement       ? ? ? ? ? ? ? ? ? ? ? PHENIX    ? ? ? 1.20.1_4487 1 
? 'data reduction' ? ? ? ? ? ? ? ? ? ? ? autoPROC  ? ? ? .           2 
? 'data scaling'   ? ? ? ? ? ? ? ? ? ? ? STARANISO ? ? ? .           3 
? phasing          ? ? ? ? ? ? ? ? ? ? ? PHASER    ? ? ? .           4 
# 
_cell.angle_alpha                  90.000 
_cell.angle_alpha_esd              ? 
_cell.angle_beta                   90.000 
_cell.angle_beta_esd               ? 
_cell.angle_gamma                  120.000 
_cell.angle_gamma_esd              ? 
_cell.entry_id                     9NDK 
_cell.details                      ? 
_cell.formula_units_Z              ? 
_cell.length_a                     132.022 
_cell.length_a_esd                 ? 
_cell.length_b                     132.022 
_cell.length_b_esd                 ? 
_cell.length_c                     49.171 
_cell.length_c_esd                 ? 
_cell.volume                       742219.376 
_cell.volume_esd                   ? 
_cell.Z_PDB                        6 
_cell.reciprocal_angle_alpha       ? 
_cell.reciprocal_angle_beta        ? 
_cell.reciprocal_angle_gamma       ? 
_cell.reciprocal_angle_alpha_esd   ? 
_cell.reciprocal_angle_beta_esd    ? 
_cell.reciprocal_angle_gamma_esd   ? 
_cell.reciprocal_length_a          ? 
_cell.reciprocal_length_b          ? 
_cell.reciprocal_length_c          ? 
_cell.reciprocal_length_a_esd      ? 
_cell.reciprocal_length_b_esd      ? 
_cell.reciprocal_length_c_esd      ? 
_cell.pdbx_unique_axis             ? 
_cell.pdbx_esd_method              ? 
# 
_symmetry.entry_id                         9NDK 
_symmetry.cell_setting                     ? 
_symmetry.Int_Tables_number                173 
_symmetry.space_group_name_Hall            'P 6c' 
_symmetry.space_group_name_H-M             'P 63' 
_symmetry.pdbx_full_space_group_name_H-M   ? 
# 
_exptl.absorpt_coefficient_mu     ? 
_exptl.absorpt_correction_T_max   ? 
_exptl.absorpt_correction_T_min   ? 
_exptl.absorpt_correction_type    ? 
_exptl.absorpt_process_details    ? 
_exptl.entry_id                   9NDK 
_exptl.crystals_number            1 
_exptl.details                    ? 
_exptl.method                     'X-RAY DIFFRACTION' 
_exptl.method_details             ? 
# 
_exptl_crystal.colour                       ? 
_exptl_crystal.density_diffrn               ? 
_exptl_crystal.density_Matthews             ? 
_exptl_crystal.density_method               ? 
_exptl_crystal.density_percent_sol          ? 
_exptl_crystal.description                  ? 
_exptl_crystal.F_000                        ? 
_exptl_crystal.id                           1 
_exptl_crystal.preparation                  ? 
_exptl_crystal.size_max                     ? 
_exptl_crystal.size_mid                     ? 
_exptl_crystal.size_min                     ? 
_exptl_crystal.size_rad                     ? 
_exptl_crystal.colour_lustre                ? 
_exptl_crystal.colour_modifier              ? 
_exptl_crystal.colour_primary               ? 
_exptl_crystal.density_meas                 ? 
_exptl_crystal.density_meas_esd             ? 
_exptl_crystal.density_meas_gt              ? 
_exptl_crystal.density_meas_lt              ? 
_exptl_crystal.density_meas_temp            ? 
_exptl_crystal.density_meas_temp_esd        ? 
_exptl_crystal.density_meas_temp_gt         ? 
_exptl_crystal.density_meas_temp_lt         ? 
_exptl_crystal.pdbx_crystal_image_url       ? 
_exptl_crystal.pdbx_crystal_image_format    ? 
_exptl_crystal.pdbx_mosaicity               ? 
_exptl_crystal.pdbx_mosaicity_esd           ? 
_exptl_crystal.pdbx_mosaic_method           ? 
_exptl_crystal.pdbx_mosaic_block_size       ? 
_exptl_crystal.pdbx_mosaic_block_size_esd   ? 
# 
_exptl_crystal_grow.apparatus       ? 
_exptl_crystal_grow.atmosphere      ? 
_exptl_crystal_grow.crystal_id      1 
_exptl_crystal_grow.details         ? 
_exptl_crystal_grow.method          'VAPOR DIFFUSION, HANGING DROP' 
_exptl_crystal_grow.method_ref      ? 
_exptl_crystal_grow.pH              ? 
_exptl_crystal_grow.pressure        ? 
_exptl_crystal_grow.pressure_esd    ? 
_exptl_crystal_grow.seeding         ? 
_exptl_crystal_grow.seeding_ref     ? 
_exptl_crystal_grow.temp_details    '338-293 at 0.4/hr' 
_exptl_crystal_grow.temp_esd        ? 
_exptl_crystal_grow.time            ? 
_exptl_crystal_grow.pdbx_details    '100 mM MOPS, 1.25 M magnesium sulfate' 
_exptl_crystal_grow.pdbx_pH_range   ? 
_exptl_crystal_grow.temp            293 
# 
_diffrn.ambient_environment              ? 
_diffrn.ambient_temp                     100 
_diffrn.ambient_temp_details             ? 
_diffrn.ambient_temp_esd                 ? 
_diffrn.crystal_id                       1 
_diffrn.crystal_support                  ? 
_diffrn.crystal_treatment                ? 
_diffrn.details                          ? 
_diffrn.id                               1 
_diffrn.ambient_pressure                 ? 
_diffrn.ambient_pressure_esd             ? 
_diffrn.ambient_pressure_gt              ? 
_diffrn.ambient_pressure_lt              ? 
_diffrn.ambient_temp_gt                  ? 
_diffrn.ambient_temp_lt                  ? 
_diffrn.pdbx_serial_crystal_experiment   N 
# 
_diffrn_detector.details                      ? 
_diffrn_detector.detector                     PIXEL 
_diffrn_detector.diffrn_id                    1 
_diffrn_detector.type                         'DECTRIS EIGER X 9M' 
_diffrn_detector.area_resol_mean              ? 
_diffrn_detector.dtime                        ? 
_diffrn_detector.pdbx_frames_total            ? 
_diffrn_detector.pdbx_collection_time_total   ? 
_diffrn_detector.pdbx_collection_date         2023-03-19 
_diffrn_detector.pdbx_frequency               ? 
_diffrn_detector.id                           ? 
_diffrn_detector.number_of_axes               ? 
# 
_diffrn_radiation.collimation                      ? 
_diffrn_radiation.diffrn_id                        1 
_diffrn_radiation.filter_edge                      ? 
_diffrn_radiation.inhomogeneity                    ? 
_diffrn_radiation.monochromator                    ? 
_diffrn_radiation.polarisn_norm                    ? 
_diffrn_radiation.polarisn_ratio                   ? 
_diffrn_radiation.probe                            ? 
_diffrn_radiation.type                             ? 
_diffrn_radiation.xray_symbol                      ? 
_diffrn_radiation.wavelength_id                    1 
_diffrn_radiation.pdbx_monochromatic_or_laue_m_l   M 
_diffrn_radiation.pdbx_wavelength_list             ? 
_diffrn_radiation.pdbx_wavelength                  ? 
_diffrn_radiation.pdbx_diffrn_protocol             'SINGLE WAVELENGTH' 
_diffrn_radiation.pdbx_analyzer                    ? 
_diffrn_radiation.pdbx_scattering_type             x-ray 
# 
_diffrn_radiation_wavelength.id           1 
_diffrn_radiation_wavelength.wavelength   0.991870 
_diffrn_radiation_wavelength.wt           1.0 
# 
_diffrn_source.current                     ? 
_diffrn_source.details                     ? 
_diffrn_source.diffrn_id                   1 
_diffrn_source.power                       ? 
_diffrn_source.size                        ? 
_diffrn_source.source                      SYNCHROTRON 
_diffrn_source.target                      ? 
_diffrn_source.type                        'APS BEAMLINE 17-ID' 
_diffrn_source.voltage                     ? 
_diffrn_source.take-off_angle              ? 
_diffrn_source.pdbx_wavelength_list        0.991870 
_diffrn_source.pdbx_wavelength             ? 
_diffrn_source.pdbx_synchrotron_beamline   17-ID 
_diffrn_source.pdbx_synchrotron_site       APS 
# 
_reflns.B_iso_Wilson_estimate                          403.56 
_reflns.entry_id                                       9NDK 
_reflns.data_reduction_details                         ? 
_reflns.data_reduction_method                          ? 
_reflns.d_resolution_high                              5.49 
_reflns.d_resolution_low                               66.011 
_reflns.details                                        ? 
_reflns.limit_h_max                                    ? 
_reflns.limit_h_min                                    ? 
_reflns.limit_k_max                                    ? 
_reflns.limit_k_min                                    ? 
_reflns.limit_l_max                                    ? 
_reflns.limit_l_min                                    ? 
_reflns.number_all                                     ? 
_reflns.number_obs                                     1346 
_reflns.observed_criterion                             ? 
_reflns.observed_criterion_F_max                       ? 
_reflns.observed_criterion_F_min                       ? 
_reflns.observed_criterion_I_max                       ? 
_reflns.observed_criterion_I_min                       ? 
_reflns.observed_criterion_sigma_F                     ? 
_reflns.observed_criterion_sigma_I                     ? 
_reflns.percent_possible_obs                           87.8 
_reflns.R_free_details                                 ? 
_reflns.Rmerge_F_all                                   ? 
_reflns.Rmerge_F_obs                                   ? 
_reflns.Friedel_coverage                               ? 
_reflns.number_gt                                      ? 
_reflns.threshold_expression                           ? 
_reflns.pdbx_redundancy                                19.2 
_reflns.pdbx_netI_over_av_sigmaI                       ? 
_reflns.pdbx_netI_over_sigmaI                          17.7 
_reflns.pdbx_res_netI_over_av_sigmaI_2                 ? 
_reflns.pdbx_res_netI_over_sigmaI_2                    ? 
_reflns.pdbx_chi_squared                               ? 
_reflns.pdbx_scaling_rejects                           ? 
_reflns.pdbx_d_res_high_opt                            ? 
_reflns.pdbx_d_res_low_opt                             ? 
_reflns.pdbx_d_res_opt_method                          ? 
_reflns.phase_calculation_details                      ? 
_reflns.pdbx_Rrim_I_all                                ? 
_reflns.pdbx_Rpim_I_all                                ? 
_reflns.pdbx_d_opt                                     ? 
_reflns.pdbx_number_measured_all                       ? 
_reflns.pdbx_diffrn_id                                 1 
_reflns.pdbx_ordinal                                   1 
_reflns.pdbx_CC_half                                   1.000 
_reflns.pdbx_CC_star                                   ? 
_reflns.pdbx_R_split                                   ? 
_reflns.pdbx_Rmerge_I_obs                              ? 
_reflns.pdbx_Rmerge_I_all                              ? 
_reflns.pdbx_Rsym_value                                ? 
_reflns.pdbx_CC_split_method                           ? 
_reflns.pdbx_aniso_diffraction_limit_axis_1_ortho[1]   ? 
_reflns.pdbx_aniso_diffraction_limit_axis_1_ortho[2]   ? 
_reflns.pdbx_aniso_diffraction_limit_axis_1_ortho[3]   ? 
_reflns.pdbx_aniso_diffraction_limit_axis_2_ortho[1]   ? 
_reflns.pdbx_aniso_diffraction_limit_axis_2_ortho[2]   ? 
_reflns.pdbx_aniso_diffraction_limit_axis_2_ortho[3]   ? 
_reflns.pdbx_aniso_diffraction_limit_axis_3_ortho[1]   ? 
_reflns.pdbx_aniso_diffraction_limit_axis_3_ortho[2]   ? 
_reflns.pdbx_aniso_diffraction_limit_axis_3_ortho[3]   ? 
_reflns.pdbx_aniso_diffraction_limit_1                 ? 
_reflns.pdbx_aniso_diffraction_limit_2                 ? 
_reflns.pdbx_aniso_diffraction_limit_3                 ? 
_reflns.pdbx_aniso_B_tensor_eigenvector_1_ortho[1]     ? 
_reflns.pdbx_aniso_B_tensor_eigenvector_1_ortho[2]     ? 
_reflns.pdbx_aniso_B_tensor_eigenvector_1_ortho[3]     ? 
_reflns.pdbx_aniso_B_tensor_eigenvector_2_ortho[1]     ? 
_reflns.pdbx_aniso_B_tensor_eigenvector_2_ortho[2]     ? 
_reflns.pdbx_aniso_B_tensor_eigenvector_2_ortho[3]     ? 
_reflns.pdbx_aniso_B_tensor_eigenvector_3_ortho[1]     ? 
_reflns.pdbx_aniso_B_tensor_eigenvector_3_ortho[2]     ? 
_reflns.pdbx_aniso_B_tensor_eigenvector_3_ortho[3]     ? 
_reflns.pdbx_aniso_B_tensor_eigenvalue_1               ? 
_reflns.pdbx_aniso_B_tensor_eigenvalue_2               ? 
_reflns.pdbx_aniso_B_tensor_eigenvalue_3               ? 
_reflns.pdbx_orthogonalization_convention              ? 
_reflns.pdbx_percent_possible_ellipsoidal              ? 
_reflns.pdbx_percent_possible_spherical                ? 
_reflns.pdbx_percent_possible_ellipsoidal_anomalous    ? 
_reflns.pdbx_percent_possible_spherical_anomalous      ? 
_reflns.pdbx_redundancy_anomalous                      ? 
_reflns.pdbx_CC_half_anomalous                         ? 
_reflns.pdbx_absDiff_over_sigma_anomalous              ? 
_reflns.pdbx_percent_possible_anomalous                ? 
_reflns.pdbx_observed_signal_threshold                 ? 
_reflns.pdbx_signal_type                               ? 
_reflns.pdbx_signal_details                            ? 
_reflns.pdbx_signal_software_id                        ? 
# 
loop_
_reflns_shell.d_res_high 
_reflns_shell.d_res_low 
_reflns_shell.meanI_over_sigI_all 
_reflns_shell.meanI_over_sigI_obs 
_reflns_shell.number_measured_all 
_reflns_shell.number_measured_obs 
_reflns_shell.number_possible 
_reflns_shell.number_unique_all 
_reflns_shell.number_unique_obs 
_reflns_shell.percent_possible_obs 
_reflns_shell.Rmerge_F_all 
_reflns_shell.Rmerge_F_obs 
_reflns_shell.meanI_over_sigI_gt 
_reflns_shell.meanI_over_uI_all 
_reflns_shell.meanI_over_uI_gt 
_reflns_shell.number_measured_gt 
_reflns_shell.number_unique_gt 
_reflns_shell.percent_possible_gt 
_reflns_shell.Rmerge_F_gt 
_reflns_shell.Rmerge_I_gt 
_reflns_shell.pdbx_redundancy 
_reflns_shell.pdbx_chi_squared 
_reflns_shell.pdbx_netI_over_sigmaI_all 
_reflns_shell.pdbx_netI_over_sigmaI_obs 
_reflns_shell.pdbx_Rrim_I_all 
_reflns_shell.pdbx_Rpim_I_all 
_reflns_shell.pdbx_rejects 
_reflns_shell.pdbx_ordinal 
_reflns_shell.pdbx_diffrn_id 
_reflns_shell.pdbx_CC_half 
_reflns_shell.pdbx_CC_star 
_reflns_shell.pdbx_R_split 
_reflns_shell.percent_possible_all 
_reflns_shell.Rmerge_I_all 
_reflns_shell.Rmerge_I_obs 
_reflns_shell.pdbx_Rsym_value 
_reflns_shell.pdbx_percent_possible_ellipsoidal 
_reflns_shell.pdbx_percent_possible_spherical 
_reflns_shell.pdbx_percent_possible_ellipsoidal_anomalous 
_reflns_shell.pdbx_percent_possible_spherical_anomalous 
_reflns_shell.pdbx_redundancy_anomalous 
_reflns_shell.pdbx_CC_half_anomalous 
_reflns_shell.pdbx_absDiff_over_sigma_anomalous 
_reflns_shell.pdbx_percent_possible_anomalous 
5.495  6.151  ? ? ? ? ? ? 189 ? ? ? ? ? ? ? ? ? ? ? ? ? ? ? ? ? ? 1 1 .593  ? ? ? ? ? ? ? ? ? ? ? ? ? ? 
11.631 66.011 ? ? ? ? ? ? 191 ? ? ? ? ? ? ? ? ? ? ? ? ? ? ? ? ? ? 2 1 1.000 ? ? ? ? ? ? ? ? ? ? ? ? ? ? 
# 
_refine.aniso_B[1][1]                            ? 
_refine.aniso_B[1][2]                            ? 
_refine.aniso_B[1][3]                            ? 
_refine.aniso_B[2][2]                            ? 
_refine.aniso_B[2][3]                            ? 
_refine.aniso_B[3][3]                            ? 
_refine.B_iso_max                                ? 
_refine.B_iso_mean                               501.32 
_refine.B_iso_min                                ? 
_refine.correlation_coeff_Fo_to_Fc               ? 
_refine.correlation_coeff_Fo_to_Fc_free          ? 
_refine.details                                  ? 
_refine.diff_density_max                         ? 
_refine.diff_density_max_esd                     ? 
_refine.diff_density_min                         ? 
_refine.diff_density_min_esd                     ? 
_refine.diff_density_rms                         ? 
_refine.diff_density_rms_esd                     ? 
_refine.entry_id                                 9NDK 
_refine.pdbx_refine_id                           'X-RAY DIFFRACTION' 
_refine.ls_abs_structure_details                 ? 
_refine.ls_abs_structure_Flack                   ? 
_refine.ls_abs_structure_Flack_esd               ? 
_refine.ls_abs_structure_Rogers                  ? 
_refine.ls_abs_structure_Rogers_esd              ? 
_refine.ls_d_res_high                            5.49 
_refine.ls_d_res_low                             33.01 
_refine.ls_extinction_coef                       ? 
_refine.ls_extinction_coef_esd                   ? 
_refine.ls_extinction_expression                 ? 
_refine.ls_extinction_method                     ? 
_refine.ls_goodness_of_fit_all                   ? 
_refine.ls_goodness_of_fit_all_esd               ? 
_refine.ls_goodness_of_fit_obs                   ? 
_refine.ls_goodness_of_fit_obs_esd               ? 
_refine.ls_hydrogen_treatment                    ? 
_refine.ls_matrix_type                           ? 
_refine.ls_number_constraints                    ? 
_refine.ls_number_parameters                     ? 
_refine.ls_number_reflns_all                     ? 
_refine.ls_number_reflns_obs                     1329 
_refine.ls_number_reflns_R_free                  72 
_refine.ls_number_reflns_R_work                  1257 
_refine.ls_number_restraints                     ? 
_refine.ls_percent_reflns_obs                    79.15 
_refine.ls_percent_reflns_R_free                 5.42 
_refine.ls_R_factor_all                          ? 
_refine.ls_R_factor_obs                          0.1371 
_refine.ls_R_factor_R_free                       0.1455 
_refine.ls_R_factor_R_free_error                 ? 
_refine.ls_R_factor_R_free_error_details         ? 
_refine.ls_R_factor_R_work                       0.1349 
_refine.ls_R_Fsqd_factor_obs                     ? 
_refine.ls_R_I_factor_obs                        ? 
_refine.ls_redundancy_reflns_all                 ? 
_refine.ls_redundancy_reflns_obs                 ? 
_refine.ls_restrained_S_all                      ? 
_refine.ls_restrained_S_obs                      ? 
_refine.ls_shift_over_esd_max                    ? 
_refine.ls_shift_over_esd_mean                   ? 
_refine.ls_structure_factor_coef                 ? 
_refine.ls_weighting_details                     ? 
_refine.ls_weighting_scheme                      ? 
_refine.ls_wR_factor_all                         ? 
_refine.ls_wR_factor_obs                         ? 
_refine.ls_wR_factor_R_free                      ? 
_refine.ls_wR_factor_R_work                      ? 
_refine.occupancy_max                            ? 
_refine.occupancy_min                            ? 
_refine.solvent_model_details                    'FLAT BULK SOLVENT MODEL' 
_refine.solvent_model_param_bsol                 ? 
_refine.solvent_model_param_ksol                 ? 
_refine.correlation_coeff_I_to_Fcsqd_work        ? 
_refine.correlation_coeff_I_to_Fcsqd_free        ? 
_refine.pdbx_R_complete                          ? 
_refine.ls_R_factor_gt                           ? 
_refine.ls_goodness_of_fit_gt                    ? 
_refine.ls_goodness_of_fit_ref                   ? 
_refine.ls_shift_over_su_max                     ? 
_refine.ls_shift_over_su_max_lt                  ? 
_refine.ls_shift_over_su_mean                    ? 
_refine.ls_shift_over_su_mean_lt                 ? 
_refine.pdbx_ls_sigma_I                          ? 
_refine.pdbx_ls_sigma_F                          1.34 
_refine.pdbx_ls_sigma_Fsqd                       ? 
_refine.pdbx_data_cutoff_high_absF               ? 
_refine.pdbx_data_cutoff_high_rms_absF           ? 
_refine.pdbx_data_cutoff_low_absF                ? 
_refine.pdbx_isotropic_thermal_model             ? 
_refine.pdbx_ls_cross_valid_method               'FREE R-VALUE' 
_refine.pdbx_method_to_determine_struct          'MOLECULAR REPLACEMENT' 
_refine.pdbx_starting_model                      ? 
_refine.pdbx_stereochemistry_target_values       'GeoStd + Monomer Library + CDL v1.2' 
_refine.pdbx_R_Free_selection_details            ? 
_refine.pdbx_stereochem_target_val_spec_case     ? 
_refine.pdbx_overall_ESU_R                       ? 
_refine.pdbx_overall_ESU_R_Free                  ? 
_refine.pdbx_solvent_vdw_probe_radii             1.1000 
_refine.pdbx_solvent_ion_probe_radii             ? 
_refine.pdbx_solvent_shrinkage_radii             0.9000 
_refine.pdbx_real_space_R                        ? 
_refine.pdbx_density_correlation                 ? 
_refine.pdbx_pd_number_of_powder_patterns        ? 
_refine.pdbx_pd_number_of_points                 ? 
_refine.pdbx_pd_meas_number_of_points            ? 
_refine.pdbx_pd_proc_ls_prof_R_factor            ? 
_refine.pdbx_pd_proc_ls_prof_wR_factor           ? 
_refine.pdbx_pd_Marquardt_correlation_coeff      ? 
_refine.pdbx_pd_Fsqrd_R_factor                   ? 
_refine.pdbx_pd_ls_matrix_band_width             ? 
_refine.pdbx_overall_phase_error                 30.3101 
_refine.pdbx_overall_SU_R_free_Cruickshank_DPI   ? 
_refine.pdbx_overall_SU_R_free_Blow_DPI          ? 
_refine.pdbx_overall_SU_R_Blow_DPI               ? 
_refine.pdbx_TLS_residual_ADP_flag               ? 
_refine.pdbx_diffrn_id                           1 
_refine.overall_SU_B                             ? 
_refine.overall_SU_ML                            0.7252 
_refine.overall_SU_R_Cruickshank_DPI             ? 
_refine.overall_SU_R_free                        ? 
_refine.overall_FOM_free_R_set                   ? 
_refine.overall_FOM_work_R_set                   ? 
_refine.pdbx_average_fsc_overall                 ? 
_refine.pdbx_average_fsc_work                    ? 
_refine.pdbx_average_fsc_free                    ? 
# 
_refine_hist.pdbx_refine_id                   'X-RAY DIFFRACTION' 
_refine_hist.cycle_id                         LAST 
_refine_hist.details                          ? 
_refine_hist.d_res_high                       5.49 
_refine_hist.d_res_low                        33.01 
_refine_hist.number_atoms_solvent             0 
_refine_hist.number_atoms_total               861 
_refine_hist.number_reflns_all                ? 
_refine_hist.number_reflns_obs                ? 
_refine_hist.number_reflns_R_free             ? 
_refine_hist.number_reflns_R_work             ? 
_refine_hist.R_factor_all                     ? 
_refine_hist.R_factor_obs                     ? 
_refine_hist.R_factor_R_free                  ? 
_refine_hist.R_factor_R_work                  ? 
_refine_hist.pdbx_number_residues_total       ? 
_refine_hist.pdbx_B_iso_mean_ligand           ? 
_refine_hist.pdbx_B_iso_mean_solvent          ? 
_refine_hist.pdbx_number_atoms_protein        0 
_refine_hist.pdbx_number_atoms_nucleic_acid   861 
_refine_hist.pdbx_number_atoms_ligand         0 
_refine_hist.pdbx_number_atoms_lipid          ? 
_refine_hist.pdbx_number_atoms_carb           ? 
_refine_hist.pdbx_pseudo_atom_details         ? 
# 
loop_
_refine_ls_restr.pdbx_refine_id 
_refine_ls_restr.criterion 
_refine_ls_restr.dev_ideal 
_refine_ls_restr.dev_ideal_target 
_refine_ls_restr.number 
_refine_ls_restr.rejects 
_refine_ls_restr.type 
_refine_ls_restr.weight 
_refine_ls_restr.pdbx_restraint_function 
'X-RAY DIFFRACTION' ? 0.0066  ? 962  ? f_bond_d           ? ? 
'X-RAY DIFFRACTION' ? 0.8387  ? 1475 ? f_angle_d          ? ? 
'X-RAY DIFFRACTION' ? 0.0435  ? 168  ? f_chiral_restr     ? ? 
'X-RAY DIFFRACTION' ? 0.0055  ? 42   ? f_plane_restr      ? ? 
'X-RAY DIFFRACTION' ? 40.0610 ? 408  ? f_dihedral_angle_d ? ? 
# 
_refine_ls_shell.pdbx_refine_id                      'X-RAY DIFFRACTION' 
_refine_ls_shell.d_res_high                          5.49 
_refine_ls_shell.d_res_low                           33.01 
_refine_ls_shell.number_reflns_all                   ? 
_refine_ls_shell.number_reflns_obs                   ? 
_refine_ls_shell.number_reflns_R_free                72 
_refine_ls_shell.number_reflns_R_work                1257 
_refine_ls_shell.percent_reflns_obs                  79.15 
_refine_ls_shell.percent_reflns_R_free               ? 
_refine_ls_shell.R_factor_all                        ? 
_refine_ls_shell.R_factor_obs                        ? 
_refine_ls_shell.R_factor_R_free_error               ? 
_refine_ls_shell.R_factor_R_work                     0.1349 
_refine_ls_shell.redundancy_reflns_all               ? 
_refine_ls_shell.redundancy_reflns_obs               ? 
_refine_ls_shell.wR_factor_all                       ? 
_refine_ls_shell.wR_factor_obs                       ? 
_refine_ls_shell.wR_factor_R_free                    ? 
_refine_ls_shell.wR_factor_R_work                    ? 
_refine_ls_shell.pdbx_R_complete                     ? 
_refine_ls_shell.correlation_coeff_Fo_to_Fc          ? 
_refine_ls_shell.correlation_coeff_Fo_to_Fc_free     ? 
_refine_ls_shell.correlation_coeff_I_to_Fcsqd_work   ? 
_refine_ls_shell.correlation_coeff_I_to_Fcsqd_free   ? 
_refine_ls_shell.pdbx_total_number_of_bins_used      ? 
_refine_ls_shell.pdbx_phase_error                    ? 
_refine_ls_shell.pdbx_fsc_work                       ? 
_refine_ls_shell.pdbx_fsc_free                       ? 
_refine_ls_shell.R_factor_R_free                     0.1455 
# 
_struct.entry_id                     9NDK 
_struct.title                        
;[2,8,10,P-1] Shifted tensegrity triangle with an (arm,center,arm) distribution of (2,8,10) base pairs, 1 nt sticky ends, and 5' phosphates
;
_struct.pdbx_model_details           ? 
_struct.pdbx_formula_weight          ? 
_struct.pdbx_formula_weight_method   ? 
_struct.pdbx_model_type_details      ? 
_struct.pdbx_CASP_flag               N 
# 
_struct_keywords.entry_id        9NDK 
_struct_keywords.text            'tensegrity triangle, DNA' 
_struct_keywords.pdbx_keywords   DNA 
# 
loop_
_struct_asym.id 
_struct_asym.pdbx_blank_PDB_chainid_flag 
_struct_asym.pdbx_modified 
_struct_asym.entity_id 
_struct_asym.details 
A N N 1 ? 
B N N 2 ? 
C N N 3 ? 
D N N 4 ? 
# 
loop_
_struct_ref.id 
_struct_ref.db_name 
_struct_ref.db_code 
_struct_ref.pdbx_db_accession 
_struct_ref.pdbx_db_isoform 
_struct_ref.entity_id 
_struct_ref.pdbx_seq_one_letter_code 
_struct_ref.pdbx_align_begin 
1 PDB 9NDK 9NDK ? 1 ? 1 
2 PDB 9NDK 9NDK ? 2 ? 1 
3 PDB 9NDK 9NDK ? 3 ? 1 
4 PDB 9NDK 9NDK ? 4 ? 1 
# 
loop_
_struct_ref_seq.align_id 
_struct_ref_seq.ref_id 
_struct_ref_seq.pdbx_PDB_id_code 
_struct_ref_seq.pdbx_strand_id 
_struct_ref_seq.seq_align_beg 
_struct_ref_seq.pdbx_seq_align_beg_ins_code 
_struct_ref_seq.seq_align_end 
_struct_ref_seq.pdbx_seq_align_end_ins_code 
_struct_ref_seq.pdbx_db_accession 
_struct_ref_seq.db_align_beg 
_struct_ref_seq.pdbx_db_align_beg_ins_code 
_struct_ref_seq.db_align_end 
_struct_ref_seq.pdbx_db_align_end_ins_code 
_struct_ref_seq.pdbx_auth_seq_align_beg 
_struct_ref_seq.pdbx_auth_seq_align_end 
1 1 9NDK A 1 ? 14 ? 9NDK 112 ? 125 ? 112 125 
2 2 9NDK B 1 ? 8  ? 9NDK 131 ? 138 ? 131 138 
3 3 9NDK D 1 ? 13 ? 9NDK 198 ? 210 ? 198 210 
4 4 9NDK X 1 ? 7  ? 9NDK 105 ? 111 ? 105 111 
# 
_pdbx_struct_assembly.id                   1 
_pdbx_struct_assembly.details              author_defined_assembly 
_pdbx_struct_assembly.method_details       ? 
_pdbx_struct_assembly.oligomeric_details   dodecameric 
_pdbx_struct_assembly.oligomeric_count     12 
# 
loop_
_pdbx_struct_assembly_gen.assembly_id 
_pdbx_struct_assembly_gen.oper_expression 
_pdbx_struct_assembly_gen.asym_id_list 
1 1 A,B,C,D 
1 2 A,B,C,D 
1 3 A,B,C,D 
# 
_pdbx_struct_assembly_auth_evidence.id                     1 
_pdbx_struct_assembly_auth_evidence.assembly_id            1 
_pdbx_struct_assembly_auth_evidence.experimental_support   'native gel electrophoresis' 
_pdbx_struct_assembly_auth_evidence.details                ? 
# 
loop_
_pdbx_struct_oper_list.id 
_pdbx_struct_oper_list.type 
_pdbx_struct_oper_list.name 
_pdbx_struct_oper_list.symmetry_operation 
_pdbx_struct_oper_list.matrix[1][1] 
_pdbx_struct_oper_list.matrix[1][2] 
_pdbx_struct_oper_list.matrix[1][3] 
_pdbx_struct_oper_list.vector[1] 
_pdbx_struct_oper_list.matrix[2][1] 
_pdbx_struct_oper_list.matrix[2][2] 
_pdbx_struct_oper_list.matrix[2][3] 
_pdbx_struct_oper_list.vector[2] 
_pdbx_struct_oper_list.matrix[3][1] 
_pdbx_struct_oper_list.matrix[3][2] 
_pdbx_struct_oper_list.matrix[3][3] 
_pdbx_struct_oper_list.vector[3] 
1 'identity operation'         1_555 x,y,z       1.0000000000  0.0000000000  0.0000000000 0.0000000000  0.0000000000  1.0000000000  0.0000000000  0.0000000000   0.0000000000 0.0000000000  1.0000000000 0.0000000000   
2 'crystal symmetry operation' 2_565 -y,x-y+1,z  -0.1338483645 0.5954430096  0.7921693239 30.4577978589 -0.8746687336 -0.4467659042 0.1880288098  -16.1755782615 0.4658746847 -0.6677183906 0.5806142687 -21.3195900710 
3 'crystal symmetry operation' 3_455 -x+y-1,-x,z -0.1338483645 -0.8746687336 0.4658746847 -0.1392888223 0.5954430096  -0.4467659042 -0.6677183906 -39.5980620395 0.7921693239 0.1880288098  0.5806142687 -8.7078002107 
# 
loop_
_struct_conn.id 
_struct_conn.conn_type_id 
_struct_conn.pdbx_leaving_atom_flag 
_struct_conn.pdbx_PDB_id 
_struct_conn.ptnr1_label_asym_id 
_struct_conn.ptnr1_label_comp_id 
_struct_conn.ptnr1_label_seq_id 
_struct_conn.ptnr1_label_atom_id 
_struct_conn.pdbx_ptnr1_label_alt_id 
_struct_conn.pdbx_ptnr1_PDB_ins_code 
_struct_conn.pdbx_ptnr1_standard_comp_id 
_struct_conn.ptnr1_symmetry 
_struct_conn.ptnr2_label_asym_id 
_struct_conn.ptnr2_label_comp_id 
_struct_conn.ptnr2_label_seq_id 
_struct_conn.ptnr2_label_atom_id 
_struct_conn.pdbx_ptnr2_label_alt_id 
_struct_conn.pdbx_ptnr2_PDB_ins_code 
_struct_conn.ptnr1_auth_asym_id 
_struct_conn.ptnr1_auth_comp_id 
_struct_conn.ptnr1_auth_seq_id 
_struct_conn.ptnr2_auth_asym_id 
_struct_conn.ptnr2_auth_comp_id 
_struct_conn.ptnr2_auth_seq_id 
_struct_conn.ptnr2_symmetry 
_struct_conn.pdbx_ptnr3_label_atom_id 
_struct_conn.pdbx_ptnr3_label_seq_id 
_struct_conn.pdbx_ptnr3_label_comp_id 
_struct_conn.pdbx_ptnr3_label_asym_id 
_struct_conn.pdbx_ptnr3_label_alt_id 
_struct_conn.pdbx_ptnr3_PDB_ins_code 
_struct_conn.details 
_struct_conn.pdbx_dist_value 
_struct_conn.pdbx_value_order 
_struct_conn.pdbx_role 
hydrog1  hydrog ? ? A DA 1  N1 ? ? ? 1_555 B DT 8  N3 ? ? A DA 112 B DT 138 1_555 ? ? ? ? ? ? WATSON-CRICK    ? ? ? 
hydrog2  hydrog ? ? A DA 1  N6 ? ? ? 1_555 B DT 8  O4 ? ? A DA 112 B DT 138 1_555 ? ? ? ? ? ? WATSON-CRICK    ? ? ? 
hydrog3  hydrog ? ? A DC 2  N3 ? ? ? 1_555 B DG 7  N1 ? ? A DC 113 B DG 137 1_555 ? ? ? ? ? ? WATSON-CRICK    ? ? ? 
hydrog4  hydrog ? ? A DC 2  N4 ? ? ? 1_555 B DG 7  O6 ? ? A DC 113 B DG 137 1_555 ? ? ? ? ? ? WATSON-CRICK    ? ? ? 
hydrog5  hydrog ? ? A DC 2  O2 ? ? ? 1_555 B DG 7  N2 ? ? A DC 113 B DG 137 1_555 ? ? ? ? ? ? WATSON-CRICK    ? ? ? 
hydrog6  hydrog ? ? A DG 3  N1 ? ? ? 1_555 B DC 6  N3 ? ? A DG 114 B DC 136 1_555 ? ? ? ? ? ? WATSON-CRICK    ? ? ? 
hydrog7  hydrog ? ? A DG 3  N2 ? ? ? 1_555 B DC 6  O2 ? ? A DG 114 B DC 136 1_555 ? ? ? ? ? ? WATSON-CRICK    ? ? ? 
hydrog8  hydrog ? ? A DG 3  O6 ? ? ? 1_555 B DC 6  N4 ? ? A DG 114 B DC 136 1_555 ? ? ? ? ? ? WATSON-CRICK    ? ? ? 
hydrog9  hydrog ? ? A DG 4  N1 ? ? ? 1_555 B DC 5  N3 ? ? A DG 115 B DC 135 1_555 ? ? ? ? ? ? WATSON-CRICK    ? ? ? 
hydrog10 hydrog ? ? A DG 4  N2 ? ? ? 1_555 B DC 5  O2 ? ? A DG 115 B DC 135 1_555 ? ? ? ? ? ? WATSON-CRICK    ? ? ? 
hydrog11 hydrog ? ? A DG 4  O6 ? ? ? 1_555 B DC 5  N4 ? ? A DG 115 B DC 135 1_555 ? ? ? ? ? ? WATSON-CRICK    ? ? ? 
hydrog12 hydrog ? ? A DA 5  N6 ? ? ? 1_555 B DC 5  N3 ? ? A DA 116 B DC 135 1_555 ? ? ? ? ? ? 'DA-DC MISPAIR' ? ? ? 
hydrog13 hydrog ? ? A DA 5  N6 ? ? ? 1_555 C DT 11 O4 ? ? A DA 116 D DT 208 1_555 ? ? ? ? ? ? 'DA-DT PAIR'    ? ? ? 
hydrog14 hydrog ? ? A DC 6  N3 ? ? ? 1_555 C DG 10 N1 ? ? A DC 117 D DG 207 1_555 ? ? ? ? ? ? WATSON-CRICK    ? ? ? 
hydrog15 hydrog ? ? A DC 6  N4 ? ? ? 1_555 C DG 10 O6 ? ? A DC 117 D DG 207 1_555 ? ? ? ? ? ? WATSON-CRICK    ? ? ? 
hydrog16 hydrog ? ? A DC 6  O2 ? ? ? 1_555 C DG 10 N2 ? ? A DC 117 D DG 207 1_555 ? ? ? ? ? ? WATSON-CRICK    ? ? ? 
hydrog17 hydrog ? ? A DA 7  N1 ? ? ? 1_555 C DT 9  N3 ? ? A DA 118 D DT 206 1_555 ? ? ? ? ? ? WATSON-CRICK    ? ? ? 
hydrog18 hydrog ? ? A DA 7  N6 ? ? ? 1_555 C DT 9  O4 ? ? A DA 118 D DT 206 1_555 ? ? ? ? ? ? WATSON-CRICK    ? ? ? 
hydrog19 hydrog ? ? A DG 8  N1 ? ? ? 1_555 C DC 8  N3 ? ? A DG 119 D DC 205 1_555 ? ? ? ? ? ? WATSON-CRICK    ? ? ? 
hydrog20 hydrog ? ? A DG 8  N2 ? ? ? 1_555 C DC 8  O2 ? ? A DG 119 D DC 205 1_555 ? ? ? ? ? ? WATSON-CRICK    ? ? ? 
hydrog21 hydrog ? ? A DG 8  O6 ? ? ? 1_555 C DC 8  N4 ? ? A DG 119 D DC 205 1_555 ? ? ? ? ? ? WATSON-CRICK    ? ? ? 
hydrog22 hydrog ? ? A DC 9  N3 ? ? ? 1_555 C DG 7  N1 ? ? A DC 120 D DG 204 1_555 ? ? ? ? ? ? WATSON-CRICK    ? ? ? 
hydrog23 hydrog ? ? A DC 9  N4 ? ? ? 1_555 C DG 7  O6 ? ? A DC 120 D DG 204 1_555 ? ? ? ? ? ? WATSON-CRICK    ? ? ? 
hydrog24 hydrog ? ? A DC 9  O2 ? ? ? 1_555 C DG 7  N2 ? ? A DC 120 D DG 204 1_555 ? ? ? ? ? ? WATSON-CRICK    ? ? ? 
hydrog25 hydrog ? ? A DA 10 N1 ? ? ? 1_555 C DT 6  N3 ? ? A DA 121 D DT 203 1_555 ? ? ? ? ? ? WATSON-CRICK    ? ? ? 
hydrog26 hydrog ? ? A DA 10 N6 ? ? ? 1_555 C DT 6  O4 ? ? A DA 121 D DT 203 1_555 ? ? ? ? ? ? WATSON-CRICK    ? ? ? 
hydrog27 hydrog ? ? A DG 11 N1 ? ? ? 1_555 C DC 5  N3 ? ? A DG 122 D DC 202 1_555 ? ? ? ? ? ? WATSON-CRICK    ? ? ? 
hydrog28 hydrog ? ? A DG 11 N2 ? ? ? 1_555 C DC 5  O2 ? ? A DG 122 D DC 202 1_555 ? ? ? ? ? ? WATSON-CRICK    ? ? ? 
hydrog29 hydrog ? ? A DG 11 O6 ? ? ? 1_555 C DC 5  N4 ? ? A DG 122 D DC 202 1_555 ? ? ? ? ? ? WATSON-CRICK    ? ? ? 
hydrog30 hydrog ? ? A DT 12 N3 ? ? ? 1_555 C DA 4  N1 ? ? A DT 123 D DA 201 1_555 ? ? ? ? ? ? WATSON-CRICK    ? ? ? 
hydrog31 hydrog ? ? A DT 12 O4 ? ? ? 1_555 C DA 4  N6 ? ? A DT 123 D DA 201 1_555 ? ? ? ? ? ? WATSON-CRICK    ? ? ? 
hydrog32 hydrog ? ? A DC 13 N3 ? ? ? 1_555 C DG 3  N1 ? ? A DC 124 D DG 200 1_555 ? ? ? ? ? ? WATSON-CRICK    ? ? ? 
hydrog33 hydrog ? ? A DC 13 N4 ? ? ? 1_555 C DG 3  O6 ? ? A DC 124 D DG 200 1_555 ? ? ? ? ? ? WATSON-CRICK    ? ? ? 
hydrog34 hydrog ? ? A DC 13 O2 ? ? ? 1_555 C DG 3  N2 ? ? A DC 124 D DG 200 1_555 ? ? ? ? ? ? WATSON-CRICK    ? ? ? 
hydrog35 hydrog ? ? A DA 14 N1 ? ? ? 1_555 C DT 2  N3 ? ? A DA 125 D DT 199 1_555 ? ? ? ? ? ? WATSON-CRICK    ? ? ? 
hydrog36 hydrog ? ? A DA 14 N6 ? ? ? 1_555 C DT 2  O4 ? ? A DA 125 D DT 199 1_555 ? ? ? ? ? ? WATSON-CRICK    ? ? ? 
hydrog37 hydrog ? ? B DC 1  N3 ? ? ? 1_555 D DG 7  N1 ? ? B DC 131 X DG 111 1_555 ? ? ? ? ? ? WATSON-CRICK    ? ? ? 
hydrog38 hydrog ? ? B DC 1  N4 ? ? ? 1_555 D DG 7  O6 ? ? B DC 131 X DG 111 1_555 ? ? ? ? ? ? WATSON-CRICK    ? ? ? 
hydrog39 hydrog ? ? B DC 1  O2 ? ? ? 1_555 D DG 7  N2 ? ? B DC 131 X DG 111 1_555 ? ? ? ? ? ? WATSON-CRICK    ? ? ? 
hydrog40 hydrog ? ? B DA 2  N1 ? ? ? 1_555 D DT 6  N3 ? ? B DA 132 X DT 110 1_555 ? ? ? ? ? ? WATSON-CRICK    ? ? ? 
hydrog41 hydrog ? ? B DA 2  N6 ? ? ? 1_555 D DT 6  O4 ? ? B DA 132 X DT 110 1_555 ? ? ? ? ? ? WATSON-CRICK    ? ? ? 
hydrog42 hydrog ? ? B DC 3  N3 ? ? ? 1_555 D DG 5  N1 ? ? B DC 133 X DG 109 1_555 ? ? ? ? ? ? WATSON-CRICK    ? ? ? 
hydrog43 hydrog ? ? B DC 3  N4 ? ? ? 1_555 D DG 5  O6 ? ? B DC 133 X DG 109 1_555 ? ? ? ? ? ? WATSON-CRICK    ? ? ? 
hydrog44 hydrog ? ? B DC 3  O2 ? ? ? 1_555 D DG 5  N2 ? ? B DC 133 X DG 109 1_555 ? ? ? ? ? ? WATSON-CRICK    ? ? ? 
hydrog45 hydrog ? ? B DA 4  N1 ? ? ? 1_555 D DT 4  N3 ? ? B DA 134 X DT 108 1_555 ? ? ? ? ? ? WATSON-CRICK    ? ? ? 
hydrog46 hydrog ? ? B DA 4  N6 ? ? ? 1_555 D DT 4  O4 ? ? B DA 134 X DT 108 1_555 ? ? ? ? ? ? WATSON-CRICK    ? ? ? 
hydrog47 hydrog ? ? C DG 12 N1 ? ? ? 1_555 D DC 3  N3 ? ? D DG 209 X DC 107 1_555 ? ? ? ? ? ? WATSON-CRICK    ? ? ? 
hydrog48 hydrog ? ? C DG 12 N2 ? ? ? 1_555 D DC 3  O2 ? ? D DG 209 X DC 107 1_555 ? ? ? ? ? ? WATSON-CRICK    ? ? ? 
hydrog49 hydrog ? ? C DG 12 O6 ? ? ? 1_555 D DC 3  N4 ? ? D DG 209 X DC 107 1_555 ? ? ? ? ? ? WATSON-CRICK    ? ? ? 
hydrog50 hydrog ? ? C DC 13 N3 ? ? ? 1_555 D DG 2  N1 ? ? D DC 210 X DG 106 1_555 ? ? ? ? ? ? WATSON-CRICK    ? ? ? 
hydrog51 hydrog ? ? C DC 13 N4 ? ? ? 1_555 D DG 2  O6 ? ? D DC 210 X DG 106 1_555 ? ? ? ? ? ? WATSON-CRICK    ? ? ? 
hydrog52 hydrog ? ? C DC 13 O2 ? ? ? 1_555 D DG 2  N2 ? ? D DC 210 X DG 106 1_555 ? ? ? ? ? ? WATSON-CRICK    ? ? ? 
# 
_struct_conn_type.id          hydrog 
_struct_conn_type.criteria    ? 
_struct_conn_type.reference   ? 
# 
_pdbx_entry_details.entry_id                   9NDK 
_pdbx_entry_details.compound_details           ? 
_pdbx_entry_details.source_details             ? 
_pdbx_entry_details.nonpolymer_details         ? 
_pdbx_entry_details.sequence_details           ? 
_pdbx_entry_details.has_ligand_of_interest     ? 
_pdbx_entry_details.has_protein_modification   N 
# 
loop_
_pdbx_validate_rmsd_angle.id 
_pdbx_validate_rmsd_angle.PDB_model_num 
_pdbx_validate_rmsd_angle.auth_atom_id_1 
_pdbx_validate_rmsd_angle.auth_asym_id_1 
_pdbx_validate_rmsd_angle.auth_comp_id_1 
_pdbx_validate_rmsd_angle.auth_seq_id_1 
_pdbx_validate_rmsd_angle.PDB_ins_code_1 
_pdbx_validate_rmsd_angle.label_alt_id_1 
_pdbx_validate_rmsd_angle.auth_atom_id_2 
_pdbx_validate_rmsd_angle.auth_asym_id_2 
_pdbx_validate_rmsd_angle.auth_comp_id_2 
_pdbx_validate_rmsd_angle.auth_seq_id_2 
_pdbx_validate_rmsd_angle.PDB_ins_code_2 
_pdbx_validate_rmsd_angle.label_alt_id_2 
_pdbx_validate_rmsd_angle.auth_atom_id_3 
_pdbx_validate_rmsd_angle.auth_asym_id_3 
_pdbx_validate_rmsd_angle.auth_comp_id_3 
_pdbx_validate_rmsd_angle.auth_seq_id_3 
_pdbx_validate_rmsd_angle.PDB_ins_code_3 
_pdbx_validate_rmsd_angle.label_alt_id_3 
_pdbx_validate_rmsd_angle.angle_value 
_pdbx_validate_rmsd_angle.angle_target_value 
_pdbx_validate_rmsd_angle.angle_deviation 
_pdbx_validate_rmsd_angle.angle_standard_deviation 
_pdbx_validate_rmsd_angle.linker_flag 
1 1 "O4'" A DC 124 ? ? "C1'" A DC 124 ? ? N1 A DC 124 ? ? 110.50 108.30 2.20 0.30 N 
2 1 "O4'" B DC 133 ? ? "C1'" B DC 133 ? ? N1 B DC 133 ? ? 110.50 108.30 2.20 0.30 N 
# 
loop_
_space_group_symop.id 
_space_group_symop.operation_xyz 
1 x,y,z        
2 x-y,x,z+1/2  
3 y,-x+y,z+1/2 
4 -y,x-y,z     
5 -x+y,-x,z    
6 -x,-y,z+1/2  
# 
loop_
_pdbx_refine_tls.id 
_pdbx_refine_tls.pdbx_refine_id 
_pdbx_refine_tls.details 
_pdbx_refine_tls.method 
_pdbx_refine_tls.origin_x 
_pdbx_refine_tls.origin_y 
_pdbx_refine_tls.origin_z 
_pdbx_refine_tls.T[1][1] 
_pdbx_refine_tls.T[1][1]_esd 
_pdbx_refine_tls.T[1][2] 
_pdbx_refine_tls.T[1][2]_esd 
_pdbx_refine_tls.T[1][3] 
_pdbx_refine_tls.T[1][3]_esd 
_pdbx_refine_tls.T[2][2] 
_pdbx_refine_tls.T[2][2]_esd 
_pdbx_refine_tls.T[2][3] 
_pdbx_refine_tls.T[2][3]_esd 
_pdbx_refine_tls.T[3][3] 
_pdbx_refine_tls.T[3][3]_esd 
_pdbx_refine_tls.L[1][1] 
_pdbx_refine_tls.L[1][1]_esd 
_pdbx_refine_tls.L[1][2] 
_pdbx_refine_tls.L[1][2]_esd 
_pdbx_refine_tls.L[1][3] 
_pdbx_refine_tls.L[1][3]_esd 
_pdbx_refine_tls.L[2][2] 
_pdbx_refine_tls.L[2][2]_esd 
_pdbx_refine_tls.L[2][3] 
_pdbx_refine_tls.L[2][3]_esd 
_pdbx_refine_tls.L[3][3] 
_pdbx_refine_tls.L[3][3]_esd 
_pdbx_refine_tls.S[1][1] 
_pdbx_refine_tls.S[1][1]_esd 
_pdbx_refine_tls.S[1][2] 
_pdbx_refine_tls.S[1][2]_esd 
_pdbx_refine_tls.S[1][3] 
_pdbx_refine_tls.S[1][3]_esd 
_pdbx_refine_tls.S[2][1] 
_pdbx_refine_tls.S[2][1]_esd 
_pdbx_refine_tls.S[2][2] 
_pdbx_refine_tls.S[2][2]_esd 
_pdbx_refine_tls.S[2][3] 
_pdbx_refine_tls.S[2][3]_esd 
_pdbx_refine_tls.S[3][1] 
_pdbx_refine_tls.S[3][1]_esd 
_pdbx_refine_tls.S[3][2] 
_pdbx_refine_tls.S[3][2]_esd 
_pdbx_refine_tls.S[3][3] 
_pdbx_refine_tls.S[3][3]_esd 
1 'X-RAY DIFFRACTION' ? refined 18.0421514078 -3.3135747346 1.937014058260 5.26463492426 ? -0.705165708714 ? -1.115335080601 ? 7.63924671140 ? -0.17890538022  ? 3.87977304437 ? 2.45488533557 ? 1.15820642074   ? -4.05477060291 ? 2.28286529676  ? -4.98208228290 ? 10.81576279688 ? 5.3009796813  ? -2.90387313157 ? 1.00359274438  ? 7.07987617673  ? -5.01289718544 ? -1.70231793438 ? 0.45751162617  ? -3.33914699949  ? -1.06075316417  ? 
2 'X-RAY DIFFRACTION' ? refined -6.3497732031 1.0002924196  -1.946510441   6.18291196937 ? 0.62943211423   ? -0.616924969894 ? 4.01153230664 ? -0.470063691724 ? 6.01992807441 ? 13.7328070694 ? -3.048488347689 ? 1.35835512902  ? 10.20377360780 ? -4.18467986465 ? 2.47521897811  ? 0.08436897235 ? -1.73586007990 ? 1.5295093374   ? -4.4212541589  ? 2.13103688804  ? 3.4108591361   ? 3.15780801557  ? -1.202597690955 ? -2.234377645176 ? 
3 'X-RAY DIFFRACTION' ? refined 5.1907297674  -9.493032937  -0.03406664928 6.21181008639 ? 0.891273138212  ? 1.492904109827  ? 4.7380431297  ? 1.1680850304    ? 5.14258787060 ? 1.68505311998 ? 2.13926220325   ? -3.6018905016  ? 1.00745971891  ? 0.863655383373 ? 8.45606822594  ? 6.7745158359  ? -0.34938354504 ? -3.58079213611 ? 2.50330647377  ? -6.8715812012  ? 6.8173967942   ? -1.56531301460 ? 7.40447976880   ? 1.55860607036   ? 
4 'X-RAY DIFFRACTION' ? refined -6.1903452235 6.4947586518  1.0112656527   7.24004358364 ? 1.9057954057    ? -0.266721633347 ? 4.85120189469 ? 1.29054016418   ? 5.91333883194 ? 5.37606663795 ? 3.8236807944    ? -0.69119773629 ? 3.29157686551  ? 2.5895353272   ? 7.16623447931  ? 2.88489859488 ? -1.7398487966  ? -7.16422966710 ? -7.20903333503 ? 1.18847641988  ? 4.17467620667  ? -2.16344668158 ? -2.43593443007  ? -2.39665864778  ? 
# 
loop_
_pdbx_refine_tls_group.id 
_pdbx_refine_tls_group.pdbx_refine_id 
_pdbx_refine_tls_group.refine_tls_id 
_pdbx_refine_tls_group.beg_label_asym_id 
_pdbx_refine_tls_group.beg_label_seq_id 
_pdbx_refine_tls_group.beg_auth_asym_id 
_pdbx_refine_tls_group.beg_auth_seq_id 
_pdbx_refine_tls_group.beg_PDB_ins_code 
_pdbx_refine_tls_group.end_label_asym_id 
_pdbx_refine_tls_group.end_label_seq_id 
_pdbx_refine_tls_group.end_auth_asym_id 
_pdbx_refine_tls_group.end_auth_seq_id 
_pdbx_refine_tls_group.end_PDB_ins_code 
_pdbx_refine_tls_group.selection 
_pdbx_refine_tls_group.selection_details 
1 'X-RAY DIFFRACTION' 1 D ? X 105 ? D ? X 111 ? ? 
;chain 'X' and (resid 105 through 111 )
;
2 'X-RAY DIFFRACTION' 2 A ? A 112 ? A ? A 125 ? ? 
;chain 'A' and (resid 112 through 125 )
;
3 'X-RAY DIFFRACTION' 3 B ? B 131 ? B ? B 138 ? ? 
;chain 'B' and (resid 131 through 138 )
;
4 'X-RAY DIFFRACTION' 4 C ? D 198 ? C ? D 210 ? ? 
;chain 'D' and (resid 198 through 210 )
;
# 
loop_
_chem_comp_atom.comp_id 
_chem_comp_atom.atom_id 
_chem_comp_atom.type_symbol 
_chem_comp_atom.pdbx_aromatic_flag 
_chem_comp_atom.pdbx_stereo_config 
_chem_comp_atom.pdbx_ordinal 
DA OP3    O N N 1   
DA P      P N N 2   
DA OP1    O N N 3   
DA OP2    O N N 4   
DA "O5'"  O N N 5   
DA "C5'"  C N N 6   
DA "C4'"  C N R 7   
DA "O4'"  O N N 8   
DA "C3'"  C N S 9   
DA "O3'"  O N N 10  
DA "C2'"  C N N 11  
DA "C1'"  C N R 12  
DA N9     N Y N 13  
DA C8     C Y N 14  
DA N7     N Y N 15  
DA C5     C Y N 16  
DA C6     C Y N 17  
DA N6     N N N 18  
DA N1     N Y N 19  
DA C2     C Y N 20  
DA N3     N Y N 21  
DA C4     C Y N 22  
DA HOP3   H N N 23  
DA HOP2   H N N 24  
DA "H5'"  H N N 25  
DA "H5''" H N N 26  
DA "H4'"  H N N 27  
DA "H3'"  H N N 28  
DA "HO3'" H N N 29  
DA "H2'"  H N N 30  
DA "H2''" H N N 31  
DA "H1'"  H N N 32  
DA H8     H N N 33  
DA H61    H N N 34  
DA H62    H N N 35  
DA H2     H N N 36  
DC OP3    O N N 37  
DC P      P N N 38  
DC OP1    O N N 39  
DC OP2    O N N 40  
DC "O5'"  O N N 41  
DC "C5'"  C N N 42  
DC "C4'"  C N R 43  
DC "O4'"  O N N 44  
DC "C3'"  C N S 45  
DC "O3'"  O N N 46  
DC "C2'"  C N N 47  
DC "C1'"  C N R 48  
DC N1     N N N 49  
DC C2     C N N 50  
DC O2     O N N 51  
DC N3     N N N 52  
DC C4     C N N 53  
DC N4     N N N 54  
DC C5     C N N 55  
DC C6     C N N 56  
DC HOP3   H N N 57  
DC HOP2   H N N 58  
DC "H5'"  H N N 59  
DC "H5''" H N N 60  
DC "H4'"  H N N 61  
DC "H3'"  H N N 62  
DC "HO3'" H N N 63  
DC "H2'"  H N N 64  
DC "H2''" H N N 65  
DC "H1'"  H N N 66  
DC H41    H N N 67  
DC H42    H N N 68  
DC H5     H N N 69  
DC H6     H N N 70  
DG OP3    O N N 71  
DG P      P N N 72  
DG OP1    O N N 73  
DG OP2    O N N 74  
DG "O5'"  O N N 75  
DG "C5'"  C N N 76  
DG "C4'"  C N R 77  
DG "O4'"  O N N 78  
DG "C3'"  C N S 79  
DG "O3'"  O N N 80  
DG "C2'"  C N N 81  
DG "C1'"  C N R 82  
DG N9     N Y N 83  
DG C8     C Y N 84  
DG N7     N Y N 85  
DG C5     C Y N 86  
DG C6     C N N 87  
DG O6     O N N 88  
DG N1     N N N 89  
DG C2     C N N 90  
DG N2     N N N 91  
DG N3     N N N 92  
DG C4     C Y N 93  
DG HOP3   H N N 94  
DG HOP2   H N N 95  
DG "H5'"  H N N 96  
DG "H5''" H N N 97  
DG "H4'"  H N N 98  
DG "H3'"  H N N 99  
DG "HO3'" H N N 100 
DG "H2'"  H N N 101 
DG "H2''" H N N 102 
DG "H1'"  H N N 103 
DG H8     H N N 104 
DG H1     H N N 105 
DG H21    H N N 106 
DG H22    H N N 107 
DT OP3    O N N 108 
DT P      P N N 109 
DT OP1    O N N 110 
DT OP2    O N N 111 
DT "O5'"  O N N 112 
DT "C5'"  C N N 113 
DT "C4'"  C N R 114 
DT "O4'"  O N N 115 
DT "C3'"  C N S 116 
DT "O3'"  O N N 117 
DT "C2'"  C N N 118 
DT "C1'"  C N R 119 
DT N1     N N N 120 
DT C2     C N N 121 
DT O2     O N N 122 
DT N3     N N N 123 
DT C4     C N N 124 
DT O4     O N N 125 
DT C5     C N N 126 
DT C7     C N N 127 
DT C6     C N N 128 
DT HOP3   H N N 129 
DT HOP2   H N N 130 
DT "H5'"  H N N 131 
DT "H5''" H N N 132 
DT "H4'"  H N N 133 
DT "H3'"  H N N 134 
DT "HO3'" H N N 135 
DT "H2'"  H N N 136 
DT "H2''" H N N 137 
DT "H1'"  H N N 138 
DT H3     H N N 139 
DT H71    H N N 140 
DT H72    H N N 141 
DT H73    H N N 142 
DT H6     H N N 143 
# 
loop_
_chem_comp_bond.comp_id 
_chem_comp_bond.atom_id_1 
_chem_comp_bond.atom_id_2 
_chem_comp_bond.value_order 
_chem_comp_bond.pdbx_aromatic_flag 
_chem_comp_bond.pdbx_stereo_config 
_chem_comp_bond.pdbx_ordinal 
DA OP3   P      sing N N 1   
DA OP3   HOP3   sing N N 2   
DA P     OP1    doub N N 3   
DA P     OP2    sing N N 4   
DA P     "O5'"  sing N N 5   
DA OP2   HOP2   sing N N 6   
DA "O5'" "C5'"  sing N N 7   
DA "C5'" "C4'"  sing N N 8   
DA "C5'" "H5'"  sing N N 9   
DA "C5'" "H5''" sing N N 10  
DA "C4'" "O4'"  sing N N 11  
DA "C4'" "C3'"  sing N N 12  
DA "C4'" "H4'"  sing N N 13  
DA "O4'" "C1'"  sing N N 14  
DA "C3'" "O3'"  sing N N 15  
DA "C3'" "C2'"  sing N N 16  
DA "C3'" "H3'"  sing N N 17  
DA "O3'" "HO3'" sing N N 18  
DA "C2'" "C1'"  sing N N 19  
DA "C2'" "H2'"  sing N N 20  
DA "C2'" "H2''" sing N N 21  
DA "C1'" N9     sing N N 22  
DA "C1'" "H1'"  sing N N 23  
DA N9    C8     sing Y N 24  
DA N9    C4     sing Y N 25  
DA C8    N7     doub Y N 26  
DA C8    H8     sing N N 27  
DA N7    C5     sing Y N 28  
DA C5    C6     sing Y N 29  
DA C5    C4     doub Y N 30  
DA C6    N6     sing N N 31  
DA C6    N1     doub Y N 32  
DA N6    H61    sing N N 33  
DA N6    H62    sing N N 34  
DA N1    C2     sing Y N 35  
DA C2    N3     doub Y N 36  
DA C2    H2     sing N N 37  
DA N3    C4     sing Y N 38  
DC OP3   P      sing N N 39  
DC OP3   HOP3   sing N N 40  
DC P     OP1    doub N N 41  
DC P     OP2    sing N N 42  
DC P     "O5'"  sing N N 43  
DC OP2   HOP2   sing N N 44  
DC "O5'" "C5'"  sing N N 45  
DC "C5'" "C4'"  sing N N 46  
DC "C5'" "H5'"  sing N N 47  
DC "C5'" "H5''" sing N N 48  
DC "C4'" "O4'"  sing N N 49  
DC "C4'" "C3'"  sing N N 50  
DC "C4'" "H4'"  sing N N 51  
DC "O4'" "C1'"  sing N N 52  
DC "C3'" "O3'"  sing N N 53  
DC "C3'" "C2'"  sing N N 54  
DC "C3'" "H3'"  sing N N 55  
DC "O3'" "HO3'" sing N N 56  
DC "C2'" "C1'"  sing N N 57  
DC "C2'" "H2'"  sing N N 58  
DC "C2'" "H2''" sing N N 59  
DC "C1'" N1     sing N N 60  
DC "C1'" "H1'"  sing N N 61  
DC N1    C2     sing N N 62  
DC N1    C6     sing N N 63  
DC C2    O2     doub N N 64  
DC C2    N3     sing N N 65  
DC N3    C4     doub N N 66  
DC C4    N4     sing N N 67  
DC C4    C5     sing N N 68  
DC N4    H41    sing N N 69  
DC N4    H42    sing N N 70  
DC C5    C6     doub N N 71  
DC C5    H5     sing N N 72  
DC C6    H6     sing N N 73  
DG OP3   P      sing N N 74  
DG OP3   HOP3   sing N N 75  
DG P     OP1    doub N N 76  
DG P     OP2    sing N N 77  
DG P     "O5'"  sing N N 78  
DG OP2   HOP2   sing N N 79  
DG "O5'" "C5'"  sing N N 80  
DG "C5'" "C4'"  sing N N 81  
DG "C5'" "H5'"  sing N N 82  
DG "C5'" "H5''" sing N N 83  
DG "C4'" "O4'"  sing N N 84  
DG "C4'" "C3'"  sing N N 85  
DG "C4'" "H4'"  sing N N 86  
DG "O4'" "C1'"  sing N N 87  
DG "C3'" "O3'"  sing N N 88  
DG "C3'" "C2'"  sing N N 89  
DG "C3'" "H3'"  sing N N 90  
DG "O3'" "HO3'" sing N N 91  
DG "C2'" "C1'"  sing N N 92  
DG "C2'" "H2'"  sing N N 93  
DG "C2'" "H2''" sing N N 94  
DG "C1'" N9     sing N N 95  
DG "C1'" "H1'"  sing N N 96  
DG N9    C8     sing Y N 97  
DG N9    C4     sing Y N 98  
DG C8    N7     doub Y N 99  
DG C8    H8     sing N N 100 
DG N7    C5     sing Y N 101 
DG C5    C6     sing N N 102 
DG C5    C4     doub Y N 103 
DG C6    O6     doub N N 104 
DG C6    N1     sing N N 105 
DG N1    C2     sing N N 106 
DG N1    H1     sing N N 107 
DG C2    N2     sing N N 108 
DG C2    N3     doub N N 109 
DG N2    H21    sing N N 110 
DG N2    H22    sing N N 111 
DG N3    C4     sing N N 112 
DT OP3   P      sing N N 113 
DT OP3   HOP3   sing N N 114 
DT P     OP1    doub N N 115 
DT P     OP2    sing N N 116 
DT P     "O5'"  sing N N 117 
DT OP2   HOP2   sing N N 118 
DT "O5'" "C5'"  sing N N 119 
DT "C5'" "C4'"  sing N N 120 
DT "C5'" "H5'"  sing N N 121 
DT "C5'" "H5''" sing N N 122 
DT "C4'" "O4'"  sing N N 123 
DT "C4'" "C3'"  sing N N 124 
DT "C4'" "H4'"  sing N N 125 
DT "O4'" "C1'"  sing N N 126 
DT "C3'" "O3'"  sing N N 127 
DT "C3'" "C2'"  sing N N 128 
DT "C3'" "H3'"  sing N N 129 
DT "O3'" "HO3'" sing N N 130 
DT "C2'" "C1'"  sing N N 131 
DT "C2'" "H2'"  sing N N 132 
DT "C2'" "H2''" sing N N 133 
DT "C1'" N1     sing N N 134 
DT "C1'" "H1'"  sing N N 135 
DT N1    C2     sing N N 136 
DT N1    C6     sing N N 137 
DT C2    O2     doub N N 138 
DT C2    N3     sing N N 139 
DT N3    C4     sing N N 140 
DT N3    H3     sing N N 141 
DT C4    O4     doub N N 142 
DT C4    C5     sing N N 143 
DT C5    C7     sing N N 144 
DT C5    C6     doub N N 145 
DT C7    H71    sing N N 146 
DT C7    H72    sing N N 147 
DT C7    H73    sing N N 148 
DT C6    H6     sing N N 149 
# 
loop_
_ndb_struct_conf_na.entry_id 
_ndb_struct_conf_na.feature 
9NDK 'double helix'        
9NDK 'b-form double helix' 
# 
loop_
_ndb_struct_na_base_pair.model_number 
_ndb_struct_na_base_pair.i_label_asym_id 
_ndb_struct_na_base_pair.i_label_comp_id 
_ndb_struct_na_base_pair.i_label_seq_id 
_ndb_struct_na_base_pair.i_symmetry 
_ndb_struct_na_base_pair.j_label_asym_id 
_ndb_struct_na_base_pair.j_label_comp_id 
_ndb_struct_na_base_pair.j_label_seq_id 
_ndb_struct_na_base_pair.j_symmetry 
_ndb_struct_na_base_pair.shear 
_ndb_struct_na_base_pair.stretch 
_ndb_struct_na_base_pair.stagger 
_ndb_struct_na_base_pair.buckle 
_ndb_struct_na_base_pair.propeller 
_ndb_struct_na_base_pair.opening 
_ndb_struct_na_base_pair.pair_number 
_ndb_struct_na_base_pair.pair_name 
_ndb_struct_na_base_pair.i_auth_asym_id 
_ndb_struct_na_base_pair.i_auth_seq_id 
_ndb_struct_na_base_pair.i_PDB_ins_code 
_ndb_struct_na_base_pair.j_auth_asym_id 
_ndb_struct_na_base_pair.j_auth_seq_id 
_ndb_struct_na_base_pair.j_PDB_ins_code 
_ndb_struct_na_base_pair.hbond_type_28 
_ndb_struct_na_base_pair.hbond_type_12 
1 A DA 1  1_555 B DT 8  1_555 0.206  -0.210 -1.054 -9.536  2.155   -6.919  1  A_DA112:DT138_B A 112 ? B 138 ? 20 1 
1 A DC 2  1_555 B DG 7  1_555 0.204  -0.227 -0.491 2.462   1.266   -2.032  2  A_DC113:DG137_B A 113 ? B 137 ? 19 1 
1 A DG 3  1_555 B DC 6  1_555 -0.740 -0.110 -0.126 3.353   -13.162 -12.104 3  A_DG114:DC136_B A 114 ? B 136 ? 19 1 
1 A DG 4  1_555 B DC 5  1_555 0.100  0.054  -0.688 -1.257  -14.094 -10.925 4  A_DG115:DC135_B A 115 ? B 135 ? 19 1 
1 A DA 5  1_555 C DT 11 1_555 0.891  1.540  -0.337 -2.373  -19.732 -42.401 5  A_DA116:DT208_D A 116 ? D 208 ? ?  ? 
1 A DC 6  1_555 C DG 10 1_555 0.079  -0.214 0.814  -0.076  -12.929 -6.124  6  A_DC117:DG207_D A 117 ? D 207 ? 19 1 
1 A DA 7  1_555 C DT 9  1_555 0.279  -0.151 0.543  -10.146 -16.547 -12.569 7  A_DA118:DT206_D A 118 ? D 206 ? 20 1 
1 A DG 8  1_555 C DC 8  1_555 -0.214 -0.305 -1.346 -17.021 -7.099  3.878   8  A_DG119:DC205_D A 119 ? D 205 ? 19 1 
1 A DC 9  1_555 C DG 7  1_555 0.221  -0.275 -0.733 -8.974  4.165   -2.135  9  A_DC120:DG204_D A 120 ? D 204 ? 19 1 
1 A DA 10 1_555 C DT 6  1_555 0.186  -0.245 -1.482 -20.282 -16.682 -0.226  10 A_DA121:DT203_D A 121 ? D 203 ? 20 1 
1 A DG 11 1_555 C DC 5  1_555 -0.093 -0.507 -1.784 -17.297 -2.062  -1.141  11 A_DG122:DC202_D A 122 ? D 202 ? 19 1 
1 A DT 12 1_555 C DA 4  1_555 -0.145 -0.483 -1.371 -4.272  0.827   2.793   12 A_DT123:DA201_D A 123 ? D 201 ? 20 1 
1 A DC 13 1_555 C DG 3  1_555 0.227  -0.523 -1.372 -0.412  -0.919  2.955   13 A_DC124:DG200_D A 124 ? D 200 ? 19 1 
1 A DA 14 1_555 C DT 2  1_555 0.269  0.046  0.469  6.833   -2.668  -13.283 14 A_DA125:DT199_D A 125 ? D 199 ? 20 1 
1 B DC 1  1_555 D DG 7  1_555 0.152  -0.160 0.008  0.435   -3.728  -3.976  15 B_DC131:DG111_X B 131 ? X 111 ? 19 1 
1 B DA 2  1_555 D DT 6  1_555 0.148  0.052  0.399  -1.549  -1.703  -8.751  16 B_DA132:DT110_X B 132 ? X 110 ? 20 1 
1 B DC 3  1_555 D DG 5  1_555 0.224  -0.171 0.652  2.064   1.071   2.353   17 B_DC133:DG109_X B 133 ? X 109 ? 19 1 
1 B DA 4  1_555 D DT 4  1_555 0.335  -0.729 1.809  10.501  6.579   -1.356  18 B_DA134:DT108_X B 134 ? X 108 ? 20 1 
1 C DG 12 1_555 D DC 3  1_555 -0.072 -0.420 -1.361 -5.404  2.792   -4.900  19 D_DG209:DC107_X D 209 ? X 107 ? 19 1 
1 C DC 13 1_555 D DG 2  1_555 0.079  -0.606 -1.450 4.772   4.985   -4.371  20 D_DC210:DG106_X D 210 ? X 106 ? 19 1 
# 
loop_
_ndb_struct_na_base_pair_step.model_number 
_ndb_struct_na_base_pair_step.i_label_asym_id_1 
_ndb_struct_na_base_pair_step.i_label_comp_id_1 
_ndb_struct_na_base_pair_step.i_label_seq_id_1 
_ndb_struct_na_base_pair_step.i_symmetry_1 
_ndb_struct_na_base_pair_step.j_label_asym_id_1 
_ndb_struct_na_base_pair_step.j_label_comp_id_1 
_ndb_struct_na_base_pair_step.j_label_seq_id_1 
_ndb_struct_na_base_pair_step.j_symmetry_1 
_ndb_struct_na_base_pair_step.i_label_asym_id_2 
_ndb_struct_na_base_pair_step.i_label_comp_id_2 
_ndb_struct_na_base_pair_step.i_label_seq_id_2 
_ndb_struct_na_base_pair_step.i_symmetry_2 
_ndb_struct_na_base_pair_step.j_label_asym_id_2 
_ndb_struct_na_base_pair_step.j_label_comp_id_2 
_ndb_struct_na_base_pair_step.j_label_seq_id_2 
_ndb_struct_na_base_pair_step.j_symmetry_2 
_ndb_struct_na_base_pair_step.shift 
_ndb_struct_na_base_pair_step.slide 
_ndb_struct_na_base_pair_step.rise 
_ndb_struct_na_base_pair_step.tilt 
_ndb_struct_na_base_pair_step.roll 
_ndb_struct_na_base_pair_step.twist 
_ndb_struct_na_base_pair_step.x_displacement 
_ndb_struct_na_base_pair_step.y_displacement 
_ndb_struct_na_base_pair_step.helical_rise 
_ndb_struct_na_base_pair_step.inclination 
_ndb_struct_na_base_pair_step.tip 
_ndb_struct_na_base_pair_step.helical_twist 
_ndb_struct_na_base_pair_step.step_number 
_ndb_struct_na_base_pair_step.step_name 
_ndb_struct_na_base_pair_step.i_auth_asym_id_1 
_ndb_struct_na_base_pair_step.i_auth_seq_id_1 
_ndb_struct_na_base_pair_step.i_PDB_ins_code_1 
_ndb_struct_na_base_pair_step.j_auth_asym_id_1 
_ndb_struct_na_base_pair_step.j_auth_seq_id_1 
_ndb_struct_na_base_pair_step.j_PDB_ins_code_1 
_ndb_struct_na_base_pair_step.i_auth_asym_id_2 
_ndb_struct_na_base_pair_step.i_auth_seq_id_2 
_ndb_struct_na_base_pair_step.i_PDB_ins_code_2 
_ndb_struct_na_base_pair_step.j_auth_asym_id_2 
_ndb_struct_na_base_pair_step.j_auth_seq_id_2 
_ndb_struct_na_base_pair_step.j_PDB_ins_code_2 
1 A DA 1  1_555 B DT 8  1_555 A DC 2  1_555 B DG 7  1_555 -0.159 -0.801 2.957 -4.888  6.438  29.634 -2.632 -0.548 2.718 12.301 
9.340   30.693 1  AA_DA112DC113:DG137DT138_BB A 112 ? B 138 ? A 113 ? B 137 ? 
1 A DC 2  1_555 B DG 7  1_555 A DG 3  1_555 B DC 6  1_555 -0.213 1.494  3.233 1.749   3.246  32.601 2.083  0.681  3.346 5.760  
-3.104  32.803 2  AA_DC113DG114:DC136DG137_BB A 113 ? B 137 ? A 114 ? B 136 ? 
1 A DG 3  1_555 B DC 6  1_555 A DG 4  1_555 B DC 5  1_555 0.189  -0.727 3.530 3.440   0.486  32.740 -1.372 0.300  3.520 0.860  
-6.081  32.919 3  AA_DG114DG115:DC135DC136_BB A 114 ? B 136 ? A 115 ? B 135 ? 
1 A DG 4  1_555 B DC 5  1_555 A DA 5  1_555 C DT 11 1_555 -3.397 -1.507 2.886 -14.997 0.539  31.013 -2.644 3.132  4.034 0.942  
26.211  34.373 4  AA_DG115DA116:DT208DC135_DB A 115 ? B 135 ? A 116 ? D 208 ? 
1 A DA 5  1_555 C DT 11 1_555 A DC 6  1_555 C DG 10 1_555 2.144  0.088  3.111 -9.853  3.044  37.240 -0.194 -4.304 2.485 4.657  
15.077  38.593 5  AA_DA116DC117:DG207DT208_DD A 116 ? D 208 ? A 117 ? D 207 ? 
1 A DC 6  1_555 C DG 10 1_555 A DA 7  1_555 C DT 9  1_555 -1.262 -0.297 3.335 -2.453  -1.689 29.528 -0.212 1.929  3.438 -3.304 
4.798   29.675 6  AA_DC117DA118:DT206DG207_DD A 117 ? D 207 ? A 118 ? D 206 ? 
1 A DA 7  1_555 C DT 9  1_555 A DG 8  1_555 C DC 8  1_555 0.044  0.063  4.001 1.838   -0.775 35.186 0.245  0.262  3.996 -1.281 
-3.038  35.241 7  AA_DA118DG119:DC205DT206_DD A 118 ? D 206 ? A 119 ? D 205 ? 
1 A DG 8  1_555 C DC 8  1_555 A DC 9  1_555 C DG 7  1_555 -0.666 -0.537 3.075 -7.128  3.200  29.708 -1.615 -0.082 3.074 6.110  
13.608  30.696 8  AA_DG119DC120:DG204DC205_DD A 119 ? D 205 ? A 120 ? D 204 ? 
1 A DC 9  1_555 C DG 7  1_555 A DA 10 1_555 C DT 6  1_555 -0.439 -0.332 3.569 3.249   25.017 32.308 -3.424 1.012  2.618 38.487 
-4.998  40.783 9  AA_DC120DA121:DT203DG204_DD A 120 ? D 204 ? A 121 ? D 203 ? 
1 A DA 10 1_555 C DT 6  1_555 A DG 11 1_555 C DC 5  1_555 -1.111 1.102  2.967 -2.582  0.146  35.635 1.777  1.469  3.041 0.239  
4.212   35.725 10 AA_DA121DG122:DC202DT203_DD A 121 ? D 203 ? A 122 ? D 202 ? 
1 A DG 11 1_555 C DC 5  1_555 A DT 12 1_555 C DA 4  1_555 -0.130 -0.294 2.913 -4.803  4.583  31.361 -1.265 -0.533 2.831 8.361  
8.763   32.039 11 AA_DG122DT123:DA201DC202_DD A 122 ? D 202 ? A 123 ? D 201 ? 
1 A DT 12 1_555 C DA 4  1_555 A DC 13 1_555 C DG 3  1_555 0.752  -0.296 3.633 -1.063  10.186 30.184 -2.575 -1.584 3.332 18.890 
1.971   31.836 12 AA_DT123DC124:DG200DA201_DD A 123 ? D 201 ? A 124 ? D 200 ? 
1 A DC 13 1_555 C DG 3  1_555 A DA 14 1_555 C DT 2  1_555 -0.319 3.005  3.922 -7.579  11.255 36.412 2.673  -0.767 4.594 17.292 
11.643  38.777 13 AA_DC124DA125:DT199DG200_DD A 124 ? D 200 ? A 125 ? D 199 ? 
1 B DC 1  1_555 D DG 7  1_555 B DA 2  1_555 D DT 6  1_555 0.195  -0.222 3.031 -3.088  1.379  35.302 -0.551 -0.737 2.993 2.268  
5.077   35.459 14 BB_DC131DA132:DT110DG111_XX B 131 ? X 111 ? B 132 ? X 110 ? 
1 B DA 2  1_555 D DT 6  1_555 B DC 3  1_555 D DG 5  1_555 0.899  -0.803 3.381 -4.970  4.769  26.445 -2.875 -3.127 2.977 10.207 
10.635  27.312 15 BB_DA132DC133:DG109DT110_XX B 132 ? X 110 ? B 133 ? X 109 ? 
1 B DC 3  1_555 D DG 5  1_555 B DA 4  1_555 D DT 4  1_555 0.508  0.030  3.691 0.633   7.777  36.662 -1.108 -0.697 3.629 12.195 
-0.992  37.456 16 BB_DC133DA134:DT108DG109_XX B 133 ? X 109 ? B 134 ? X 108 ? 
1 B DA 4  1_555 D DT 4  1_555 C DG 12 1_555 D DC 3  1_555 0.092  -1.198 4.468 17.011  19.677 35.794 -4.026 1.975  3.182 27.936 
-24.151 43.995 17 BD_DA134DG209:DC107DT108_XX B 134 ? X 108 ? D 209 ? X 107 ? 
1 C DG 12 1_555 D DC 3  1_555 C DC 13 1_555 D DG 2  1_555 -0.714 -1.213 3.076 3.708   3.493  31.306 -2.804 1.926  2.827 6.420  
-6.814  31.707 18 DD_DG209DC210:DG106DC107_XX D 209 ? X 107 ? D 210 ? X 106 ? 
# 
loop_
_pdbx_audit_support.funding_organization 
_pdbx_audit_support.country 
_pdbx_audit_support.grant_number 
_pdbx_audit_support.ordinal 
'Office of Naval Research (ONR)'                   'United States' N000141912596 1 
'Department of Energy (DOE, United States)'        'United States' DE-SC0007991  2 
'National Science Foundation (NSF, United States)' 'United States' CCF-2106790   3 
'National Science Foundation (NSF, United States)' 'United States' GCR-2317843   4 
# 
_pdbx_initial_refinement_model.id               1 
_pdbx_initial_refinement_model.entity_id_list   ? 
_pdbx_initial_refinement_model.type             'experimental model' 
_pdbx_initial_refinement_model.source_name      PDB 
_pdbx_initial_refinement_model.accession_code   8D93 
_pdbx_initial_refinement_model.details          'tensegrity triangle' 
# 
_space_group.name_H-M_alt     'P 63' 
_space_group.name_Hall        'P 6c' 
_space_group.IT_number        173 
_space_group.crystal_system   hexagonal 
_space_group.id               1 
# 
_atom_sites.entry_id                    9NDK 
_atom_sites.Cartn_transf_matrix[1][1]   ? 
_atom_sites.Cartn_transf_matrix[1][2]   ? 
_atom_sites.Cartn_transf_matrix[1][3]   ? 
_atom_sites.Cartn_transf_matrix[2][1]   ? 
_atom_sites.Cartn_transf_matrix[2][2]   ? 
_atom_sites.Cartn_transf_matrix[2][3]   ? 
_atom_sites.Cartn_transf_matrix[3][1]   ? 
_atom_sites.Cartn_transf_matrix[3][2]   ? 
_atom_sites.Cartn_transf_matrix[3][3]   ? 
_atom_sites.Cartn_transf_vector[1]      ? 
_atom_sites.Cartn_transf_vector[2]      ? 
_atom_sites.Cartn_transf_vector[3]      ? 
_atom_sites.Cartn_transform_axes        ? 
_atom_sites.fract_transf_matrix[1][1]   -0.00279421 
_atom_sites.fract_transf_matrix[1][2]   0.00759657 
_atom_sites.fract_transf_matrix[1][3]   0.00331258 
_atom_sites.fract_transf_matrix[2][1]   0.00472727 
_atom_sites.fract_transf_matrix[2][2]   0.00726980 
_atom_sites.fract_transf_matrix[2][3]   -0.00113818 
_atom_sites.fract_transf_matrix[3][1]   -0.01004782 
_atom_sites.fract_transf_matrix[3][2]   0.00383121 
_atom_sites.fract_transf_matrix[3][3]   -0.01726142 
_atom_sites.fract_transf_vector[1]      -0.130682 
_atom_sites.fract_transf_vector[2]      0.409311 
_atom_sites.fract_transf_vector[3]      0.211376 
_atom_sites.solution_primary            ? 
_atom_sites.solution_secondary          ? 
_atom_sites.solution_hydrogens          ? 
_atom_sites.special_details             ? 
# 
loop_
_atom_type.symbol 
_atom_type.scat_dispersion_real 
_atom_type.scat_dispersion_imag 
_atom_type.scat_Cromer_Mann_a1 
_atom_type.scat_Cromer_Mann_a2 
_atom_type.scat_Cromer_Mann_a3 
_atom_type.scat_Cromer_Mann_a4 
_atom_type.scat_Cromer_Mann_b1 
_atom_type.scat_Cromer_Mann_b2 
_atom_type.scat_Cromer_Mann_b3 
_atom_type.scat_Cromer_Mann_b4 
_atom_type.scat_Cromer_Mann_c 
_atom_type.scat_source 
_atom_type.scat_dispersion_source 
C ? ? 5.96793  ? ? ? 14.89577 ? ? ? 0.0 
;1-Gaussian fit: Grosse-Kunstleve RW, Sauter NK, Adams PD: Newsletter of the IUCr Commission on Crystallographic Computing 2004, 3, 22-31.
;
? 
N ? ? 6.96715  ? ? ? 11.43723 ? ? ? 0.0 
;1-Gaussian fit: Grosse-Kunstleve RW, Sauter NK, Adams PD: Newsletter of the IUCr Commission on Crystallographic Computing 2004, 3, 22-31.
;
? 
O ? ? 7.96527  ? ? ? 9.05267  ? ? ? 0.0 
;1-Gaussian fit: Grosse-Kunstleve RW, Sauter NK, Adams PD: Newsletter of the IUCr Commission on Crystallographic Computing 2004, 3, 22-31.
;
? 
P ? ? 14.90797 ? ? ? 11.91318 ? ? ? 0.0 
;1-Gaussian fit: Grosse-Kunstleve RW, Sauter NK, Adams PD: Newsletter of the IUCr Commission on Crystallographic Computing 2004, 3, 22-31.
;
? 
# 
loop_
_atom_site.group_PDB 
_atom_site.id 
_atom_site.type_symbol 
_atom_site.label_atom_id 
_atom_site.label_alt_id 
_atom_site.label_comp_id 
_atom_site.label_asym_id 
_atom_site.label_entity_id 
_atom_site.label_seq_id 
_atom_site.pdbx_PDB_ins_code 
_atom_site.Cartn_x 
_atom_site.Cartn_y 
_atom_site.Cartn_z 
_atom_site.occupancy 
_atom_site.B_iso_or_equiv 
_atom_site.pdbx_formal_charge 
_atom_site.auth_seq_id 
_atom_site.auth_comp_id 
_atom_site.auth_asym_id 
_atom_site.auth_atom_id 
_atom_site.pdbx_PDB_model_num 
ATOM 1   P P     . DA A 1 1  ? 9.75532   -17.07497 -5.45476  1.000 456.61767 ? 112 DA A P     1 
ATOM 2   O OP1   . DA A 1 1  ? 10.50011  -17.05068 -6.73437  1.000 462.43225 ? 112 DA A OP1   1 
ATOM 3   O OP2   . DA A 1 1  ? 8.97372   -15.89358 -5.03033  1.000 449.32872 ? 112 DA A OP2   1 
ATOM 4   O "O5'" . DA A 1 1  ? 8.79212   -18.35437 -5.36610  1.000 465.42796 ? 112 DA A "O5'" 1 
ATOM 5   C "C5'" . DA A 1 1  ? 8.07717   -18.80740 -6.50723  1.000 476.13802 ? 112 DA A "C5'" 1 
ATOM 6   C "C4'" . DA A 1 1  ? 6.58954   -18.53544 -6.36831  1.000 477.08567 ? 112 DA A "C4'" 1 
ATOM 7   O "O4'" . DA A 1 1  ? 6.16165   -18.82012 -5.02162  1.000 472.53392 ? 112 DA A "O4'" 1 
ATOM 8   C "C3'" . DA A 1 1  ? 6.16455   -17.08981 -6.63480  1.000 470.89661 ? 112 DA A "C3'" 1 
ATOM 9   O "O3'" . DA A 1 1  ? 5.53024   -16.94660 -7.93898  1.000 479.46020 ? 112 DA A "O3'" 1 
ATOM 10  C "C2'" . DA A 1 1  ? 5.22581   -16.73234 -5.46514  1.000 464.78747 ? 112 DA A "C2'" 1 
ATOM 11  C "C1'" . DA A 1 1  ? 4.99822   -18.07645 -4.77484  1.000 469.81510 ? 112 DA A "C1'" 1 
ATOM 12  N N9    . DA A 1 1  ? 4.79216   -17.96986 -3.32447  1.000 468.40552 ? 112 DA A N9    1 
ATOM 13  C C8    . DA A 1 1  ? 5.71292   -17.58218 -2.39392  1.000 462.04619 ? 112 DA A C8    1 
ATOM 14  N N7    . DA A 1 1  ? 5.26008   -17.57370 -1.16557  1.000 473.80303 ? 112 DA A N7    1 
ATOM 15  C C5    . DA A 1 1  ? 3.94524   -17.97517 -1.28995  1.000 487.72502 ? 112 DA A C5    1 
ATOM 16  C C6    . DA A 1 1  ? 2.92416   -18.15467 -0.34265  1.000 502.97080 ? 112 DA A C6    1 
ATOM 17  N N6    . DA A 1 1  ? 3.10242   -17.95148 0.96644   1.000 510.24633 ? 112 DA A N6    1 
ATOM 18  N N1    . DA A 1 1  ? 1.71983   -18.56968 -0.78499  1.000 509.72511 ? 112 DA A N1    1 
ATOM 19  C C2    . DA A 1 1  ? 1.55282   -18.77557 -2.09833  1.000 502.88857 ? 112 DA A C2    1 
ATOM 20  N N3    . DA A 1 1  ? 2.43928   -18.63543 -3.08943  1.000 490.86504 ? 112 DA A N3    1 
ATOM 21  C C4    . DA A 1 1  ? 3.63088   -18.22880 -2.61171  1.000 483.34453 ? 112 DA A C4    1 
ATOM 22  P P     . DC A 1 2  ? 4.32388   -17.89345 -8.44445  1.000 491.76127 ? 113 DC A P     1 
ATOM 23  O OP1   . DC A 1 2  ? 4.69916   -19.32253 -8.42586  1.000 499.85537 ? 113 DC A OP1   1 
ATOM 24  O OP2   . DC A 1 2  ? 3.91808   -17.32243 -9.74452  1.000 498.01978 ? 113 DC A OP2   1 
ATOM 25  O "O5'" . DC A 1 2  ? 3.13259   -17.62422 -7.40930  1.000 487.15612 ? 113 DC A "O5'" 1 
ATOM 26  C "C5'" . DC A 1 2  ? 1.90348   -18.34782 -7.50931  1.000 496.35480 ? 113 DC A "C5'" 1 
ATOM 27  C "C4'" . DC A 1 2  ? 0.71340   -17.40858 -7.35025  1.000 493.53967 ? 113 DC A "C4'" 1 
ATOM 28  O "O4'" . DC A 1 2  ? 0.44662   -17.18351 -5.93953  1.000 499.31090 ? 113 DC A "O4'" 1 
ATOM 29  C "C3'" . DC A 1 2  ? 0.88782   -16.01923 -7.97751  1.000 488.16996 ? 113 DC A "C3'" 1 
ATOM 30  O "O3'" . DC A 1 2  ? -0.32939  -15.60215 -8.58901  1.000 493.80636 ? 113 DC A "O3'" 1 
ATOM 31  C "C2'" . DC A 1 2  ? 1.24118   -15.13590 -6.78273  1.000 485.62748 ? 113 DC A "C2'" 1 
ATOM 32  C "C1'" . DC A 1 2  ? 0.44011   -15.79416 -5.66736  1.000 496.56094 ? 113 DC A "C1'" 1 
ATOM 33  N N1    . DC A 1 2  ? 1.02209   -15.58222 -4.32277  1.000 498.91432 ? 113 DC A N1    1 
ATOM 34  C C2    . DC A 1 2  ? 0.21118   -15.70720 -3.19073  1.000 511.12272 ? 113 DC A C2    1 
ATOM 35  O O2    . DC A 1 2  ? -0.98605  -15.99059 -3.33431  1.000 518.32692 ? 113 DC A O2    1 
ATOM 36  N N3    . DC A 1 2  ? 0.76792   -15.51670 -1.96929  1.000 514.65689 ? 113 DC A N3    1 
ATOM 37  C C4    . DC A 1 2  ? 2.06522   -15.21508 -1.86656  1.000 504.69207 ? 113 DC A C4    1 
ATOM 38  N N4    . DC A 1 2  ? 2.57668   -15.03290 -0.64887  1.000 507.94536 ? 113 DC A N4    1 
ATOM 39  C C5    . DC A 1 2  ? 2.89761   -15.08243 -3.01007  1.000 490.35039 ? 113 DC A C5    1 
ATOM 40  C C6    . DC A 1 2  ? 2.34124   -15.27366 -4.20389  1.000 488.97652 ? 113 DC A C6    1 
ATOM 41  P P     . DG A 1 3  ? -0.30781  -14.76116 -9.95833  1.000 497.66319 ? 114 DG A P     1 
ATOM 42  O OP1   . DG A 1 3  ? 0.45952   -15.52891 -10.96230 1.000 506.50304 ? 114 DG A OP1   1 
ATOM 43  O OP2   . DG A 1 3  ? 0.10849   -13.38302 -9.61388  1.000 486.14676 ? 114 DG A OP2   1 
ATOM 44  O "O5'" . DG A 1 3  ? -1.84058  -14.73529 -10.41774 1.000 506.39323 ? 114 DG A "O5'" 1 
ATOM 45  C "C5'" . DG A 1 3  ? -2.62937  -13.57650 -10.19484 1.000 501.29076 ? 114 DG A "C5'" 1 
ATOM 46  C "C4'" . DG A 1 3  ? -3.63275  -13.80546 -9.07934  1.000 499.51569 ? 114 DG A "C4'" 1 
ATOM 47  O "O4'" . DG A 1 3  ? -2.92593  -14.01188 -7.82732  1.000 490.16210 ? 114 DG A "O4'" 1 
ATOM 48  C "C3'" . DG A 1 3  ? -4.59369  -12.64182 -8.82684  1.000 495.65580 ? 114 DG A "C3'" 1 
ATOM 49  O "O3'" . DG A 1 3  ? -5.86514  -13.14332 -8.41575  1.000 501.73113 ? 114 DG A "O3'" 1 
ATOM 50  C "C2'" . DG A 1 3  ? -3.90452  -11.89143 -7.69463  1.000 488.71968 ? 114 DG A "C2'" 1 
ATOM 51  C "C1'" . DG A 1 3  ? -3.35402  -13.05370 -6.88348  1.000 491.91150 ? 114 DG A "C1'" 1 
ATOM 52  N N9    . DG A 1 3  ? -2.22086  -12.70942 -6.02840  1.000 492.33461 ? 114 DG A N9    1 
ATOM 53  C C8    . DG A 1 3  ? -0.95733  -12.34179 -6.42870  1.000 486.75781 ? 114 DG A C8    1 
ATOM 54  N N7    . DG A 1 3  ? -0.14635  -12.10815 -5.43368  1.000 488.65953 ? 114 DG A N7    1 
ATOM 55  C C5    . DG A 1 3  ? -0.91820  -12.34192 -4.30143  1.000 497.21638 ? 114 DG A C5    1 
ATOM 56  C C6    . DG A 1 3  ? -0.57779  -12.24925 -2.93017  1.000 504.49228 ? 114 DG A C6    1 
ATOM 57  O O6    . DG A 1 3  ? 0.50975   -11.93034 -2.43011  1.000 504.46845 ? 114 DG A O6    1 
ATOM 58  N N1    . DG A 1 3  ? -1.65480  -12.57118 -2.10577  1.000 512.62082 ? 114 DG A N1    1 
ATOM 59  C C2    . DG A 1 3  ? -2.90292  -12.93677 -2.55358  1.000 512.20943 ? 114 DG A C2    1 
ATOM 60  N N2    . DG A 1 3  ? -3.81747  -13.20988 -1.60933  1.000 519.62752 ? 114 DG A N2    1 
ATOM 61  N N3    . DG A 1 3  ? -3.23413  -13.02801 -3.83691  1.000 505.36921 ? 114 DG A N3    1 
ATOM 62  C C4    . DG A 1 3  ? -2.19545  -12.71702 -4.65155  1.000 498.80433 ? 114 DG A C4    1 
ATOM 63  P P     . DG A 1 4  ? -7.20662  -12.29996 -8.69201  1.000 510.95044 ? 115 DG A P     1 
ATOM 64  O OP1   . DG A 1 4  ? -8.06679  -13.09507 -9.59734  1.000 525.25763 ? 115 DG A OP1   1 
ATOM 65  O OP2   . DG A 1 4  ? -6.80539  -10.92540 -9.06164  1.000 503.96697 ? 115 DG A OP2   1 
ATOM 66  O "O5'" . DG A 1 4  ? -7.92775  -12.22994 -7.26435  1.000 506.11945 ? 115 DG A "O5'" 1 
ATOM 67  C "C5'" . DG A 1 4  ? -7.21036  -12.56216 -6.08736  1.000 498.21715 ? 115 DG A "C5'" 1 
ATOM 68  C "C4'" . DG A 1 4  ? -7.13643  -11.37948 -5.14140  1.000 503.00446 ? 115 DG A "C4'" 1 
ATOM 69  O "O4'" . DG A 1 4  ? -5.79368  -11.27770 -4.63555  1.000 499.73851 ? 115 DG A "O4'" 1 
ATOM 70  C "C3'" . DG A 1 4  ? -7.41425  -10.01117 -5.77717  1.000 504.37996 ? 115 DG A "C3'" 1 
ATOM 71  O "O3'" . DG A 1 4  ? -8.78435  -9.54856  -5.57338  1.000 518.22440 ? 115 DG A "O3'" 1 
ATOM 72  C "C2'" . DG A 1 4  ? -6.39691  -9.06165  -5.12534  1.000 498.39507 ? 115 DG A "C2'" 1 
ATOM 73  C "C1'" . DG A 1 4  ? -5.60613  -9.96749  -4.18602  1.000 501.10357 ? 115 DG A "C1'" 1 
ATOM 74  N N9    . DG A 1 4  ? -4.18462  -9.65026  -4.15145  1.000 495.59815 ? 115 DG A N9    1 
ATOM 75  C C8    . DG A 1 4  ? -3.36594  -9.33947  -5.20977  1.000 485.78791 ? 115 DG A C8    1 
ATOM 76  N N7    . DG A 1 4  ? -2.14152  -9.06515  -4.84777  1.000 481.69011 ? 115 DG A N7    1 
ATOM 77  C C5    . DG A 1 4  ? -2.16312  -9.19269  -3.46301  1.000 490.33807 ? 115 DG A C5    1 
ATOM 78  C C6    . DG A 1 4  ? -1.13710  -9.02111  -2.50516  1.000 491.15995 ? 115 DG A C6    1 
ATOM 79  O O6    . DG A 1 4  ? 0.04600   -8.71005  -2.69914  1.000 482.38156 ? 115 DG A O6    1 
ATOM 80  N N1    . DG A 1 4  ? -1.59971  -9.25175  -1.20449  1.000 508.83852 ? 115 DG A N1    1 
ATOM 81  C C2    . DG A 1 4  ? -2.89645  -9.60074  -0.88852  1.000 519.61524 ? 115 DG A C2    1 
ATOM 82  N N2    . DG A 1 4  ? -3.18194  -9.79592  0.40522   1.000 537.65641 ? 115 DG A N2    1 
ATOM 83  N N3    . DG A 1 4  ? -3.84434  -9.76990  -1.77737  1.000 512.85486 ? 115 DG A N3    1 
ATOM 84  C C4    . DG A 1 4  ? -3.41666  -9.54335  -3.03057  1.000 499.44839 ? 115 DG A C4    1 
ATOM 85  P P     . DA A 1 5  ? -9.70405  -9.98484  -4.32151  1.000 499.15622 ? 116 DA A P     1 
ATOM 86  O OP1   . DA A 1 5  ? -10.23140 -11.33849 -4.60502  1.000 503.21185 ? 116 DA A OP1   1 
ATOM 87  O OP2   . DA A 1 5  ? -10.65176 -8.86895  -4.09075  1.000 503.58621 ? 116 DA A OP2   1 
ATOM 88  O "O5'" . DA A 1 5  ? -8.73592  -10.01185 -3.04453  1.000 503.88739 ? 116 DA A "O5'" 1 
ATOM 89  C "C5'" . DA A 1 5  ? -8.91399  -11.03080 -2.05186  1.000 512.33547 ? 116 DA A "C5'" 1 
ATOM 90  C "C4'" . DA A 1 5  ? -9.10579  -10.45385 -0.64984  1.000 525.17150 ? 116 DA A "C4'" 1 
ATOM 91  O "O4'" . DA A 1 5  ? -7.82383  -10.02969 -0.11434  1.000 521.01434 ? 116 DA A "O4'" 1 
ATOM 92  C "C3'" . DA A 1 5  ? -10.02315 -9.23466  -0.53985  1.000 531.83931 ? 116 DA A "C3'" 1 
ATOM 93  O "O3'" . DA A 1 5  ? -10.69740 -9.23782  0.73319   1.000 551.53164 ? 116 DA A "O3'" 1 
ATOM 94  C "C2'" . DA A 1 5  ? -9.02725  -8.09388  -0.63113  1.000 528.91327 ? 116 DA A "C2'" 1 
ATOM 95  C "C1'" . DA A 1 5  ? -7.87479  -8.65433  0.18935   1.000 528.67444 ? 116 DA A "C1'" 1 
ATOM 96  N N9    . DA A 1 5  ? -6.58736  -8.06469  -0.14308  1.000 514.70478 ? 116 DA A N9    1 
ATOM 97  C C8    . DA A 1 5  ? -6.09330  -7.82245  -1.39269  1.000 497.77220 ? 116 DA A C8    1 
ATOM 98  N N7    . DA A 1 5  ? -4.90512  -7.27046  -1.39217  1.000 488.15796 ? 116 DA A N7    1 
ATOM 99  C C5    . DA A 1 5  ? -4.59544  -7.14999  -0.04929  1.000 497.45253 ? 116 DA A C5    1 
ATOM 100 C C6    . DA A 1 5  ? -3.46755  -6.64818  0.61952   1.000 492.45797 ? 116 DA A C6    1 
ATOM 101 N N6    . DA A 1 5  ? -2.40017  -6.16190  -0.01076  1.000 473.89717 ? 116 DA A N6    1 
ATOM 102 N N1    . DA A 1 5  ? -3.47506  -6.66889  1.96564   1.000 507.94216 ? 116 DA A N1    1 
ATOM 103 C C2    . DA A 1 5  ? -4.54444  -7.16336  2.59501   1.000 529.49590 ? 116 DA A C2    1 
ATOM 104 N N3    . DA A 1 5  ? -5.66193  -7.66659  2.07599   1.000 536.09563 ? 116 DA A N3    1 
ATOM 105 C C4    . DA A 1 5  ? -5.61992  -7.63476  0.73514   1.000 517.91068 ? 116 DA A C4    1 
ATOM 106 P P     . DC A 1 6  ? -11.48412 -7.93151  1.25576   1.000 533.27521 ? 117 DC A P     1 
ATOM 107 O OP1   . DC A 1 6  ? -12.53674 -8.40415  2.18194   1.000 544.89630 ? 117 DC A OP1   1 
ATOM 108 O OP2   . DC A 1 6  ? -11.87647 -7.12471  0.07582   1.000 523.74002 ? 117 DC A OP2   1 
ATOM 109 O "O5'" . DC A 1 6  ? -10.38830 -7.12899  2.11544   1.000 537.90144 ? 117 DC A "O5'" 1 
ATOM 110 C "C5'" . DC A 1 6  ? -9.75685  -7.76326  3.22971   1.000 549.12114 ? 117 DC A "C5'" 1 
ATOM 111 C "C4'" . DC A 1 6  ? -9.18141  -6.75005  4.21607   1.000 560.65044 ? 117 DC A "C4'" 1 
ATOM 112 O "O4'" . DC A 1 6  ? -7.86264  -6.33251  3.78980   1.000 545.17172 ? 117 DC A "O4'" 1 
ATOM 113 C "C3'" . DC A 1 6  ? -10.00183 -5.48357  4.43600   1.000 566.05760 ? 117 DC A "C3'" 1 
ATOM 114 O "O3'" . DC A 1 6  ? -10.05223 -5.17740  5.83164   1.000 580.48894 ? 117 DC A "O3'" 1 
ATOM 115 C "C2'" . DC A 1 6  ? -9.25926  -4.41019  3.63635   1.000 550.55914 ? 117 DC A "C2'" 1 
ATOM 116 C "C1'" . DC A 1 6  ? -7.82823  -4.94633  3.51127   1.000 540.61801 ? 117 DC A "C1'" 1 
ATOM 117 N N1    . DC A 1 6  ? -7.25763  -4.77706  2.12655   1.000 519.03552 ? 117 DC A N1    1 
ATOM 118 C C2    . DC A 1 6  ? -6.01060  -4.13113  1.94988   1.000 506.50629 ? 117 DC A C2    1 
ATOM 119 O O2    . DC A 1 6  ? -5.38969  -3.69365  2.91757   1.000 509.97336 ? 117 DC A O2    1 
ATOM 120 N N3    . DC A 1 6  ? -5.53607  -4.00929  0.66945   1.000 489.71694 ? 117 DC A N3    1 
ATOM 121 C C4    . DC A 1 6  ? -6.23355  -4.48820  -0.36114  1.000 487.70416 ? 117 DC A C4    1 
ATOM 122 N N4    . DC A 1 6  ? -5.72698  -4.35355  -1.59208  1.000 474.50598 ? 117 DC A N4    1 
ATOM 123 C C5    . DC A 1 6  ? -7.48892  -5.13461  -0.17974  1.000 498.11471 ? 117 DC A C5    1 
ATOM 124 C C6    . DC A 1 6  ? -7.95081  -5.25820  1.06860   1.000 512.25456 ? 117 DC A C6    1 
ATOM 125 P P     . DA A 1 7  ? -10.72243 -3.81297  6.35984   1.000 596.19836 ? 118 DA A P     1 
ATOM 126 O OP1   . DA A 1 7  ? -11.25262 -4.10300  7.71076   1.000 608.67711 ? 118 DA A OP1   1 
ATOM 127 O OP2   . DA A 1 7  ? -11.62874 -3.26631  5.32486   1.000 588.44258 ? 118 DA A OP2   1 
ATOM 128 O "O5'" . DA A 1 7  ? -9.47905  -2.82096  6.51670   1.000 585.92309 ? 118 DA A "O5'" 1 
ATOM 129 C "C5'" . DA A 1 7  ? -8.44718  -3.14449  7.42670   1.000 582.72393 ? 118 DA A "C5'" 1 
ATOM 130 C "C4'" . DA A 1 7  ? -7.21519  -2.27440  7.21793   1.000 561.84253 ? 118 DA A "C4'" 1 
ATOM 131 O "O4'" . DA A 1 7  ? -6.75834  -2.34058  5.83596   1.000 556.14350 ? 118 DA A "O4'" 1 
ATOM 132 C "C3'" . DA A 1 7  ? -7.38564  -0.78603  7.51367   1.000 546.89207 ? 118 DA A "C3'" 1 
ATOM 133 O "O3'" . DA A 1 7  ? -6.16476  -0.31588  8.07606   1.000 522.21105 ? 118 DA A "O3'" 1 
ATOM 134 C "C2'" . DA A 1 7  ? -7.60975  -0.21886  6.11262   1.000 545.83641 ? 118 DA A "C2'" 1 
ATOM 135 C "C1'" . DA A 1 7  ? -6.57568  -1.02231  5.35980   1.000 541.76574 ? 118 DA A "C1'" 1 
ATOM 136 N N9    . DA A 1 7  ? -6.73471  -1.03964  3.91035   1.000 537.47241 ? 118 DA A N9    1 
ATOM 137 C C8    . DA A 1 7  ? -7.76184  -1.59689  3.21267   1.000 545.99073 ? 118 DA A C8    1 
ATOM 138 N N7    . DA A 1 7  ? -7.63277  -1.50758  1.91193   1.000 532.25608 ? 118 DA A N7    1 
ATOM 139 C C5    . DA A 1 7  ? -6.42285  -0.84993  1.74196   1.000 516.92248 ? 118 DA A C5    1 
ATOM 140 C C6    . DA A 1 7  ? -5.71190  -0.44636  0.59052   1.000 498.12221 ? 118 DA A C6    1 
ATOM 141 N N6    . DA A 1 7  ? -6.15355  -0.65640  -0.65040  1.000 492.05171 ? 118 DA A N6    1 
ATOM 142 N N1    . DA A 1 7  ? -4.53005  0.19383   0.76807   1.000 482.88145 ? 118 DA A N1    1 
ATOM 143 C C2    . DA A 1 7  ? -4.09181  0.40053   2.01563   1.000 483.03006 ? 118 DA A C2    1 
ATOM 144 N N3    . DA A 1 7  ? -4.67554  0.07071   3.17314   1.000 498.85584 ? 118 DA A N3    1 
ATOM 145 C C4    . DA A 1 7  ? -5.84748  -0.56122  2.96302   1.000 517.91342 ? 118 DA A C4    1 
ATOM 146 P P     . DG A 1 8  ? -5.95307  1.21897   8.50330   1.000 513.99230 ? 119 DG A P     1 
ATOM 147 O OP1   . DG A 1 8  ? -6.31598  1.32319   9.93265   1.000 509.24469 ? 119 DG A OP1   1 
ATOM 148 O OP2   . DG A 1 8  ? -6.60227  2.11713   7.52239   1.000 517.87051 ? 119 DG A OP2   1 
ATOM 149 O "O5'" . DG A 1 8  ? -4.36682  1.41065   8.37915   1.000 485.60530 ? 119 DG A "O5'" 1 
ATOM 150 C "C5'" . DG A 1 8  ? -3.72695  1.29732   7.10294   1.000 484.05182 ? 119 DG A "C5'" 1 
ATOM 151 C "C4'" . DG A 1 8  ? -3.09407  2.61981   6.69786   1.000 464.12874 ? 119 DG A "C4'" 1 
ATOM 152 O "O4'" . DG A 1 8  ? -3.27625  2.82655   5.27578   1.000 475.79872 ? 119 DG A "O4'" 1 
ATOM 153 C "C3'" . DG A 1 8  ? -3.69740  3.84235   7.37141   1.000 456.61762 ? 119 DG A "C3'" 1 
ATOM 154 O "O3'" . DG A 1 8  ? -2.66355  4.85514   7.68992   1.000 430.26147 ? 119 DG A "O3'" 1 
ATOM 155 C "C2'" . DG A 1 8  ? -4.77561  4.30993   6.38604   1.000 474.13323 ? 119 DG A "C2'" 1 
ATOM 156 C "C1'" . DG A 1 8  ? -4.23250  3.84973   5.03515   1.000 479.13102 ? 119 DG A "C1'" 1 
ATOM 157 N N9    . DG A 1 8  ? -5.23867  3.33224   4.11601   1.000 501.79445 ? 119 DG A N9    1 
ATOM 158 C C8    . DG A 1 8  ? -6.43199  2.71902   4.42729   1.000 523.37466 ? 119 DG A C8    1 
ATOM 159 N N7    . DG A 1 8  ? -7.11255  2.34924   3.37562   1.000 533.65537 ? 119 DG A N7    1 
ATOM 160 C C5    . DG A 1 8  ? -6.31546  2.73912   2.30368   1.000 519.57449 ? 119 DG A C5    1 
ATOM 161 C C6    . DG A 1 8  ? -6.52340  2.60407   0.91088   1.000 515.37928 ? 119 DG A C6    1 
ATOM 162 O O6    . DG A 1 8  ? -7.48872  2.09702   0.32181   1.000 521.76215 ? 119 DG A O6    1 
ATOM 163 N N1    . DG A 1 8  ? -5.46212  3.13269   0.17606   1.000 496.14143 ? 119 DG A N1    1 
ATOM 164 C C2    . DG A 1 8  ? -4.34084  3.71947   0.72048   1.000 481.12976 ? 119 DG A C2    1 
ATOM 165 N N2    . DG A 1 8  ? -3.41981  4.17527   -0.14507  1.000 465.45644 ? 119 DG A N2    1 
ATOM 166 N N3    . DG A 1 8  ? -4.13564  3.85126   2.02061   1.000 480.83829 ? 119 DG A N3    1 
ATOM 167 C C4    . DG A 1 8  ? -5.15837  3.33807   2.74809   1.000 501.21099 ? 119 DG A C4    1 
ATOM 168 P P     . DC A 1 9  ? -2.06214  5.90349   6.61785   1.000 468.24219 ? 120 DC A P     1 
ATOM 169 O OP1   . DC A 1 9  ? -1.59181  5.18430   5.41177   1.000 475.91000 ? 120 DC A OP1   1 
ATOM 170 O OP2   . DC A 1 9  ? -1.09540  6.76765   7.33345   1.000 439.30097 ? 120 DC A OP2   1 
ATOM 171 O "O5'" . DC A 1 9  ? -3.29036  6.86156   6.27820   1.000 478.36654 ? 120 DC A "O5'" 1 
ATOM 172 C "C5'" . DC A 1 9  ? -3.05793  8.19912   5.90681   1.000 463.47095 ? 120 DC A "C5'" 1 
ATOM 173 C "C4'" . DC A 1 9  ? -2.40576  8.27455   4.54330   1.000 463.49032 ? 120 DC A "C4'" 1 
ATOM 174 O "O4'" . DC A 1 9  ? -3.02014  7.30394   3.65137   1.000 487.73749 ? 120 DC A "O4'" 1 
ATOM 175 C "C3'" . DC A 1 9  ? -2.55540  9.61877   3.84908   1.000 459.79574 ? 120 DC A "C3'" 1 
ATOM 176 O "O3'" . DC A 1 9  ? -1.43562  9.84377   3.03193   1.000 448.52485 ? 120 DC A "O3'" 1 
ATOM 177 C "C2'" . DC A 1 9  ? -3.81734  9.41194   3.01842   1.000 481.96530 ? 120 DC A "C2'" 1 
ATOM 178 C "C1'" . DC A 1 9  ? -3.61530  7.97697   2.55838   1.000 495.48452 ? 120 DC A "C1'" 1 
ATOM 179 N N1    . DC A 1 9  ? -4.87528  7.24546   2.17347   1.000 521.39054 ? 120 DC A N1    1 
ATOM 180 C C2    . DC A 1 9  ? -5.20763  7.10248   0.81815   1.000 529.67523 ? 120 DC A C2    1 
ATOM 181 O O2    . DC A 1 9  ? -4.46816  7.60772   -0.04226  1.000 517.93533 ? 120 DC A O2    1 
ATOM 182 N N3    . DC A 1 9  ? -6.33641  6.41809   0.48859   1.000 547.60254 ? 120 DC A N3    1 
ATOM 183 C C4    . DC A 1 9  ? -7.10405  5.88769   1.44994   1.000 560.23507 ? 120 DC A C4    1 
ATOM 184 N N4    . DC A 1 9  ? -8.20594  5.22435   1.07983   1.000 575.44721 ? 120 DC A N4    1 
ATOM 185 C C5    . DC A 1 9  ? -6.77795  6.02111   2.83140   1.000 555.28821 ? 120 DC A C5    1 
ATOM 186 C C6    . DC A 1 9  ? -5.66155  6.69072   3.14385   1.000 534.25396 ? 120 DC A C6    1 
ATOM 187 P P     . DA A 1 10 ? -0.74797  11.29020  2.99244   1.000 452.20267 ? 121 DA A P     1 
ATOM 188 O OP1   . DA A 1 10 ? 0.71480   11.09647  3.13507   1.000 433.17193 ? 121 DA A OP1   1 
ATOM 189 O OP2   . DA A 1 10 ? -1.48381  12.14073  3.95644   1.000 449.44295 ? 121 DA A OP2   1 
ATOM 190 O "O5'" . DA A 1 10 ? -1.09204  11.81944  1.52312   1.000 462.72979 ? 121 DA A "O5'" 1 
ATOM 191 C "C5'" . DA A 1 10 ? -2.39981  12.30901  1.23561   1.000 479.62450 ? 121 DA A "C5'" 1 
ATOM 192 C "C4'" . DA A 1 10 ? -2.60868  12.45980  -0.26013  1.000 487.93648 ? 121 DA A "C4'" 1 
ATOM 193 O "O4'" . DA A 1 10 ? -3.51271  11.42570  -0.73274  1.000 505.46072 ? 121 DA A "O4'" 1 
ATOM 194 C "C3'" . DA A 1 10 ? -3.29174  13.74096  -0.67647  1.000 489.55701 ? 121 DA A "C3'" 1 
ATOM 195 O "O3'" . DA A 1 10 ? -3.10368  13.91337  -2.07052  1.000 492.99439 ? 121 DA A "O3'" 1 
ATOM 196 C "C2'" . DA A 1 10 ? -4.73868  13.38647  -0.36671  1.000 504.76541 ? 121 DA A "C2'" 1 
ATOM 197 C "C1'" . DA A 1 10 ? -4.78438  12.00581  -1.00125  1.000 517.29478 ? 121 DA A "C1'" 1 
ATOM 198 N N9    . DA A 1 10 ? -5.80072  11.10236  -0.47755  1.000 534.36285 ? 121 DA A N9    1 
ATOM 199 C C8    . DA A 1 10 ? -5.93887  10.67190  0.81097   1.000 536.19684 ? 121 DA A C8    1 
ATOM 200 N N7    . DA A 1 10 ? -6.91618  9.81396   0.97961   1.000 555.72306 ? 121 DA A N7    1 
ATOM 201 C C5    . DA A 1 10 ? -7.44502  9.66019   -0.29119  1.000 564.13964 ? 121 DA A C5    1 
ATOM 202 C C6    . DA A 1 10 ? -8.51134  8.88660   -0.78618  1.000 579.42676 ? 121 DA A C6    1 
ATOM 203 N N6    . DA A 1 10 ? -9.24993  8.08429   -0.01602  1.000 593.14936 ? 121 DA A N6    1 
ATOM 204 N N1    . DA A 1 10 ? -8.78140  8.96006   -2.11144  1.000 577.36370 ? 121 DA A N1    1 
ATOM 205 C C2    . DA A 1 10 ? -8.02775  9.76153   -2.87692  1.000 565.08020 ? 121 DA A C2    1 
ATOM 206 N N3    . DA A 1 10 ? -7.00358  10.53770  -2.52111  1.000 552.73915 ? 121 DA A N3    1 
ATOM 207 C C4    . DA A 1 10 ? -6.76299  10.43949  -1.20275  1.000 551.28003 ? 121 DA A C4    1 
ATOM 208 P P     . DG A 1 11 ? -2.72548  15.35102  -2.67263  1.000 465.91159 ? 122 DG A P     1 
ATOM 209 O OP1   . DG A 1 11 ? -1.49902  15.18733  -3.48318  1.000 458.39192 ? 122 DG A OP1   1 
ATOM 210 O OP2   . DG A 1 11 ? -2.75973  16.32949  -1.56422  1.000 455.15428 ? 122 DG A OP2   1 
ATOM 211 O "O5'" . DG A 1 11 ? -3.93536  15.67710  -3.66484  1.000 480.53657 ? 122 DG A "O5'" 1 
ATOM 212 C "C5'" . DG A 1 11 ? -3.86195  15.27263  -5.02847  1.000 489.23565 ? 122 DG A "C5'" 1 
ATOM 213 C "C4'" . DG A 1 11 ? -5.21381  15.39511  -5.71699  1.000 500.99301 ? 122 DG A "C4'" 1 
ATOM 214 O "O4'" . DG A 1 11 ? -6.14762  14.42999  -5.15715  1.000 508.92673 ? 122 DG A "O4'" 1 
ATOM 215 C "C3'" . DG A 1 11 ? -5.89630  16.75310  -5.58371  1.000 499.60559 ? 122 DG A "C3'" 1 
ATOM 216 O "O3'" . DG A 1 11 ? -6.61725  17.03672  -6.77806  1.000 506.69602 ? 122 DG A "O3'" 1 
ATOM 217 C "C2'" . DG A 1 11 ? -6.83476  16.53168  -4.40124  1.000 502.85826 ? 122 DG A "C2'" 1 
ATOM 218 C "C1'" . DG A 1 11 ? -7.28688  15.10605  -4.65732  1.000 512.20081 ? 122 DG A "C1'" 1 
ATOM 219 N N9    . DG A 1 11 ? -7.74624  14.40596  -3.46214  1.000 515.27202 ? 122 DG A N9    1 
ATOM 220 C C8    . DG A 1 11 ? -7.24901  14.51945  -2.18815  1.000 508.06036 ? 122 DG A C8    1 
ATOM 221 N N7    . DG A 1 11 ? -7.85516  13.75647  -1.32254  1.000 514.21579 ? 122 DG A N7    1 
ATOM 222 C C5    . DG A 1 11 ? -8.80839  13.08681  -2.07481  1.000 525.76832 ? 122 DG A C5    1 
ATOM 223 C C6    . DG A 1 11 ? -9.76217  12.12633  -1.68149  1.000 535.93621 ? 122 DG A C6    1 
ATOM 224 O O6    . DG A 1 11 ? -9.96168  11.65840  -0.55251  1.000 539.04646 ? 122 DG A O6    1 
ATOM 225 N N1    . DG A 1 11 ? -10.54016 11.70179  -2.76081  1.000 541.64807 ? 122 DG A N1    1 
ATOM 226 C C2    . DG A 1 11 ? -10.40049 12.15460  -4.05739  1.000 538.36247 ? 122 DG A C2    1 
ATOM 227 N N2    . DG A 1 11 ? -11.24308 11.63750  -4.96847  1.000 541.86988 ? 122 DG A N2    1 
ATOM 228 N N3    . DG A 1 11 ? -9.51098  13.05714  -4.43155  1.000 531.31281 ? 122 DG A N3    1 
ATOM 229 C C4    . DG A 1 11 ? -8.75167  13.47528  -3.39355  1.000 525.23062 ? 122 DG A C4    1 
ATOM 230 P P     . DT A 1 12 ? -7.53689  18.35031  -6.90389  1.000 507.83212 ? 123 DT A P     1 
ATOM 231 O OP1   . DT A 1 12 ? -7.28005  18.90699  -8.24892  1.000 509.04515 ? 123 DT A OP1   1 
ATOM 232 O OP2   . DT A 1 12 ? -7.35159  19.21670  -5.71868  1.000 499.97681 ? 123 DT A OP2   1 
ATOM 233 O "O5'" . DT A 1 12 ? -9.03291  17.77794  -6.89639  1.000 517.84065 ? 123 DT A "O5'" 1 
ATOM 234 C "C5'" . DT A 1 12 ? -9.80124  17.82061  -8.09591  1.000 522.63541 ? 123 DT A "C5'" 1 
ATOM 235 C "C4'" . DT A 1 12 ? -10.95470 16.83002  -8.06580  1.000 528.73933 ? 123 DT A "C4'" 1 
ATOM 236 O "O4'" . DT A 1 12 ? -10.84284 15.95768  -6.91018  1.000 529.39140 ? 123 DT A "O4'" 1 
ATOM 237 C "C3'" . DT A 1 12 ? -12.34292 17.46649  -7.98789  1.000 532.71749 ? 123 DT A "C3'" 1 
ATOM 238 O "O3'" . DT A 1 12 ? -13.21032 16.84352  -8.91847  1.000 536.12046 ? 123 DT A "O3'" 1 
ATOM 239 C "C2'" . DT A 1 12 ? -12.77382 17.20167  -6.54746  1.000 534.73560 ? 123 DT A "C2'" 1 
ATOM 240 C "C1'" . DT A 1 12 ? -12.09846 15.87288  -6.27571  1.000 534.57662 ? 123 DT A "C1'" 1 
ATOM 241 N N1    . DT A 1 12 ? -11.88341 15.58729  -4.82842  1.000 534.63368 ? 123 DT A N1    1 
ATOM 242 C C2    . DT A 1 12 ? -12.66616 14.64566  -4.20600  1.000 541.03670 ? 123 DT A C2    1 
ATOM 243 O O2    . DT A 1 12 ? -13.54955 14.02950  -4.77628  1.000 545.43074 ? 123 DT A O2    1 
ATOM 244 N N3    . DT A 1 12 ? -12.38831 14.45548  -2.87793  1.000 541.17912 ? 123 DT A N3    1 
ATOM 245 C C4    . DT A 1 12 ? -11.41194 15.09283  -2.13307  1.000 533.06027 ? 123 DT A C4    1 
ATOM 246 O O4    . DT A 1 12 ? -11.23408 14.85480  -0.94388  1.000 531.68341 ? 123 DT A O4    1 
ATOM 247 C C5    . DT A 1 12 ? -10.62733 16.06586  -2.84922  1.000 524.96367 ? 123 DT A C5    1 
ATOM 248 C C7    . DT A 1 12 ? -9.55045  16.82899  -2.14353  1.000 512.78884 ? 123 DT A C7    1 
ATOM 249 C C6    . DT A 1 12 ? -10.89570 16.26192  -4.14653  1.000 527.32097 ? 123 DT A C6    1 
ATOM 250 P P     . DC A 1 13 ? -14.10761 17.74191  -9.90088  1.000 529.33625 ? 124 DC A P     1 
ATOM 251 O OP1   . DC A 1 13 ? -14.06933 17.14174  -11.25276 1.000 529.03314 ? 124 DC A OP1   1 
ATOM 252 O OP2   . DC A 1 13 ? -13.69556 19.15046  -9.70886  1.000 527.24044 ? 124 DC A OP2   1 
ATOM 253 O "O5'" . DC A 1 13 ? -15.57738 17.60545  -9.29625  1.000 533.51255 ? 124 DC A "O5'" 1 
ATOM 254 C "C5'" . DC A 1 13 ? -15.97702 18.44869  -8.22498  1.000 535.44505 ? 124 DC A "C5'" 1 
ATOM 255 C "C4'" . DC A 1 13 ? -16.71865 17.65916  -7.16584  1.000 539.57025 ? 124 DC A "C4'" 1 
ATOM 256 O "O4'" . DC A 1 13 ? -15.80446 17.29621  -6.10352  1.000 538.95406 ? 124 DC A "O4'" 1 
ATOM 257 C "C3'" . DC A 1 13 ? -17.87033 18.41568  -6.48650  1.000 543.86024 ? 124 DC A "C3'" 1 
ATOM 258 O "O3'" . DC A 1 13 ? -19.13842 17.76469  -6.75296  1.000 546.98383 ? 124 DC A "O3'" 1 
ATOM 259 C "C2'" . DC A 1 13 ? -17.49440 18.42010  -5.00465  1.000 545.91351 ? 124 DC A "C2'" 1 
ATOM 260 C "C1'" . DC A 1 13 ? -16.53574 17.25524  -4.91693  1.000 543.96481 ? 124 DC A "C1'" 1 
ATOM 261 N N1    . DC A 1 13 ? -15.63713 17.34032  -3.75434  1.000 542.07638 ? 124 DC A N1    1 
ATOM 262 C C2    . DC A 1 13 ? -15.95215 16.59324  -2.62737  1.000 546.93364 ? 124 DC A C2    1 
ATOM 263 O O2    . DC A 1 13 ? -16.96125 15.87961  -2.64311  1.000 553.28056 ? 124 DC A O2    1 
ATOM 264 N N3    . DC A 1 13 ? -15.16739 16.67955  -1.54131  1.000 543.47646 ? 124 DC A N3    1 
ATOM 265 C C4    . DC A 1 13 ? -14.09018 17.46075  -1.55829  1.000 534.06085 ? 124 DC A C4    1 
ATOM 266 N N4    . DC A 1 13 ? -13.34675 17.49975  -0.45329  1.000 527.24117 ? 124 DC A N4    1 
ATOM 267 C C5    . DC A 1 13 ? -13.74300 18.24628  -2.70057  1.000 529.91749 ? 124 DC A C5    1 
ATOM 268 C C6    . DC A 1 13 ? -14.54383 18.16128  -3.76986  1.000 534.80392 ? 124 DC A C6    1 
ATOM 269 P P     . DA A 1 14 ? -19.89782 16.83914  -5.66822  1.000 543.38103 ? 125 DA A P     1 
ATOM 270 O OP1   . DA A 1 14 ? -20.17118 17.54772  -4.39771  1.000 548.33002 ? 125 DA A OP1   1 
ATOM 271 O OP2   . DA A 1 14 ? -19.20895 15.53337  -5.64781  1.000 542.36406 ? 125 DA A OP2   1 
ATOM 272 O "O5'" . DA A 1 14 ? -21.32429 16.60395  -6.34203  1.000 543.90764 ? 125 DA A "O5'" 1 
ATOM 273 C "C5'" . DA A 1 14 ? -21.75992 17.46797  -7.37835  1.000 540.64975 ? 125 DA A "C5'" 1 
ATOM 274 C "C4'" . DA A 1 14 ? -22.50457 18.66724  -6.81740  1.000 543.33952 ? 125 DA A "C4'" 1 
ATOM 275 O "O4'" . DA A 1 14 ? -21.81632 19.17915  -5.64369  1.000 546.17398 ? 125 DA A "O4'" 1 
ATOM 276 C "C3'" . DA A 1 14 ? -22.63789 19.84154  -7.78274  1.000 540.64427 ? 125 DA A "C3'" 1 
ATOM 277 O "O3'" . DA A 1 14 ? -23.94726 20.38073  -7.71047  1.000 549.22650 ? 125 DA A "O3'" 1 
ATOM 278 C "C2'" . DA A 1 14 ? -21.58833 20.83335  -7.28252  1.000 540.60630 ? 125 DA A "C2'" 1 
ATOM 279 C "C1'" . DA A 1 14 ? -21.58458 20.56030  -5.78430  1.000 544.65206 ? 125 DA A "C1'" 1 
ATOM 280 N N9    . DA A 1 14 ? -20.31276 20.89723  -5.13897  1.000 542.74619 ? 125 DA A N9    1 
ATOM 281 C C8    . DA A 1 14 ? -19.26327 21.56211  -5.70833  1.000 537.42415 ? 125 DA A C8    1 
ATOM 282 N N7    . DA A 1 14 ? -18.24447 21.73674  -4.90429  1.000 534.35023 ? 125 DA A N7    1 
ATOM 283 C C5    . DA A 1 14 ? -18.65034 21.15392  -3.71519  1.000 538.47992 ? 125 DA A C5    1 
ATOM 284 C C6    . DA A 1 14 ? -18.00295 20.99766  -2.47572  1.000 536.07586 ? 125 DA A C6    1 
ATOM 285 N N6    . DA A 1 14 ? -16.78019 21.46917  -2.23467  1.000 526.89184 ? 125 DA A N6    1 
ATOM 286 N N1    . DA A 1 14 ? -18.67360 20.36901  -1.48381  1.000 541.69952 ? 125 DA A N1    1 
ATOM 287 C C2    . DA A 1 14 ? -19.90731 19.90084  -1.73979  1.000 549.80945 ? 125 DA A C2    1 
ATOM 288 N N3    . DA A 1 14 ? -20.61949 19.98471  -2.87520  1.000 550.80649 ? 125 DA A N3    1 
ATOM 289 C C4    . DA A 1 14 ? -19.92184 20.62477  -3.83559  1.000 544.74793 ? 125 DA A C4    1 
ATOM 290 P P     . DC B 2 1  ? 16.32023  0.21694   -10.92661 1.000 403.99921 ? 131 DC B P     1 
ATOM 291 O OP1   . DC B 2 1  ? 15.03074  0.55168   -11.56879 1.000 400.70044 ? 131 DC B OP1   1 
ATOM 292 O OP2   . DC B 2 1  ? 16.45038  0.34204   -9.45872  1.000 408.06085 ? 131 DC B OP2   1 
ATOM 293 O "O5'" . DC B 2 1  ? 16.74853  -1.26576  -11.35747 1.000 404.34153 ? 131 DC B "O5'" 1 
ATOM 294 C "C5'" . DC B 2 1  ? 16.73954  -2.32610  -10.40472 1.000 407.81105 ? 131 DC B "C5'" 1 
ATOM 295 C "C4'" . DC B 2 1  ? 15.34944  -2.91568  -10.26372 1.000 406.87651 ? 131 DC B "C4'" 1 
ATOM 296 O "O4'" . DC B 2 1  ? 15.45520  -4.29572  -9.83476  1.000 409.69783 ? 131 DC B "O4'" 1 
ATOM 297 C "C3'" . DC B 2 1  ? 14.46520  -2.22209  -9.23814  1.000 407.89569 ? 131 DC B "C3'" 1 
ATOM 298 O "O3'" . DC B 2 1  ? 13.09622  -2.26981  -9.63896  1.000 405.45041 ? 131 DC B "O3'" 1 
ATOM 299 C "C2'" . DC B 2 1  ? 14.72261  -3.02403  -7.97208  1.000 412.38295 ? 131 DC B "C2'" 1 
ATOM 300 C "C1'" . DC B 2 1  ? 15.02386  -4.42996  -8.49850  1.000 412.93250 ? 131 DC B "C1'" 1 
ATOM 301 N N1    . DC B 2 1  ? 16.09979  -5.08779  -7.73119  1.000 417.55378 ? 131 DC B N1    1 
ATOM 302 C C2    . DC B 2 1  ? 16.00396  -6.44492  -7.37466  1.000 420.47672 ? 131 DC B C2    1 
ATOM 303 O O2    . DC B 2 1  ? 15.01057  -7.10212  -7.71569  1.000 419.02639 ? 131 DC B O2    1 
ATOM 304 N N3    . DC B 2 1  ? 17.01399  -6.99655  -6.65816  1.000 425.28906 ? 131 DC B N3    1 
ATOM 305 C C4    . DC B 2 1  ? 18.06517  -6.25581  -6.30729  1.000 427.11518 ? 131 DC B C4    1 
ATOM 306 N N4    . DC B 2 1  ? 19.03900  -6.83294  -5.60541  1.000 432.36534 ? 131 DC B N4    1 
ATOM 307 C C5    . DC B 2 1  ? 18.16607  -4.88332  -6.65175  1.000 424.11935 ? 131 DC B C5    1 
ATOM 308 C C6    . DC B 2 1  ? 17.17519  -4.34807  -7.35562  1.000 419.43634 ? 131 DC B C6    1 
ATOM 309 P P     . DA B 2 2  ? 11.94608  -1.63285  -8.71142  1.000 395.73270 ? 132 DA B P     1 
ATOM 310 O OP1   . DA B 2 2  ? 10.99058  -0.96113  -9.62112  1.000 392.41944 ? 132 DA B OP1   1 
ATOM 311 O OP2   . DA B 2 2  ? 12.57497  -0.85747  -7.61421  1.000 398.58996 ? 132 DA B OP2   1 
ATOM 312 O "O5'" . DA B 2 2  ? 11.23256  -2.91987  -8.09111  1.000 397.75149 ? 132 DA B "O5'" 1 
ATOM 313 C "C5'" . DA B 2 2  ? 11.00646  -4.04807  -8.91841  1.000 396.58701 ? 132 DA B "C5'" 1 
ATOM 314 C "C4'" . DA B 2 2  ? 10.71251  -5.29252  -8.09537  1.000 399.86283 ? 132 DA B "C4'" 1 
ATOM 315 O "O4'" . DA B 2 2  ? 11.94358  -5.82196  -7.54364  1.000 403.07545 ? 132 DA B "O4'" 1 
ATOM 316 C "C3'" . DA B 2 2  ? 9.74700   -5.10472  -6.91987  1.000 401.90679 ? 132 DA B "C3'" 1 
ATOM 317 O "O3'" . DA B 2 2  ? 8.73407   -6.12957  -6.96331  1.000 402.46410 ? 132 DA B "O3'" 1 
ATOM 318 C "C2'" . DA B 2 2  ? 10.65228  -5.23009  -5.68496  1.000 405.96118 ? 132 DA B "C2'" 1 
ATOM 319 C "C1'" . DA B 2 2  ? 11.75803  -6.15289  -6.18567  1.000 406.96665 ? 132 DA B "C1'" 1 
ATOM 320 N N9    . DA B 2 2  ? 13.04643  -5.96910  -5.51510  1.000 410.05501 ? 132 DA B N9    1 
ATOM 321 C C8    . DA B 2 2  ? 13.80934  -4.84202  -5.52905  1.000 409.46159 ? 132 DA B C8    1 
ATOM 322 N N7    . DA B 2 2  ? 14.94131  -4.94983  -4.88257  1.000 413.13012 ? 132 DA B N7    1 
ATOM 323 C C5    . DA B 2 2  ? 14.92503  -6.24183  -4.39590  1.000 416.45296 ? 132 DA B C5    1 
ATOM 324 C C6    . DA B 2 2  ? 15.84710  -6.96589  -3.61641  1.000 421.62478 ? 132 DA B C6    1 
ATOM 325 N N6    . DA B 2 2  ? 16.99886  -6.44620  -3.18291  1.000 424.30988 ? 132 DA B N6    1 
ATOM 326 N N1    . DA B 2 2  ? 15.53974  -8.24227  -3.29757  1.000 424.39408 ? 132 DA B N1    1 
ATOM 327 C C2    . DA B 2 2  ? 14.37565  -8.75109  -3.73918  1.000 421.98668 ? 132 DA B C2    1 
ATOM 328 N N3    . DA B 2 2  ? 13.42680  -8.16340  -4.48449  1.000 417.15999 ? 132 DA B N3    1 
ATOM 329 C C4    . DA B 2 2  ? 13.76815  -6.89651  -4.78162  1.000 414.58394 ? 132 DA B C4    1 
ATOM 330 P P     . DC B 2 3  ? 7.32218   -5.94039  -6.21746  1.000 403.38174 ? 133 DC B P     1 
ATOM 331 O OP1   . DC B 2 3  ? 6.31216   -6.75821  -6.93621  1.000 402.42917 ? 133 DC B OP1   1 
ATOM 332 O OP2   . DC B 2 3  ? 7.08596   -4.48941  -6.03345  1.000 402.08917 ? 133 DC B OP2   1 
ATOM 333 O "O5'" . DC B 2 3  ? 7.59077   -6.61934  -4.79811  1.000 407.91513 ? 133 DC B "O5'" 1 
ATOM 334 C "C5'" . DC B 2 3  ? 8.16595   -7.92073  -4.76182  1.000 410.32433 ? 133 DC B "C5'" 1 
ATOM 335 C "C4'" . DC B 2 3  ? 8.85366   -8.20041  -3.43551  1.000 414.78637 ? 133 DC B "C4'" 1 
ATOM 336 O "O4'" . DC B 2 3  ? 10.15820  -7.58329  -3.37998  1.000 415.12388 ? 133 DC B "O4'" 1 
ATOM 337 C "C3'" . DC B 2 3  ? 8.11610   -7.71193  -2.18079  1.000 416.70816 ? 133 DC B "C3'" 1 
ATOM 338 O "O3'" . DC B 2 3  ? 7.64679   -8.83334  -1.46797  1.000 420.17298 ? 133 DC B "O3'" 1 
ATOM 339 C "C2'" . DC B 2 3  ? 9.19751   -6.95353  -1.38187  1.000 418.63080 ? 133 DC B "C2'" 1 
ATOM 340 C "C1'" . DC B 2 3  ? 10.47308  -7.47644  -2.01825  1.000 419.06846 ? 133 DC B "C1'" 1 
ATOM 341 N N1    . DC B 2 3  ? 11.68674  -6.60204  -1.82375  1.000 419.70272 ? 133 DC B N1    1 
ATOM 342 C C2    . DC B 2 3  ? 12.73917  -7.05405  -1.00603  1.000 424.34870 ? 133 DC B C2    1 
ATOM 343 O O2    . DC B 2 3  ? 12.63793  -8.15550  -0.45762  1.000 427.80736 ? 133 DC B O2    1 
ATOM 344 N N3    . DC B 2 3  ? 13.83194  -6.27412  -0.83584  1.000 425.33847 ? 133 DC B N3    1 
ATOM 345 C C4    . DC B 2 3  ? 13.90489  -5.08963  -1.43625  1.000 421.85178 ? 133 DC B C4    1 
ATOM 346 N N4    . DC B 2 3  ? 15.01021  -4.35678  -1.23244  1.000 423.34836 ? 133 DC B N4    1 
ATOM 347 C C5    . DC B 2 3  ? 12.84436  -4.60278  -2.27303  1.000 417.11643 ? 133 DC B C5    1 
ATOM 348 C C6    . DC B 2 3  ? 11.76382  -5.38507  -2.43470  1.000 416.25690 ? 133 DC B C6    1 
ATOM 349 P P     . DA B 2 4  ? 6.22314   -8.80185  -0.73349  1.000 421.05092 ? 134 DA B P     1 
ATOM 350 O OP1   . DA B 2 4  ? 5.67007   -10.17575 -0.79332  1.000 423.11981 ? 134 DA B OP1   1 
ATOM 351 O OP2   . DA B 2 4  ? 5.44806   -7.67820  -1.31064  1.000 417.27402 ? 134 DA B OP2   1 
ATOM 352 O "O5'" . DA B 2 4  ? 6.61560   -8.46137  0.77885   1.000 424.78460 ? 134 DA B "O5'" 1 
ATOM 353 C "C5'" . DA B 2 4  ? 7.77591   -9.05847  1.37285   1.000 428.54124 ? 134 DA B "C5'" 1 
ATOM 354 C "C4'" . DA B 2 4  ? 8.01876   -8.48159  2.75394   1.000 431.67140 ? 134 DA B "C4'" 1 
ATOM 355 O "O4'" . DA B 2 4  ? 9.35689   -7.95953  2.82077   1.000 432.51675 ? 134 DA B "O4'" 1 
ATOM 356 C "C3'" . DA B 2 4  ? 7.12907   -7.29895  3.10814   1.000 429.75401 ? 134 DA B "C3'" 1 
ATOM 357 O "O3'" . DA B 2 4  ? 5.89470   -7.74061  3.68173   1.000 431.01319 ? 134 DA B "O3'" 1 
ATOM 358 C "C2'" . DA B 2 4  ? 7.96721   -6.52662  4.12375   1.000 432.32459 ? 134 DA B "C2'" 1 
ATOM 359 C "C1'" . DA B 2 4  ? 9.40913   -6.90409  3.75891   1.000 433.57727 ? 134 DA B "C1'" 1 
ATOM 360 N N9    . DA B 2 4  ? 10.15376  -5.80321  3.16938   1.000 431.09999 ? 134 DA B N9    1 
ATOM 361 C C8    . DA B 2 4  ? 9.71382   -4.93382  2.21440   1.000 426.51583 ? 134 DA B C8    1 
ATOM 362 N N7    . DA B 2 4  ? 10.60172  -4.03533  1.86444   1.000 425.48230 ? 134 DA B N7    1 
ATOM 363 C C5    . DA B 2 4  ? 11.70316  -4.34297  2.64531   1.000 429.73014 ? 134 DA B C5    1 
ATOM 364 C C6    . DA B 2 4  ? 12.97578  -3.76289  2.73514   1.000 431.31101 ? 134 DA B C6    1 
ATOM 365 N N6    . DA B 2 4  ? 13.34581  -2.70385  2.02084   1.000 428.50903 ? 134 DA B N6    1 
ATOM 366 N N1    . DA B 2 4  ? 13.84874  -4.30704  3.61423   1.000 436.34817 ? 134 DA B N1    1 
ATOM 367 C C2    . DA B 2 4  ? 13.45534  -5.35499  4.34072   1.000 439.44892 ? 134 DA B C2    1 
ATOM 368 N N3    . DA B 2 4  ? 12.28721  -5.99171  4.33020   1.000 438.27184 ? 134 DA B N3    1 
ATOM 369 C C4    . DA B 2 4  ? 11.44678  -5.42678  3.45096   1.000 433.28098 ? 134 DA B C4    1 
ATOM 370 P P     . DC B 2 5  ? 5.85264   -9.00367  4.67928   1.000 446.64134 ? 135 DC B P     1 
ATOM 371 O OP1   . DC B 2 5  ? 6.91330   -8.86845  5.69748   1.000 450.41180 ? 135 DC B OP1   1 
ATOM 372 O OP2   . DC B 2 5  ? 5.77269   -10.23693 3.86727   1.000 472.73014 ? 135 DC B OP2   1 
ATOM 373 O "O5'" . DC B 2 5  ? 4.44028   -8.87090  5.40948   1.000 447.32505 ? 135 DC B "O5'" 1 
ATOM 374 C "C5'" . DC B 2 5  ? 4.17690   -7.79555  6.29925   1.000 447.79413 ? 135 DC B "C5'" 1 
ATOM 375 C "C4'" . DC B 2 5  ? 2.67812   -7.61496  6.47982   1.000 447.13607 ? 135 DC B "C4'" 1 
ATOM 376 O "O4'" . DC B 2 5  ? 2.10454   -7.08268  5.25658   1.000 442.84118 ? 135 DC B "O4'" 1 
ATOM 377 C "C3'" . DC B 2 5  ? 1.91069   -8.89301  6.77528   1.000 449.70149 ? 135 DC B "C3'" 1 
ATOM 378 O "O3'" . DC B 2 5  ? 0.83117   -8.62504  7.64761   1.000 451.22220 ? 135 DC B "O3'" 1 
ATOM 379 C "C2'" . DC B 2 5  ? 1.42262   -9.32702  5.39809   1.000 446.60845 ? 135 DC B "C2'" 1 
ATOM 380 C "C1'" . DC B 2 5  ? 1.17419   -7.99667  4.70791   1.000 442.55834 ? 135 DC B "C1'" 1 
ATOM 381 N N1    . DC B 2 5  ? 1.38903   -8.05509  3.22481   1.000 438.89720 ? 135 DC B N1    1 
ATOM 382 C C2    . DC B 2 5  ? 0.28497   -8.14960  2.36210   1.000 436.91396 ? 135 DC B C2    1 
ATOM 383 O O2    . DC B 2 5  ? -0.85906  -8.17358  2.83598   1.000 438.29887 ? 135 DC B O2    1 
ATOM 384 N N3    . DC B 2 5  ? 0.50953   -8.20536  1.02098   1.000 433.74847 ? 135 DC B N3    1 
ATOM 385 C C4    . DC B 2 5  ? 1.75948   -8.17474  0.54924   1.000 432.47630 ? 135 DC B C4    1 
ATOM 386 N N4    . DC B 2 5  ? 1.93088   -8.23308  -0.77433  1.000 429.37749 ? 135 DC B N4    1 
ATOM 387 C C5    . DC B 2 5  ? 2.89027   -8.08987  1.41288   1.000 434.61880 ? 135 DC B C5    1 
ATOM 388 C C6    . DC B 2 5  ? 2.66017   -8.02941  2.72867   1.000 437.82604 ? 135 DC B C6    1 
ATOM 389 P P     . DC B 2 6  ? 0.05830   -9.84452  8.35058   1.000 477.76106 ? 136 DC B P     1 
ATOM 390 O OP1   . DC B 2 6  ? 0.16013   -9.67128  9.81523   1.000 481.46264 ? 136 DC B OP1   1 
ATOM 391 O OP2   . DC B 2 6  ? 0.55558   -11.10693 7.76434   1.000 478.79527 ? 136 DC B OP2   1 
ATOM 392 O "O5'" . DC B 2 6  ? -1.47035  -9.63891  7.91114   1.000 476.04137 ? 136 DC B "O5'" 1 
ATOM 393 C "C5'" . DC B 2 6  ? -1.80599  -9.24755  6.57457   1.000 472.00368 ? 136 DC B "C5'" 1 
ATOM 394 C "C4'" . DC B 2 6  ? -2.46426  -10.39822 5.83816   1.000 472.31816 ? 136 DC B "C4'" 1 
ATOM 395 O "O4'" . DC B 2 6  ? -1.99043  -10.43813 4.46094   1.000 468.92469 ? 136 DC B "O4'" 1 
ATOM 396 C "C3'" . DC B 2 6  ? -2.15573  -11.78331 6.42445   1.000 476.39821 ? 136 DC B "C3'" 1 
ATOM 397 O "O3'" . DC B 2 6  ? -3.32488  -12.58651 6.44073   1.000 478.36261 ? 136 DC B "O3'" 1 
ATOM 398 C "C2'" . DC B 2 6  ? -1.12088  -12.33233 5.45350   1.000 475.04781 ? 136 DC B "C2'" 1 
ATOM 399 C "C1'" . DC B 2 6  ? -1.65046  -11.76878 4.15259   1.000 470.67474 ? 136 DC B "C1'" 1 
ATOM 400 N N1    . DC B 2 6  ? -0.66174  -11.78930 3.03308   1.000 467.84826 ? 136 DC B N1    1 
ATOM 401 C C2    . DC B 2 6  ? -1.11334  -11.94859 1.72620   1.000 465.10461 ? 136 DC B C2    1 
ATOM 402 O O2    . DC B 2 6  ? -2.31385  -11.97755 1.50899   1.000 465.05210 ? 136 DC B O2    1 
ATOM 403 N N3    . DC B 2 6  ? -0.21486  -11.94331 0.71531   1.000 462.52415 ? 136 DC B N3    1 
ATOM 404 C C4    . DC B 2 6  ? 1.08209   -11.84692 0.97925   1.000 463.42620 ? 136 DC B C4    1 
ATOM 405 N N4    . DC B 2 6  ? 1.93058   -11.87474 -0.04865  1.000 460.50131 ? 136 DC B N4    1 
ATOM 406 C C5    . DC B 2 6  ? 1.56885   -11.72082 2.31026   1.000 477.05886 ? 136 DC B C5    1 
ATOM 407 C C6    . DC B 2 6  ? 0.66843   -11.70529 3.29649   1.000 475.79060 ? 136 DC B C6    1 
ATOM 408 P P     . DG B 2 7  ? -3.53791  -13.69505 7.58751   1.000 489.14820 ? 137 DG B P     1 
ATOM 409 O OP1   . DG B 2 7  ? -3.64513  -12.99280 8.88824   1.000 490.84199 ? 137 DG B OP1   1 
ATOM 410 O OP2   . DG B 2 7  ? -2.52689  -14.76146 7.39406   1.000 491.15093 ? 137 DG B OP2   1 
ATOM 411 O "O5'" . DG B 2 7  ? -4.95962  -14.33477 7.23391   1.000 490.23001 ? 137 DG B "O5'" 1 
ATOM 412 C "C5'" . DG B 2 7  ? -5.82914  -13.67629 6.32500   1.000 487.00485 ? 137 DG B "C5'" 1 
ATOM 413 C "C4'" . DG B 2 7  ? -6.23686  -14.61313 5.19901   1.000 486.86026 ? 137 DG B "C4'" 1 
ATOM 414 O "O4'" . DG B 2 7  ? -5.31045  -14.49366 4.08090   1.000 483.42087 ? 137 DG B "O4'" 1 
ATOM 415 C "C3'" . DG B 2 7  ? -6.26744  -16.09013 5.56092   1.000 491.37731 ? 137 DG B "C3'" 1 
ATOM 416 O "O3'" . DG B 2 7  ? -7.37883  -16.70459 4.90662   1.000 492.34967 ? 137 DG B "O3'" 1 
ATOM 417 C "C2'" . DG B 2 7  ? -4.91590  -16.60045 5.04063   1.000 490.78278 ? 137 DG B "C2'" 1 
ATOM 418 C "C1'" . DG B 2 7  ? -4.70235  -15.74722 3.79911   1.000 485.52073 ? 137 DG B "C1'" 1 
ATOM 419 N N9    . DG B 2 7  ? -3.29462  -15.49071 3.50097   1.000 483.55388 ? 137 DG B N9    1 
ATOM 420 C C8    . DG B 2 7  ? -2.32058  -15.17215 4.40978   1.000 484.98831 ? 137 DG B C8    1 
ATOM 421 N N7    . DG B 2 7  ? -1.15583  -14.96339 3.87561   1.000 491.37506 ? 137 DG B N7    1 
ATOM 422 C C5    . DG B 2 7  ? -1.36087  -15.14067 2.52394   1.000 482.44599 ? 137 DG B C5    1 
ATOM 423 C C6    . DG B 2 7  ? -0.44658  -15.04374 1.46268   1.000 481.63295 ? 137 DG B C6    1 
ATOM 424 O O6    . DG B 2 7  ? 0.75454   -14.75958 1.52492   1.000 491.19147 ? 137 DG B O6    1 
ATOM 425 N N1    . DG B 2 7  ? -1.04677  -15.30664 0.24051   1.000 474.78848 ? 137 DG B N1    1 
ATOM 426 C C2    . DG B 2 7  ? -2.37299  -15.63123 0.06723   1.000 475.61524 ? 137 DG B C2    1 
ATOM 427 N N2    . DG B 2 7  ? -2.77383  -15.85639 -1.19082  1.000 473.56854 ? 137 DG B N2    1 
ATOM 428 N N3    . DG B 2 7  ? -3.24876  -15.72762 1.06576   1.000 478.50673 ? 137 DG B N3    1 
ATOM 429 C C4    . DG B 2 7  ? -2.67134  -15.46960 2.26556   1.000 480.38286 ? 137 DG B C4    1 
ATOM 430 P P     . DT B 2 8  ? -7.38830  -18.27438 4.56622   1.000 494.71024 ? 138 DT B P     1 
ATOM 431 O OP1   . DT B 2 8  ? -8.78885  -18.64315 4.26816   1.000 496.41460 ? 138 DT B OP1   1 
ATOM 432 O OP2   . DT B 2 8  ? -6.65480  -19.00779 5.62355   1.000 498.78124 ? 138 DT B OP2   1 
ATOM 433 O "O5'" . DT B 2 8  ? -6.55964  -18.36813 3.20402   1.000 491.33018 ? 138 DT B "O5'" 1 
ATOM 434 C "C5'" . DT B 2 8  ? -7.19832  -18.77340 2.00366   1.000 490.45822 ? 138 DT B "C5'" 1 
ATOM 435 C "C4'" . DT B 2 8  ? -6.28086  -19.67368 1.20555   1.000 490.72288 ? 138 DT B "C4'" 1 
ATOM 436 O "O4'" . DT B 2 8  ? -5.00594  -19.01168 1.02467   1.000 487.38483 ? 138 DT B "O4'" 1 
ATOM 437 C "C3'" . DT B 2 8  ? -5.97498  -21.02027 1.87446   1.000 496.34251 ? 138 DT B "C3'" 1 
ATOM 438 O "O3'" . DT B 2 8  ? -6.38237  -22.09162 1.03483   1.000 498.46812 ? 138 DT B "O3'" 1 
ATOM 439 C "C2'" . DT B 2 8  ? -4.45640  -21.00931 2.08070   1.000 495.97034 ? 138 DT B "C2'" 1 
ATOM 440 C "C1'" . DT B 2 8  ? -3.99215  -19.97554 1.06382   1.000 489.98599 ? 138 DT B "C1'" 1 
ATOM 441 N N1    . DT B 2 8  ? -2.69409  -19.31375 1.43987   1.000 488.29164 ? 138 DT B N1    1 
ATOM 442 C C2    . DT B 2 8  ? -1.79669  -18.94877 0.45311   1.000 484.61514 ? 138 DT B C2    1 
ATOM 443 O O2    . DT B 2 8  ? -2.00262  -19.11945 -0.73903  1.000 482.41050 ? 138 DT B O2    1 
ATOM 444 N N3    . DT B 2 8  ? -0.64069  -18.36564 0.92065   1.000 483.82563 ? 138 DT B N3    1 
ATOM 445 C C4    . DT B 2 8  ? -0.29941  -18.12528 2.24594   1.000 486.64246 ? 138 DT B C4    1 
ATOM 446 O O4    . DT B 2 8  ? 0.75729   -17.59228 2.57023   1.000 497.09201 ? 138 DT B O4    1 
ATOM 447 C C5    . DT B 2 8  ? -1.27924  -18.53492 3.22007   1.000 490.03623 ? 138 DT B C5    1 
ATOM 448 C C7    . DT B 2 8  ? -1.01911  -18.32272 4.68295   1.000 499.15798 ? 138 DT B C7    1 
ATOM 449 C C6    . DT B 2 8  ? -2.41017  -19.10617 2.77646   1.000 490.78627 ? 138 DT B C6    1 
ATOM 450 P P     . DC C 3 1  ? -11.25117 24.39025  7.39477   1.000 461.62676 ? 198 DC D P     1 
ATOM 451 O OP1   . DC C 3 1  ? -10.12736 23.42600  7.34590   1.000 454.10633 ? 198 DC D OP1   1 
ATOM 452 O OP2   . DC C 3 1  ? -12.30269 24.33013  6.36216   1.000 475.30202 ? 198 DC D OP2   1 
ATOM 453 O "O5'" . DC C 3 1  ? -11.99130 24.29556  8.81242   1.000 460.77326 ? 198 DC D "O5'" 1 
ATOM 454 C "C5'" . DC C 3 1  ? -13.26999 24.91872  9.00287   1.000 469.77491 ? 198 DC D "C5'" 1 
ATOM 455 C "C4'" . DC C 3 1  ? -14.39998 23.90930  8.86124   1.000 480.75863 ? 198 DC D "C4'" 1 
ATOM 456 O "O4'" . DC C 3 1  ? -15.16385 24.19090  7.65724   1.000 492.84968 ? 198 DC D "O4'" 1 
ATOM 457 C "C3'" . DC C 3 1  ? -13.95687 22.44121  8.75827   1.000 479.11636 ? 198 DC D "C3'" 1 
ATOM 458 O "O3'" . DC C 3 1  ? -14.62256 21.65009  9.75718   1.000 481.06841 ? 198 DC D "O3'" 1 
ATOM 459 C "C2'" . DC C 3 1  ? -14.36246 22.03738  7.33428   1.000 489.80270 ? 198 DC D "C2'" 1 
ATOM 460 C "C1'" . DC C 3 1  ? -15.52871 22.97245  7.06535   1.000 499.96391 ? 198 DC D "C1'" 1 
ATOM 461 N N1    . DC C 3 1  ? -15.79539 23.19484  5.61398   1.000 509.43242 ? 198 DC D N1    1 
ATOM 462 C C2    . DC C 3 1  ? -16.99072 22.73195  5.05792   1.000 523.17856 ? 198 DC D C2    1 
ATOM 463 O O2    . DC C 3 1  ? -17.81322 22.16268  5.78454   1.000 527.20488 ? 198 DC D O2    1 
ATOM 464 N N3    . DC C 3 1  ? -17.22389 22.93744  3.73756   1.000 532.14711 ? 198 DC D N3    1 
ATOM 465 C C4    . DC C 3 1  ? -16.31673 23.56136  2.98677   1.000 527.84051 ? 198 DC D C4    1 
ATOM 466 N N4    . DC C 3 1  ? -16.59178 23.73411  1.68912   1.000 537.51965 ? 198 DC D N4    1 
ATOM 467 C C5    . DC C 3 1  ? -15.08816 24.03756  3.53459   1.000 513.81697 ? 198 DC D C5    1 
ATOM 468 C C6    . DC C 3 1  ? -14.87012 23.83056  4.83907   1.000 505.03661 ? 198 DC D C6    1 
ATOM 469 P P     . DT C 3 2  ? -14.58772 20.04120  9.70003   1.000 485.46918 ? 199 DT D P     1 
ATOM 470 O OP1   . DT C 3 2  ? -14.81676 19.56582  11.08363  1.000 482.14968 ? 199 DT D OP1   1 
ATOM 471 O OP2   . DT C 3 2  ? -13.37159 19.59682  8.98127   1.000 479.63488 ? 199 DT D OP2   1 
ATOM 472 O "O5'" . DT C 3 2  ? -15.85300 19.66620  8.79073   1.000 500.74524 ? 199 DT D "O5'" 1 
ATOM 473 C "C5'" . DT C 3 2  ? -15.75650 18.61669  7.82983   1.000 506.24563 ? 199 DT D "C5'" 1 
ATOM 474 C "C4'" . DT C 3 2  ? -16.99867 18.55960  6.95405   1.000 521.01189 ? 199 DT D "C4'" 1 
ATOM 475 O "O4'" . DT C 3 2  ? -16.83801 19.44426  5.83338   1.000 523.69054 ? 199 DT D "O4'" 1 
ATOM 476 C "C3'" . DT C 3 2  ? -17.26874 17.20094  6.33212   1.000 528.86523 ? 199 DT D "C3'" 1 
ATOM 477 O "O3'" . DT C 3 2  ? -18.14238 16.43487  7.17283   1.000 533.90592 ? 199 DT D "O3'" 1 
ATOM 478 C "C2'" . DT C 3 2  ? -17.91548 17.52381  4.96490   1.000 540.58937 ? 199 DT D "C2'" 1 
ATOM 479 C "C1'" . DT C 3 2  ? -17.70069 19.02794  4.79840   1.000 537.05597 ? 199 DT D "C1'" 1 
ATOM 480 N N1    . DT C 3 2  ? -17.10618 19.47890  3.48022   1.000 538.12748 ? 199 DT D N1    1 
ATOM 481 C C2    . DT C 3 2  ? -17.84679 19.40947  2.30619   1.000 551.06928 ? 199 DT D C2    1 
ATOM 482 O O2    . DT C 3 2  ? -18.96610 18.93913  2.24651   1.000 561.97237 ? 199 DT D O2    1 
ATOM 483 N N3    . DT C 3 2  ? -17.19684 19.89742  1.19184   1.000 550.97490 ? 199 DT D N3    1 
ATOM 484 C C4    . DT C 3 2  ? -15.92942 20.45151  1.14557   1.000 539.60554 ? 199 DT D C4    1 
ATOM 485 O O4    . DT C 3 2  ? -15.42250 20.86086  0.11011   1.000 540.78155 ? 199 DT D O4    1 
ATOM 486 C C5    . DT C 3 2  ? -15.23115 20.50791  2.40366   1.000 526.55327 ? 199 DT D C5    1 
ATOM 487 C C7    . DT C 3 2  ? -13.84917 21.08361  2.46789   1.000 513.94748 ? 199 DT D C7    1 
ATOM 488 C C6    . DT C 3 2  ? -15.84678 20.03470  3.49177   1.000 526.47635 ? 199 DT D C6    1 
ATOM 489 P P     . DG C 3 3  ? -17.57511 15.17705  8.00218   1.000 532.39701 ? 200 DG D P     1 
ATOM 490 O OP1   . DG C 3 3  ? -18.12507 15.24978  9.37310   1.000 530.77535 ? 200 DG D OP1   1 
ATOM 491 O OP2   . DG C 3 3  ? -16.11165 15.11893  7.78544   1.000 521.35493 ? 200 DG D OP2   1 
ATOM 492 O "O5'" . DG C 3 3  ? -18.22725 13.90628  7.28342   1.000 544.40959 ? 200 DG D "O5'" 1 
ATOM 493 C "C5'" . DG C 3 3  ? -19.62638 13.65904  7.39746   1.000 556.54379 ? 200 DG D "C5'" 1 
ATOM 494 C "C4'" . DG C 3 3  ? -20.17851 13.03232  6.12519   1.000 568.93646 ? 200 DG D "C4'" 1 
ATOM 495 O "O4'" . DG C 3 3  ? -19.80988 13.84689  4.98547   1.000 569.14596 ? 200 DG D "O4'" 1 
ATOM 496 C "C3'" . DG C 3 3  ? -19.66448 11.63426  5.81022   1.000 569.85178 ? 200 DG D "C3'" 1 
ATOM 497 O "O3'" . DG C 3 3  ? -20.65836 10.89342  5.10282   1.000 584.02372 ? 200 DG D "O3'" 1 
ATOM 498 C "C2'" . DG C 3 3  ? -18.44326 11.91261  4.93971   1.000 562.81585 ? 200 DG D "C2'" 1 
ATOM 499 C "C1'" . DG C 3 3  ? -18.86216 13.16753  4.18067   1.000 566.63957 ? 200 DG D "C1'" 1 
ATOM 500 N N9    . DG C 3 3  ? -17.75228 14.07522  3.92395   1.000 556.18482 ? 200 DG D N9    1 
ATOM 501 C C8    . DG C 3 3  ? -16.72601 14.39037  4.77841   1.000 542.53565 ? 200 DG D C8    1 
ATOM 502 N N7    . DG C 3 3  ? -15.87190 15.23792  4.27836   1.000 535.92811 ? 200 DG D N7    1 
ATOM 503 C C5    . DG C 3 3  ? -16.35891 15.49218  3.00495   1.000 546.56506 ? 200 DG D C5    1 
ATOM 504 C C6    . DG C 3 3  ? -15.85833 16.33970  1.99939   1.000 547.43196 ? 200 DG D C6    1 
ATOM 505 O O6    . DG C 3 3  ? -14.84339 17.04695  2.01654   1.000 538.33593 ? 200 DG D O6    1 
ATOM 506 N N1    . DG C 3 3  ? -16.65315 16.30214  0.86021   1.000 560.52153 ? 200 DG D N1    1 
ATOM 507 C C2    . DG C 3 3  ? -17.79785 15.55491  0.72335   1.000 571.53046 ? 200 DG D C2    1 
ATOM 508 N N2    . DG C 3 3  ? -18.42290 15.65225  -0.45431  1.000 583.75230 ? 200 DG D N2    1 
ATOM 509 N N3    . DG C 3 3  ? -18.28092 14.75937  1.65962   1.000 570.93420 ? 200 DG D N3    1 
ATOM 510 C C4    . DG C 3 3  ? -17.51533 14.78205  2.77405   1.000 558.41861 ? 200 DG D C4    1 
ATOM 511 P P     . DA C 3 4  ? -20.32242 9.43179   4.52293   1.000 581.23021 ? 201 DA D P     1 
ATOM 512 O OP1   . DA C 3 4  ? -21.58590 8.66111   4.48644   1.000 594.91422 ? 201 DA D OP1   1 
ATOM 513 O OP2   . DA C 3 4  ? -19.16170 8.89798   5.27181   1.000 569.65817 ? 201 DA D OP2   1 
ATOM 514 O "O5'" . DA C 3 4  ? -19.85518 9.71897   3.01929   1.000 589.06292 ? 201 DA D "O5'" 1 
ATOM 515 C "C5'" . DA C 3 4  ? -19.37388 8.65578   2.20670   1.000 607.18740 ? 201 DA D "C5'" 1 
ATOM 516 C "C4'" . DA C 3 4  ? -19.71621 8.89118   0.74584   1.000 624.08605 ? 201 DA D "C4'" 1 
ATOM 517 O "O4'" . DA C 3 4  ? -19.13085 10.14244  0.30823   1.000 614.47730 ? 201 DA D "O4'" 1 
ATOM 518 C "C3'" . DA C 3 4  ? -19.14327 7.87367   -0.21637  1.000 643.76242 ? 201 DA D "C3'" 1 
ATOM 519 O "O3'" . DA C 3 4  ? -19.81793 8.00322   -1.46212  1.000 657.51154 ? 201 DA D "O3'" 1 
ATOM 520 C "C2'" . DA C 3 4  ? -17.70296 8.36874   -0.31474  1.000 635.91631 ? 201 DA D "C2'" 1 
ATOM 521 C "C1'" . DA C 3 4  ? -17.94128 9.87441   -0.42527  1.000 621.92913 ? 201 DA D "C1'" 1 
ATOM 522 N N9    . DA C 3 4  ? -16.87813 10.72259  0.11670   1.000 605.74217 ? 201 DA D N9    1 
ATOM 523 C C8    . DA C 3 4  ? -16.39074 10.73439  1.39580   1.000 591.93326 ? 201 DA D C8    1 
ATOM 524 N N7    . DA C 3 4  ? -15.45904 11.64009  1.60047   1.000 579.50484 ? 201 DA D N7    1 
ATOM 525 C C5    . DA C 3 4  ? -15.34036 12.27550  0.37390   1.000 584.84299 ? 201 DA D C5    1 
ATOM 526 C C6    . DA C 3 4  ? -14.51893 13.33349  -0.07528  1.000 577.01632 ? 201 DA D C6    1 
ATOM 527 N N6    . DA C 3 4  ? -13.62551 13.95951  0.69884   1.000 562.03858 ? 201 DA D N6    1 
ATOM 528 N N1    . DA C 3 4  ? -14.65021 13.71732  -1.36482  1.000 585.28312 ? 201 DA D N1    1 
ATOM 529 C C2    . DA C 3 4  ? -15.54926 13.09398  -2.13145  1.000 600.74201 ? 201 DA D C2    1 
ATOM 530 N N3    . DA C 3 4  ? -16.36636 12.09210  -1.82426  1.000 609.69156 ? 201 DA D N3    1 
ATOM 531 C C4    . DA C 3 4  ? -16.21147 11.72705  -0.54467  1.000 600.77454 ? 201 DA D C4    1 
ATOM 532 P P     . DC C 3 5  ? -19.92096 6.77404   -2.48943  1.000 629.87868 ? 202 DC D P     1 
ATOM 533 O OP1   . DC C 3 5  ? -21.35421 6.41283   -2.56628  1.000 637.25064 ? 202 DC D OP1   1 
ATOM 534 O OP2   . DC C 3 5  ? -18.92994 5.74311   -2.10399  1.000 631.66262 ? 202 DC D OP2   1 
ATOM 535 O "O5'" . DC C 3 5  ? -19.48190 7.42667   -3.88578  1.000 639.57276 ? 202 DC D "O5'" 1 
ATOM 536 C "C5'" . DC C 3 5  ? -18.56352 8.52869   -3.90377  1.000 624.83413 ? 202 DC D "C5'" 1 
ATOM 537 C "C4'" . DC C 3 5  ? -17.39172 8.23055   -4.81949  1.000 634.65050 ? 202 DC D "C4'" 1 
ATOM 538 O "O4'" . DC C 3 5  ? -16.25765 9.07120   -4.45759  1.000 618.22155 ? 202 DC D "O4'" 1 
ATOM 539 C "C3'" . DC C 3 5  ? -16.89502 6.79506   -4.73836  1.000 648.76707 ? 202 DC D "C3'" 1 
ATOM 540 O "O3'" . DC C 3 5  ? -16.49123 6.33355   -6.01861  1.000 667.20335 ? 202 DC D "O3'" 1 
ATOM 541 C "C2'" . DC C 3 5  ? -15.72391 6.88879   -3.76397  1.000 633.69412 ? 202 DC D "C2'" 1 
ATOM 542 C "C1'" . DC C 3 5  ? -15.15612 8.26625   -4.08022  1.000 620.37529 ? 202 DC D "C1'" 1 
ATOM 543 N N1    . DC C 3 5  ? -14.46764 8.91064   -2.90987  1.000 599.54101 ? 202 DC D N1    1 
ATOM 544 C C2    . DC C 3 5  ? -13.81409 10.13852  -3.07175  1.000 587.15738 ? 202 DC D C2    1 
ATOM 545 O O2    . DC C 3 5  ? -13.75847 10.66268  -4.18541  1.000 593.21628 ? 202 DC D O2    1 
ATOM 546 N N3    . DC C 3 5  ? -13.17856 10.69117  -2.01291  1.000 569.16071 ? 202 DC D N3    1 
ATOM 547 C C4    . DC C 3 5  ? -13.22922 10.09861  -0.81823  1.000 563.26617 ? 202 DC D C4    1 
ATOM 548 N N4    . DC C 3 5  ? -12.59631 10.69594  0.19479   1.000 545.93362 ? 202 DC D N4    1 
ATOM 549 C C5    . DC C 3 5  ? -13.89735 8.85345   -0.62487  1.000 575.25779 ? 202 DC D C5    1 
ATOM 550 C C6    . DC C 3 5  ? -14.49974 8.30202   -1.68661  1.000 593.16442 ? 202 DC D C6    1 
ATOM 551 P P     . DT C 3 6  ? -16.77986 4.81155   -6.44543  1.000 648.50103 ? 203 DT D P     1 
ATOM 552 O OP1   . DT C 3 6  ? -18.11620 4.76250   -7.07802  1.000 658.73728 ? 203 DT D OP1   1 
ATOM 553 O OP2   . DT C 3 6  ? -16.49392 3.95153   -5.27502  1.000 642.87650 ? 203 DT D OP2   1 
ATOM 554 O "O5'" . DT C 3 6  ? -15.67762 4.51257   -7.56219  1.000 663.16330 ? 203 DT D "O5'" 1 
ATOM 555 C "C5'" . DT C 3 6  ? -14.30809 4.78404   -7.29903  1.000 652.61748 ? 203 DT D "C5'" 1 
ATOM 556 C "C4'" . DT C 3 6  ? -13.87057 6.07498   -7.96942  1.000 645.16503 ? 203 DT D "C4'" 1 
ATOM 557 O "O4'" . DT C 3 6  ? -13.76749 7.12189   -6.97508  1.000 622.02213 ? 203 DT D "O4'" 1 
ATOM 558 C "C3'" . DT C 3 6  ? -12.50990 6.01119   -8.64752  1.000 648.41371 ? 203 DT D "C3'" 1 
ATOM 559 O "O3'" . DT C 3 6  ? -12.48127 6.85013   -9.79129  1.000 652.37609 ? 203 DT D "O3'" 1 
ATOM 560 C "C2'" . DT C 3 6  ? -11.54975 6.50092   -7.56879  1.000 626.92105 ? 203 DT D "C2'" 1 
ATOM 561 C "C1'" . DT C 3 6  ? -12.40855 7.43988   -6.72793  1.000 611.59673 ? 203 DT D "C1'" 1 
ATOM 562 N N1    . DT C 3 6  ? -12.15009 7.29681   -5.27245  1.000 595.57480 ? 203 DT D N1    1 
ATOM 563 C C2    . DT C 3 6  ? -11.54473 8.32491   -4.59078  1.000 576.57368 ? 203 DT D C2    1 
ATOM 564 O O2    . DT C 3 6  ? -11.21492 9.37081   -5.11905  1.000 571.46878 ? 203 DT D O2    1 
ATOM 565 N N3    . DT C 3 6  ? -11.34809 8.08620   -3.25245  1.000 564.20286 ? 203 DT D N3    1 
ATOM 566 C C4    . DT C 3 6  ? -11.68706 6.93832   -2.55466  1.000 568.73728 ? 203 DT D C4    1 
ATOM 567 O O4    . DT C 3 6  ? -11.48326 6.81188   -1.35345  1.000 557.24433 ? 203 DT D O4    1 
ATOM 568 C C5    . DT C 3 6  ? -12.30977 5.90156   -3.33484  1.000 588.33726 ? 203 DT D C5    1 
ATOM 569 C C7    . DT C 3 6  ? -12.71859 4.61573   -2.68288  1.000 594.55417 ? 203 DT D C7    1 
ATOM 570 C C6    . DT C 3 6  ? -12.50068 6.12309   -4.64096  1.000 600.82746 ? 203 DT D C6    1 
ATOM 571 P P     . DG C 3 7  ? -11.59348 6.44080   -11.06713 1.000 633.30341 ? 204 DG D P     1 
ATOM 572 O OP1   . DG C 3 7  ? -11.93774 7.37839   -12.16025 1.000 639.72846 ? 204 DG D OP1   1 
ATOM 573 O OP2   . DG C 3 7  ? -11.74685 4.98212   -11.27181 1.000 650.78406 ? 204 DG D OP2   1 
ATOM 574 O "O5'" . DG C 3 7  ? -10.08641 6.70030   -10.58986 1.000 612.30625 ? 204 DG D "O5'" 1 
ATOM 575 C "C5'" . DG C 3 7  ? -9.28018  5.60924   -10.14338 1.000 609.72675 ? 204 DG D "C5'" 1 
ATOM 576 C "C4'" . DG C 3 7  ? -7.97738  6.10803   -9.54006  1.000 587.35606 ? 204 DG D "C4'" 1 
ATOM 577 O "O4'" . DG C 3 7  ? -8.19931  6.54315   -8.17332  1.000 575.36757 ? 204 DG D "O4'" 1 
ATOM 578 C "C3'" . DG C 3 7  ? -6.85839  5.07441   -9.48541  1.000 582.98958 ? 204 DG D "C3'" 1 
ATOM 579 O "O3'" . DG C 3 7  ? -5.65679  5.65396   -9.94249  1.000 565.18924 ? 204 DG D "O3'" 1 
ATOM 580 C "C2'" . DG C 3 7  ? -6.77943  4.68671   -8.00488  1.000 576.36469 ? 204 DG D "C2'" 1 
ATOM 581 C "C1'" . DG C 3 7  ? -7.24786  5.95494   -7.30974  1.000 565.47392 ? 204 DG D "C1'" 1 
ATOM 582 N N9    . DG C 3 7  ? -7.90866  5.71305   -6.02666  1.000 562.36661 ? 204 DG D N9    1 
ATOM 583 C C8    . DG C 3 7  ? -9.07844  5.02390   -5.82897  1.000 574.28088 ? 204 DG D C8    1 
ATOM 584 N N7    . DG C 3 7  ? -9.45500  4.97769   -4.58392  1.000 565.37699 ? 204 DG D N7    1 
ATOM 585 C C5    . DG C 3 7  ? -8.47749  5.68656   -3.90555  1.000 547.63154 ? 204 DG D C5    1 
ATOM 586 C C6    . DG C 3 7  ? -8.35808  5.96622   -2.52813  1.000 532.28505 ? 204 DG D C6    1 
ATOM 587 O O6    . DG C 3 7  ? -9.11527  5.63211   -1.61111  1.000 530.41273 ? 204 DG D O6    1 
ATOM 588 N N1    . DG C 3 7  ? -7.21983  6.71069   -2.25256  1.000 518.00462 ? 204 DG D N1    1 
ATOM 589 C C2    . DG C 3 7  ? -6.30891  7.13411   -3.18896  1.000 517.77928 ? 204 DG D C2    1 
ATOM 590 N N2    . DG C 3 7  ? -5.27685  7.84793   -2.72335  1.000 503.18934 ? 204 DG D N2    1 
ATOM 591 N N3    . DG C 3 7  ? -6.40844  6.88151   -4.49050  1.000 530.59573 ? 204 DG D N3    1 
ATOM 592 C C4    . DG C 3 7  ? -7.51562  6.15177   -4.77582  1.000 545.67465 ? 204 DG D C4    1 
ATOM 593 P P     . DC C 3 8  ? -4.47683  4.71780   -10.49292 1.000 544.75122 ? 205 DC D P     1 
ATOM 594 O OP1   . DC C 3 8  ? -3.81219  5.43149   -11.60386 1.000 538.60141 ? 205 DC D OP1   1 
ATOM 595 O OP2   . DC C 3 8  ? -5.03601  3.36497   -10.71645 1.000 564.75766 ? 205 DC D OP2   1 
ATOM 596 O "O5'" . DC C 3 8  ? -3.47557  4.62831   -9.25679  1.000 530.39211 ? 205 DC D "O5'" 1 
ATOM 597 C "C5'" . DC C 3 8  ? -3.23943  5.77142   -8.45459  1.000 515.80598 ? 205 DC D "C5'" 1 
ATOM 598 C "C4'" . DC C 3 8  ? -2.67173  5.35658   -7.11536  1.000 511.39556 ? 205 DC D "C4'" 1 
ATOM 599 O "O4'" . DC C 3 8  ? -3.74052  5.22809   -6.15067  1.000 521.02395 ? 205 DC D "O4'" 1 
ATOM 600 C "C3'" . DC C 3 8  ? -1.94277  4.00406   -7.12249  1.000 514.41492 ? 205 DC D "C3'" 1 
ATOM 601 O "O3'" . DC C 3 8  ? -0.60617  4.17802   -6.70159  1.000 496.80388 ? 205 DC D "O3'" 1 
ATOM 602 C "C2'" . DC C 3 8  ? -2.73532  3.14296   -6.13053  1.000 527.76344 ? 205 DC D "C2'" 1 
ATOM 603 C "C1'" . DC C 3 8  ? -3.39922  4.19816   -5.26691  1.000 522.30770 ? 205 DC D "C1'" 1 
ATOM 604 N N1    . DC C 3 8  ? -4.62090  3.71824   -4.57848  1.000 532.65381 ? 205 DC D N1    1 
ATOM 605 C C2    . DC C 3 8  ? -4.85759  4.10571   -3.25838  1.000 522.98165 ? 205 DC D C2    1 
ATOM 606 O O2    . DC C 3 8  ? -4.04581  4.82532   -2.67807  1.000 508.20405 ? 205 DC D O2    1 
ATOM 607 N N3    . DC C 3 8  ? -5.95114  3.64448   -2.62598  1.000 529.06384 ? 205 DC D N3    1 
ATOM 608 C C4    . DC C 3 8  ? -6.80850  2.85490   -3.26432  1.000 545.69405 ? 205 DC D C4    1 
ATOM 609 N N4    . DC C 3 8  ? -7.88180  2.44147   -2.58929  1.000 549.94013 ? 205 DC D N4    1 
ATOM 610 C C5    . DC C 3 8  ? -6.59536  2.44546   -4.61574  1.000 557.62218 ? 205 DC D C5    1 
ATOM 611 C C6    . DC C 3 8  ? -5.49489  2.89559   -5.22881  1.000 549.92408 ? 205 DC D C6    1 
ATOM 612 P P     . DT C 3 9  ? 0.56120   3.22633   -7.26321  1.000 498.71450 ? 206 DT D P     1 
ATOM 613 O OP1   . DT C 3 9  ? 1.02210   3.77820   -8.55729  1.000 501.44038 ? 206 DT D OP1   1 
ATOM 614 O OP2   . DT C 3 9  ? 0.11193   1.81798   -7.17619  1.000 508.04445 ? 206 DT D OP2   1 
ATOM 615 O "O5'" . DT C 3 9  ? 1.71978   3.42157   -6.18857  1.000 485.85550 ? 206 DT D "O5'" 1 
ATOM 616 C "C5'" . DT C 3 9  ? 1.50793   4.30581   -5.09972  1.000 475.87220 ? 206 DT D "C5'" 1 
ATOM 617 C "C4'" . DT C 3 9  ? 1.57735   3.56233   -3.77909  1.000 477.84290 ? 206 DT D "C4'" 1 
ATOM 618 O "O4'" . DT C 3 9  ? 0.27439   3.03568   -3.40936  1.000 492.31394 ? 206 DT D "O4'" 1 
ATOM 619 C "C3'" . DT C 3 9  ? 2.53244   2.36625   -3.76583  1.000 479.48412 ? 206 DT D "C3'" 1 
ATOM 620 O "O3'" . DT C 3 9  ? 3.57350   2.59527   -2.82320  1.000 469.59996 ? 206 DT D "O3'" 1 
ATOM 621 C "C2'" . DT C 3 9  ? 1.63989   1.17997   -3.36106  1.000 495.81741 ? 206 DT D "C2'" 1 
ATOM 622 C "C1'" . DT C 3 9  ? 0.49688   1.88023   -2.64549  1.000 497.44076 ? 206 DT D "C1'" 1 
ATOM 623 N N1    . DT C 3 9  ? -0.76193  1.06863   -2.57543  1.000 512.69265 ? 206 DT D N1    1 
ATOM 624 C C2    . DT C 3 9  ? -1.48618  1.02546   -1.39761  1.000 511.12955 ? 206 DT D C2    1 
ATOM 625 O O2    . DT C 3 9  ? -1.16728  1.63001   -0.39231  1.000 497.64921 ? 206 DT D O2    1 
ATOM 626 N N3    . DT C 3 9  ? -2.60984  0.23962   -1.44826  1.000 524.58252 ? 206 DT D N3    1 
ATOM 627 C C4    . DT C 3 9  ? -3.07022  -0.48725  -2.52282  1.000 542.02397 ? 206 DT D C4    1 
ATOM 628 O O4    . DT C 3 9  ? -4.08861  -1.16482  -2.47104  1.000 551.61656 ? 206 DT D O4    1 
ATOM 629 C C5    . DT C 3 9  ? -2.26867  -0.40431  -3.71353  1.000 541.59423 ? 206 DT D C5    1 
ATOM 630 C C7    . DT C 3 9  ? -2.67811  -1.15854  -4.93941  1.000 555.52605 ? 206 DT D C7    1 
ATOM 631 C C6    . DT C 3 9  ? -1.16437  0.35778   -3.68437  1.000 526.39576 ? 206 DT D C6    1 
ATOM 632 P P     . DG C 3 10 ? 4.96771   1.81125   -2.95822  1.000 463.23916 ? 207 DG D P     1 
ATOM 633 O OP1   . DG C 3 10 ? 5.94296   2.50204   -2.08622  1.000 450.73376 ? 207 DG D OP1   1 
ATOM 634 O OP2   . DG C 3 10 ? 5.26399   1.67466   -4.40420  1.000 470.64049 ? 207 DG D OP2   1 
ATOM 635 O "O5'" . DG C 3 10 ? 4.63762   0.35254   -2.37673  1.000 470.57173 ? 207 DG D "O5'" 1 
ATOM 636 C "C5'" . DG C 3 10 ? 5.04906   -0.01701  -1.06308  1.000 464.76403 ? 207 DG D "C5'" 1 
ATOM 637 C "C4'" . DG C 3 10 ? 3.87419   -0.01282  -0.09725  1.000 464.63396 ? 207 DG D "C4'" 1 
ATOM 638 O "O4'" . DG C 3 10 ? 2.64178   -0.17957  -0.81254  1.000 474.23074 ? 207 DG D "O4'" 1 
ATOM 639 C "C3'" . DG C 3 10 ? 3.86428   -1.15156  0.89844   1.000 467.51525 ? 207 DG D "C3'" 1 
ATOM 640 O "O3'" . DG C 3 10 ? 4.67665   -0.82100  2.01454   1.000 457.08620 ? 207 DG D "O3'" 1 
ATOM 641 C "C2'" . DG C 3 10 ? 2.37809   -1.26106  1.28243   1.000 472.49030 ? 207 DG D "C2'" 1 
ATOM 642 C "C1'" . DG C 3 10 ? 1.65046   -0.59549  0.10479   1.000 476.70131 ? 207 DG D "C1'" 1 
ATOM 643 N N9    . DG C 3 10 ? 0.70758   -1.46602  -0.59338  1.000 489.86012 ? 207 DG D N9    1 
ATOM 644 C C8    . DG C 3 10 ? 0.79258   -1.88795  -1.89651  1.000 498.84614 ? 207 DG D C8    1 
ATOM 645 N N7    . DG C 3 10 ? -0.19304  -2.65205  -2.26600  1.000 511.86659 ? 207 DG D N7    1 
ATOM 646 C C5    . DG C 3 10 ? -0.99152  -2.74212  -1.14250  1.000 508.70812 ? 207 DG D C5    1 
ATOM 647 C C6    . DG C 3 10 ? -2.20276  -3.43886  -0.95184  1.000 518.20090 ? 207 DG D C6    1 
ATOM 648 O O6    . DG C 3 10 ? -2.82447  -4.13111  -1.76859  1.000 529.90838 ? 207 DG D O6    1 
ATOM 649 N N1    . DG C 3 10 ? -2.69815  -3.27458  0.33669   1.000 513.36808 ? 207 DG D N1    1 
ATOM 650 C C2    . DG C 3 10 ? -2.09787  -2.52905  1.31998   1.000 500.90647 ? 207 DG D C2    1 
ATOM 651 N N2    . DG C 3 10 ? -2.73030  -2.49261  2.50665   1.000 498.42779 ? 207 DG D N2    1 
ATOM 652 N N3    . DG C 3 10 ? -0.95312  -1.86386  1.15869   1.000 491.78595 ? 207 DG D N3    1 
ATOM 653 C C4    . DG C 3 10 ? -0.46315  -2.01891  -0.09793  1.000 496.41745 ? 207 DG D C4    1 
ATOM 654 P P     . DT C 3 11 ? 6.11192   -1.51890  2.19242   1.000 455.87157 ? 208 DT D P     1 
ATOM 655 O OP1   . DT C 3 11 ? 7.11589   -0.74297  1.42749   1.000 450.42630 ? 208 DT D OP1   1 
ATOM 656 O OP2   . DT C 3 11 ? 5.91727   -2.95790  1.91829   1.000 468.02770 ? 208 DT D OP2   1 
ATOM 657 O "O5'" . DT C 3 11 ? 6.42080   -1.37975  3.75174   1.000 447.13852 ? 208 DT D "O5'" 1 
ATOM 658 C "C5'" . DT C 3 11 ? 6.64011   -2.54280  4.52591   1.000 451.60266 ? 208 DT D "C5'" 1 
ATOM 659 C "C4'" . DT C 3 11 ? 5.50571   -2.75340  5.50765   1.000 453.14104 ? 208 DT D "C4'" 1 
ATOM 660 O "O4'" . DT C 3 11 ? 4.24732   -2.45944  4.86758   1.000 458.07298 ? 208 DT D "O4'" 1 
ATOM 661 C "C3'" . DT C 3 11 ? 5.36712   -4.17015  6.02454   1.000 462.28069 ? 208 DT D "C3'" 1 
ATOM 662 O "O3'" . DT C 3 11 ? 6.22866   -4.36427  7.16508   1.000 456.71726 ? 208 DT D "O3'" 1 
ATOM 663 C "C2'" . DT C 3 11 ? 3.88177   -4.26135  6.38671   1.000 466.88872 ? 208 DT D "C2'" 1 
ATOM 664 C "C1'" . DT C 3 11 ? 3.22191   -3.25564  5.42826   1.000 465.52026 ? 208 DT D "C1'" 1 
ATOM 665 N N1    . DT C 3 11 ? 2.43600   -3.86786  4.29772   1.000 477.56398 ? 208 DT D N1    1 
ATOM 666 C C2    . DT C 3 11 ? 1.10663   -4.17048  4.47230   1.000 484.47266 ? 208 DT D C2    1 
ATOM 667 O O2    . DT C 3 11 ? 0.51570   -3.99979  5.52248   1.000 481.55737 ? 208 DT D O2    1 
ATOM 668 N N3    . DT C 3 11 ? 0.48591   -4.70023  3.36894   1.000 495.48006 ? 208 DT D N3    1 
ATOM 669 C C4    . DT C 3 11 ? 1.05229   -4.93781  2.13036   1.000 500.10239 ? 208 DT D C4    1 
ATOM 670 O O4    . DT C 3 11 ? 0.41532   -5.41420  1.19504   1.000 510.38267 ? 208 DT D O4    1 
ATOM 671 C C5    . DT C 3 11 ? 2.44138   -4.58677  2.01191   1.000 492.40810 ? 208 DT D C5    1 
ATOM 672 C C7    . DT C 3 11 ? 3.16188   -4.79355  0.71634   1.000 496.86313 ? 208 DT D C7    1 
ATOM 673 C C6    . DT C 3 11 ? 3.05718   -4.07033  3.08514   1.000 481.62315 ? 208 DT D C6    1 
ATOM 674 P P     . DG C 3 12 ? 5.86193   -3.76682  8.61691   1.000 448.22094 ? 209 DG D P     1 
ATOM 675 O OP1   . DG C 3 12 ? 4.98228   -4.74675  9.29199   1.000 456.57634 ? 209 DG D OP1   1 
ATOM 676 O OP2   . DG C 3 12 ? 5.44948   -2.35063  8.50234   1.000 442.35752 ? 209 DG D OP2   1 
ATOM 677 O "O5'" . DG C 3 12 ? 7.26821   -3.73823  9.38233   1.000 440.91184 ? 209 DG D "O5'" 1 
ATOM 678 C "C5'" . DG C 3 12 ? 7.73869   -4.89890  10.07405  1.000 446.52130 ? 209 DG D "C5'" 1 
ATOM 679 C "C4'" . DG C 3 12 ? 9.25419   -4.96627  10.03945  1.000 442.92194 ? 209 DG D "C4'" 1 
ATOM 680 O "O4'" . DG C 3 12 ? 9.67923   -4.83555  8.67976   1.000 447.12284 ? 209 DG D "O4'" 1 
ATOM 681 C "C3'" . DG C 3 12 ? 9.96726   -3.85038  10.80301  1.000 429.58256 ? 209 DG D "C3'" 1 
ATOM 682 O "O3'" . DG C 3 12 ? 10.44104  -4.33936  12.07682  1.000 428.59862 ? 209 DG D "O3'" 1 
ATOM 683 C "C2'" . DG C 3 12 ? 11.12899  -3.42385  9.88454   1.000 440.08114 ? 209 DG D "C2'" 1 
ATOM 684 C "C1'" . DG C 3 12 ? 10.97174  -4.30522  8.64834   1.000 451.67883 ? 209 DG D "C1'" 1 
ATOM 685 N N9    . DG C 3 12 ? 11.11269  -3.58302  7.39876   1.000 461.08309 ? 209 DG D N9    1 
ATOM 686 C C8    . DG C 3 12 ? 10.15130  -3.41927  6.43311   1.000 465.95113 ? 209 DG D C8    1 
ATOM 687 N N7    . DG C 3 12 ? 10.55966  -2.72978  5.40993   1.000 471.15583 ? 209 DG D N7    1 
ATOM 688 C C5    . DG C 3 12 ? 11.87830  -2.41691  5.71861   1.000 469.60932 ? 209 DG D C5    1 
ATOM 689 C C6    . DG C 3 12 ? 12.83142  -1.67976  4.98748   1.000 470.00797 ? 209 DG D C6    1 
ATOM 690 O O6    . DG C 3 12 ? 12.69651  -1.13933  3.88586   1.000 470.16686 ? 209 DG D O6    1 
ATOM 691 N N1    . DG C 3 12 ? 14.05084  -1.59633  5.65745   1.000 466.81954 ? 209 DG D N1    1 
ATOM 692 C C2    . DG C 3 12 ? 14.31123  -2.15626  6.88673   1.000 463.79883 ? 209 DG D C2    1 
ATOM 693 N N2    . DG C 3 12 ? 15.54727  -1.96375  7.38087   1.000 457.92844 ? 209 DG D N2    1 
ATOM 694 N N3    . DG C 3 12 ? 13.42143  -2.84764  7.58420   1.000 461.55424 ? 209 DG D N3    1 
ATOM 695 C C4    . DG C 3 12 ? 12.23110  -2.93636  6.93933   1.000 464.65212 ? 209 DG D C4    1 
ATOM 696 P P     . DC C 3 13 ? 10.34779  -3.41329  13.39104  1.000 476.49551 ? 210 DC D P     1 
ATOM 697 O OP1   . DC C 3 13 ? 9.64178   -4.15415  14.46495  1.000 460.85918 ? 210 DC D OP1   1 
ATOM 698 O OP2   . DC C 3 13 ? 9.82877   -2.10524  12.93774  1.000 477.75618 ? 210 DC D OP2   1 
ATOM 699 O "O5'" . DC C 3 13 ? 11.87425  -3.21166  13.84718  1.000 469.45685 ? 210 DC D "O5'" 1 
ATOM 700 C "C5'" . DC C 3 13 ? 12.91544  -3.09993  12.86273  1.000 484.67286 ? 210 DC D "C5'" 1 
ATOM 701 C "C4'" . DC C 3 13 ? 13.52441  -1.70169  12.84298  1.000 456.18096 ? 210 DC D "C4'" 1 
ATOM 702 O "O4'" . DC C 3 13 ? 14.05699  -1.43034  11.52281  1.000 480.63741 ? 210 DC D "O4'" 1 
ATOM 703 C "C3'" . DC C 3 13 ? 12.54513  -0.56692  13.08514  1.000 436.85663 ? 210 DC D "C3'" 1 
ATOM 704 O "O3'" . DC C 3 13 ? 12.35411  -0.35053  14.49692  1.000 406.12577 ? 210 DC D "O3'" 1 
ATOM 705 C "C2'" . DC C 3 13 ? 13.23572  0.62377   12.41056  1.000 430.55019 ? 210 DC D "C2'" 1 
ATOM 706 C "C1'" . DC C 3 13 ? 14.05956  -0.02990  11.29347  1.000 462.32960 ? 210 DC D "C1'" 1 
ATOM 707 N N1    . DC C 3 13 ? 13.52600  0.25538   9.93182   1.000 498.28138 ? 210 DC D N1    1 
ATOM 708 C C2    . DC C 3 13 ? 14.36168  0.84217   8.98468   1.000 503.28320 ? 210 DC D C2    1 
ATOM 709 O O2    . DC C 3 13 ? 15.53139  1.10362   9.28191   1.000 476.84125 ? 210 DC D O2    1 
ATOM 710 N N3    . DC C 3 13 ? 13.85983  1.11699   7.75822   1.000 531.98612 ? 210 DC D N3    1 
ATOM 711 C C4    . DC C 3 13 ? 12.59054  0.82429   7.47113   1.000 550.58159 ? 210 DC D C4    1 
ATOM 712 N N4    . DC C 3 13 ? 12.14493  1.12058   6.24996   1.000 562.13888 ? 210 DC D N4    1 
ATOM 713 C C5    . DC C 3 13 ? 11.72039  0.23909   8.43108   1.000 539.74522 ? 210 DC D C5    1 
ATOM 714 C C6    . DC C 3 13 ? 12.22521  -0.02168  9.63987   1.000 518.15248 ? 210 DC D C6    1 
ATOM 715 P P     . DG D 4 1  ? 13.18977  10.00020  -1.56894  1.000 471.97773 ? 105 DG X P     1 
ATOM 716 O OP1   . DG D 4 1  ? 12.17060  10.79322  -0.84997  1.000 473.53250 ? 105 DG X OP1   1 
ATOM 717 O OP2   . DG D 4 1  ? 13.00056  9.65149   -2.99725  1.000 447.78335 ? 105 DG X OP2   1 
ATOM 718 O "O5'" . DG D 4 1  ? 14.60150  10.74563  -1.42650  1.000 485.37313 ? 105 DG X "O5'" 1 
ATOM 719 C "C5'" . DG D 4 1  ? 14.94553  11.42574  -0.21560  1.000 504.95643 ? 105 DG X "C5'" 1 
ATOM 720 C "C4'" . DG D 4 1  ? 15.68467  10.49744  0.73334   1.000 527.36777 ? 105 DG X "C4'" 1 
ATOM 721 O "O4'" . DG D 4 1  ? 14.82702  10.18163  1.84931   1.000 533.50000 ? 105 DG X "O4'" 1 
ATOM 722 C "C3'" . DG D 4 1  ? 16.08855  9.15215   0.12835   1.000 525.89540 ? 105 DG X "C3'" 1 
ATOM 723 O "O3'" . DG D 4 1  ? 17.46306  9.18841   -0.32844  1.000 536.50411 ? 105 DG X "O3'" 1 
ATOM 724 C "C2'" . DG D 4 1  ? 15.88449  8.14407   1.26942   1.000 543.45701 ? 105 DG X "C2'" 1 
ATOM 725 C "C1'" . DG D 4 1  ? 15.21794  8.94833   2.39605   1.000 545.18004 ? 105 DG X "C1'" 1 
ATOM 726 N N9    . DG D 4 1  ? 14.03629  8.29139   2.96662   1.000 538.40384 ? 105 DG X N9    1 
ATOM 727 C C8    . DG D 4 1  ? 12.80542  8.13456   2.37252   1.000 521.66308 ? 105 DG X C8    1 
ATOM 728 N N7    . DG D 4 1  ? 11.94242  7.50126   3.11904   1.000 521.49538 ? 105 DG X N7    1 
ATOM 729 C C5    . DG D 4 1  ? 12.64516  7.21920   4.28535   1.000 537.01192 ? 105 DG X C5    1 
ATOM 730 C C6    . DG D 4 1  ? 12.23190  6.54247   5.45675   1.000 540.69012 ? 105 DG X C6    1 
ATOM 731 O O6    . DG D 4 1  ? 11.12205  6.05594   5.71024   1.000 533.03709 ? 105 DG X O6    1 
ATOM 732 N N1    . DG D 4 1  ? 13.25202  6.47945   6.40667   1.000 558.42278 ? 105 DG X N1    1 
ATOM 733 C C2    . DG D 4 1  ? 14.51591  6.99238   6.23673   1.000 574.66128 ? 105 DG X C2    1 
ATOM 734 N N2    . DG D 4 1  ? 15.36982  6.82197   7.25909   1.000 587.93728 ? 105 DG X N2    1 
ATOM 735 N N3    . DG D 4 1  ? 14.92015  7.61896   5.13903   1.000 573.98235 ? 105 DG X N3    1 
ATOM 736 C C4    . DG D 4 1  ? 13.93562  7.69454   4.20697   1.000 551.94731 ? 105 DG X C4    1 
ATOM 737 P P     . DG D 4 2  ? 18.19478  7.85938   -0.87360  1.000 490.53116 ? 106 DG X P     1 
ATOM 738 O OP1   . DG D 4 2  ? 19.26423  8.27998   -1.80517  1.000 489.18039 ? 106 DG X OP1   1 
ATOM 739 O OP2   . DG D 4 2  ? 17.16539  6.90808   -1.34823  1.000 474.07428 ? 106 DG X OP2   1 
ATOM 740 O "O5'" . DG D 4 2  ? 18.88367  7.24911   0.43291   1.000 520.73914 ? 106 DG X "O5'" 1 
ATOM 741 C "C5'" . DG D 4 2  ? 19.44505  8.12231   1.41242   1.000 538.60731 ? 106 DG X "C5'" 1 
ATOM 742 C "C4'" . DG D 4 2  ? 19.76232  7.36951   2.69273   1.000 555.33469 ? 106 DG X "C4'" 1 
ATOM 743 O "O4'" . DG D 4 2  ? 18.53249  7.10396   3.43076   1.000 542.31700 ? 106 DG X "O4'" 1 
ATOM 744 C "C3'" . DG D 4 2  ? 20.42212  6.00702   2.48605   1.000 559.56766 ? 106 DG X "C3'" 1 
ATOM 745 O "O3'" . DG D 4 2  ? 21.39881  5.78485   3.49743   1.000 568.14255 ? 106 DG X "O3'" 1 
ATOM 746 C "C2'" . DG D 4 2  ? 19.24179  5.05108   2.63039   1.000 542.28299 ? 106 DG X "C2'" 1 
ATOM 747 C "C1'" . DG D 4 2  ? 18.48233  5.73000   3.74612   1.000 539.33507 ? 106 DG X "C1'" 1 
ATOM 748 N N9    . DG D 4 2  ? 17.08484  5.30621   3.84943   1.000 521.59447 ? 106 DG X N9    1 
ATOM 749 C C8    . DG D 4 2  ? 16.09624  5.47859   2.92261   1.000 504.65683 ? 106 DG X C8    1 
ATOM 750 N N7    . DG D 4 2  ? 14.94539  4.99397   3.29480   1.000 501.06514 ? 106 DG X N7    1 
ATOM 751 C C5    . DG D 4 2  ? 15.19085  4.45712   4.54318   1.000 511.43401 ? 106 DG X C5    1 
ATOM 752 C C6    . DG D 4 2  ? 14.33245  3.79369   5.44196   1.000 520.47374 ? 106 DG X C6    1 
ATOM 753 O O6    . DG D 4 2  ? 13.12996  3.53246   5.29242   1.000 521.19499 ? 106 DG X O6    1 
ATOM 754 N N1    . DG D 4 2  ? 14.99173  3.40724   6.60227   1.000 529.58041 ? 106 DG X N1    1 
ATOM 755 C C2    . DG D 4 2  ? 16.32556  3.63817   6.86644   1.000 530.32670 ? 106 DG X C2    1 
ATOM 756 N N2    . DG D 4 2  ? 16.78883  3.18313   8.03488   1.000 540.22279 ? 106 DG X N2    1 
ATOM 757 N N3    . DG D 4 2  ? 17.13935  4.25800   6.03453   1.000 522.18811 ? 106 DG X N3    1 
ATOM 758 C C4    . DG D 4 2  ? 16.51493  4.64137   4.90515   1.000 513.92569 ? 106 DG X C4    1 
ATOM 759 P P     . DC D 4 3  ? 22.50643  4.63521   3.31618   1.000 585.45706 ? 107 DC X P     1 
ATOM 760 O OP1   . DC D 4 3  ? 22.91214  4.20186   4.67392   1.000 575.42754 ? 107 DC X OP1   1 
ATOM 761 O OP2   . DC D 4 3  ? 23.53647  5.14648   2.38511   1.000 599.83408 ? 107 DC X OP2   1 
ATOM 762 O "O5'" . DC D 4 3  ? 21.71599  3.47604   2.54563   1.000 569.54293 ? 107 DC X "O5'" 1 
ATOM 763 C "C5'" . DC D 4 3  ? 22.01062  2.12056   2.77941   1.000 547.49321 ? 107 DC X "C5'" 1 
ATOM 764 C "C4'" . DC D 4 3  ? 21.37166  1.62639   4.06824   1.000 535.22385 ? 107 DC X "C4'" 1 
ATOM 765 O "O4'" . DC D 4 3  ? 20.10590  2.28742   4.30689   1.000 542.01754 ? 107 DC X "O4'" 1 
ATOM 766 C "C3'" . DC D 4 3  ? 21.01102  0.16499   4.06301   1.000 508.54499 ? 107 DC X "C3'" 1 
ATOM 767 O "O3'" . DC D 4 3  ? 22.19050  -0.63491  4.26694   1.000 492.62800 ? 107 DC X "O3'" 1 
ATOM 768 C "C2'" . DC D 4 3  ? 19.99743  0.08318   5.20946   1.000 503.84779 ? 107 DC X "C2'" 1 
ATOM 769 C "C1'" . DC D 4 3  ? 19.31007  1.45734   5.15068   1.000 524.44551 ? 107 DC X "C1'" 1 
ATOM 770 N N1    . DC D 4 3  ? 17.89394  1.40684   4.62070   1.000 518.66148 ? 107 DC X N1    1 
ATOM 771 C C2    . DC D 4 3  ? 16.88007  0.78422   5.37565   1.000 502.97623 ? 107 DC X C2    1 
ATOM 772 O O2    . DC D 4 3  ? 17.15366  0.26598   6.46715   1.000 493.89588 ? 107 DC X O2    1 
ATOM 773 N N3    . DC D 4 3  ? 15.61925  0.74515   4.87301   1.000 495.21731 ? 107 DC X N3    1 
ATOM 774 C C4    . DC D 4 3  ? 15.35175  1.30321   3.68820   1.000 499.14397 ? 107 DC X C4    1 
ATOM 775 N N4    . DC D 4 3  ? 14.09667  1.24370   3.23737   1.000 484.94946 ? 107 DC X N4    1 
ATOM 776 C C5    . DC D 4 3  ? 16.36356  1.93842   2.91158   1.000 513.68747 ? 107 DC X C5    1 
ATOM 777 C C6    . DC D 4 3  ? 17.60449  1.96907   3.41041   1.000 525.31790 ? 107 DC X C6    1 
ATOM 778 P P     . DT D 4 4  ? 22.57944  -1.23821  5.70680   1.000 487.05747 ? 108 DT X P     1 
ATOM 779 O OP1   . DT D 4 4  ? 22.49462  -0.18113  6.73878   1.000 499.20077 ? 108 DT X OP1   1 
ATOM 780 O OP2   . DT D 4 4  ? 23.87465  -1.92413  5.52416   1.000 473.62226 ? 108 DT X OP2   1 
ATOM 781 O "O5'" . DT D 4 4  ? 21.48496  -2.37722  5.95429   1.000 476.95848 ? 108 DT X "O5'" 1 
ATOM 782 C "C5'" . DT D 4 4  ? 21.45459  -3.09295  7.17604   1.000 488.27167 ? 108 DT X "C5'" 1 
ATOM 783 C "C4'" . DT D 4 4  ? 20.78252  -4.43793  6.97855   1.000 485.67589 ? 108 DT X "C4'" 1 
ATOM 784 O "O4'" . DT D 4 4  ? 19.48598  -4.24108  6.35195   1.000 480.74898 ? 108 DT X "O4'" 1 
ATOM 785 C "C3'" . DT D 4 4  ? 21.54784  -5.40635  6.07225   1.000 476.12896 ? 108 DT X "C3'" 1 
ATOM 786 O "O3'" . DT D 4 4  ? 21.51401  -6.71774  6.61901   1.000 481.07784 ? 108 DT X "O3'" 1 
ATOM 787 C "C2'" . DT D 4 4  ? 20.78810  -5.32453  4.74831   1.000 464.05064 ? 108 DT X "C2'" 1 
ATOM 788 C "C1'" . DT D 4 4  ? 19.37121  -5.09756  5.23995   1.000 469.92674 ? 108 DT X "C1'" 1 
ATOM 789 N N1    . DT D 4 4  ? 18.47070  -4.46613  4.23534   1.000 461.80885 ? 108 DT X N1    1 
ATOM 790 C C2    . DT D 4 4  ? 17.31966  -5.12029  3.88283   1.000 459.90493 ? 108 DT X C2    1 
ATOM 791 O O2    . DT D 4 4  ? 16.99820  -6.19499  4.35074   1.000 464.43518 ? 108 DT X O2    1 
ATOM 792 N N3    . DT D 4 4  ? 16.55062  -4.47142  2.95942   1.000 452.95798 ? 108 DT X N3    1 
ATOM 793 C C4    . DT D 4 4  ? 16.81527  -3.25567  2.36474   1.000 465.15834 ? 108 DT X C4    1 
ATOM 794 O O4    . DT D 4 4  ? 16.06513  -2.75253  1.54220   1.000 471.14822 ? 108 DT X O4    1 
ATOM 795 C C5    . DT D 4 4  ? 18.03844  -2.61802  2.77701   1.000 476.99089 ? 108 DT X C5    1 
ATOM 796 C C7    . DT D 4 4  ? 18.42308  -1.29335  2.19264   1.000 500.17935 ? 108 DT X C7    1 
ATOM 797 C C6    . DT D 4 4  ? 18.80256  -3.24522  3.68440   1.000 465.13725 ? 108 DT X C6    1 
ATOM 798 P P     . DG D 4 5  ? 22.53200  -7.83989  6.08320   1.000 475.77318 ? 109 DG X P     1 
ATOM 799 O OP1   . DG D 4 5  ? 23.26236  -8.38483  7.24763   1.000 486.85538 ? 109 DG X OP1   1 
ATOM 800 O OP2   . DG D 4 5  ? 23.28712  -7.26253  4.94862   1.000 464.83676 ? 109 DG X OP2   1 
ATOM 801 O "O5'" . DG D 4 5  ? 21.57280  -8.98929  5.52355   1.000 471.26189 ? 109 DG X "O5'" 1 
ATOM 802 C "C5'" . DG D 4 5  ? 20.82109  -9.78743  6.43332   1.000 480.40116 ? 109 DG X "C5'" 1 
ATOM 803 C "C4'" . DG D 4 5  ? 19.86117  -10.71041 5.69927   1.000 474.96767 ? 109 DG X "C4'" 1 
ATOM 804 O "O4'" . DG D 4 5  ? 18.93255  -9.92729  4.90335   1.000 468.06390 ? 109 DG X "O4'" 1 
ATOM 805 C "C3'" . DG D 4 5  ? 20.50455  -11.69305 4.72915   1.000 466.79575 ? 109 DG X "C3'" 1 
ATOM 806 O "O3'" . DG D 4 5  ? 19.72598  -12.89180 4.70022   1.000 468.57160 ? 109 DG X "O3'" 1 
ATOM 807 C "C2'" . DG D 4 5  ? 20.42779  -10.93343 3.40462   1.000 454.30777 ? 109 DG X "C2'" 1 
ATOM 808 C "C1'" . DG D 4 5  ? 19.07088  -10.26244 3.53493   1.000 456.04942 ? 109 DG X "C1'" 1 
ATOM 809 N N9    . DG D 4 5  ? 18.92882  -9.03512  2.75502   1.000 448.38561 ? 109 DG X N9    1 
ATOM 810 C C8    . DG D 4 5  ? 19.79756  -7.97154  2.71062   1.000 446.45417 ? 109 DG X C8    1 
ATOM 811 N N7    . DG D 4 5  ? 19.39099  -6.99803  1.93995   1.000 439.60532 ? 109 DG X N7    1 
ATOM 812 C C5    . DG D 4 5  ? 18.17041  -7.44305  1.44723   1.000 436.96375 ? 109 DG X C5    1 
ATOM 813 C C6    . DG D 4 5  ? 17.25734  -6.81651  0.55926   1.000 430.36119 ? 109 DG X C6    1 
ATOM 814 O O6    . DG D 4 5  ? 17.34519  -5.70678  0.01051   1.000 425.13144 ? 109 DG X O6    1 
ATOM 815 N N1    . DG D 4 5  ? 16.14433  -7.61569  0.32363   1.000 430.67381 ? 109 DG X N1    1 
ATOM 816 C C2    . DG D 4 5  ? 15.93577  -8.85856  0.87204   1.000 436.52670 ? 109 DG X C2    1 
ATOM 817 N N2    . DG D 4 5  ? 14.80281  -9.47634  0.51945   1.000 436.35028 ? 109 DG X N2    1 
ATOM 818 N N3    . DG D 4 5  ? 16.78004  -9.45848  1.70132   1.000 442.55928 ? 109 DG X N3    1 
ATOM 819 C C4    . DG D 4 5  ? 17.87111  -8.69482  1.94428   1.000 442.41604 ? 109 DG X C4    1 
ATOM 820 P P     . DT D 4 6  ? 20.30691  -14.25008 4.06585   1.000 468.15364 ? 110 DT X P     1 
ATOM 821 O OP1   . DT D 4 6  ? 19.18008  -15.21071 4.03109   1.000 470.47543 ? 110 DT X OP1   1 
ATOM 822 O OP2   . DT D 4 6  ? 21.53642  -14.62645 4.79921   1.000 474.50008 ? 110 DT X OP2   1 
ATOM 823 O "O5'" . DT D 4 6  ? 20.72265  -13.82435 2.57979   1.000 454.38175 ? 110 DT X "O5'" 1 
ATOM 824 C "C5'" . DT D 4 6  ? 20.63097  -14.74848 1.51492   1.000 447.15571 ? 110 DT X "C5'" 1 
ATOM 825 C "C4'" . DT D 4 6  ? 19.19701  -14.87441 1.03216   1.000 444.74101 ? 110 DT X "C4'" 1 
ATOM 826 O "O4'" . DT D 4 6  ? 18.61803  -13.55055 0.84272   1.000 441.32493 ? 110 DT X "O4'" 1 
ATOM 827 C "C3'" . DT D 4 6  ? 19.03333  -15.60367 -0.29078  1.000 435.71248 ? 110 DT X "C3'" 1 
ATOM 828 O "O3'" . DT D 4 6  ? 17.85566  -16.40469 -0.26148  1.000 439.41942 ? 110 DT X "O3'" 1 
ATOM 829 C "C2'" . DT D 4 6  ? 18.92136  -14.45581 -1.28975  1.000 425.21703 ? 110 DT X "C2'" 1 
ATOM 830 C "C1'" . DT D 4 6  ? 18.15581  -13.41515 -0.48465  1.000 430.75819 ? 110 DT X "C1'" 1 
ATOM 831 N N1    . DT D 4 6  ? 18.38150  -11.97951 -0.93215  1.000 424.28850 ? 110 DT X N1    1 
ATOM 832 C C2    . DT D 4 6  ? 17.39884  -11.32217 -1.65331  1.000 418.89738 ? 110 DT X C2    1 
ATOM 833 O O2    . DT D 4 6  ? 16.35036  -11.84321 -1.97569  1.000 418.99853 ? 110 DT X O2    1 
ATOM 834 N N3    . DT D 4 6  ? 17.70570  -10.02347 -1.99859  1.000 413.75629 ? 110 DT X N3    1 
ATOM 835 C C4    . DT D 4 6  ? 18.86656  -9.33434  -1.68795  1.000 413.73007 ? 110 DT X C4    1 
ATOM 836 O O4    . DT D 4 6  ? 19.05909  -8.17194  -2.03506  1.000 409.36133 ? 110 DT X O4    1 
ATOM 837 C C5    . DT D 4 6  ? 19.84360  -10.07837 -0.92646  1.000 419.76298 ? 110 DT X C5    1 
ATOM 838 C C7    . DT D 4 6  ? 21.13853  -9.43464  -0.53318  1.000 421.07380 ? 110 DT X C7    1 
ATOM 839 C C6    . DT D 4 6  ? 19.55618  -11.34503 -0.58827  1.000 424.64539 ? 110 DT X C6    1 
ATOM 840 P P     . DG D 4 7  ? 17.91841  -17.95091 -0.69812  1.000 484.42378 ? 111 DG X P     1 
ATOM 841 O OP1   . DG D 4 7  ? 17.10548  -18.73171 0.25888   1.000 495.29485 ? 111 DG X OP1   1 
ATOM 842 O OP2   . DG D 4 7  ? 19.33666  -18.30508 -0.92883  1.000 481.81881 ? 111 DG X OP2   1 
ATOM 843 O "O5'" . DG D 4 7  ? 17.17181  -17.97919 -2.10794  1.000 474.78708 ? 111 DG X "O5'" 1 
ATOM 844 C "C5'" . DG D 4 7  ? 17.68530  -17.23562 -3.19446  1.000 463.47628 ? 111 DG X "C5'" 1 
ATOM 845 C "C4'" . DG D 4 7  ? 16.56911  -16.81671 -4.12938  1.000 457.20108 ? 111 DG X "C4'" 1 
ATOM 846 O "O4'" . DG D 4 7  ? 16.00823  -15.54804 -3.69064  1.000 458.26967 ? 111 DG X "O4'" 1 
ATOM 847 C "C3'" . DG D 4 7  ? 17.00292  -16.58650 -5.56256  1.000 444.93413 ? 111 DG X "C3'" 1 
ATOM 848 O "O3'" . DG D 4 7  ? 16.92543  -17.80504 -6.29140  1.000 443.42699 ? 111 DG X "O3'" 1 
ATOM 849 C "C2'" . DG D 4 7  ? 15.97066  -15.57794 -6.04296  1.000 440.68440 ? 111 DG X "C2'" 1 
ATOM 850 C "C1'" . DG D 4 7  ? 15.78917  -14.70335 -4.81097  1.000 448.11873 ? 111 DG X "C1'" 1 
ATOM 851 N N9    . DG D 4 7  ? 16.73646  -13.59276 -4.73121  1.000 444.16860 ? 111 DG X N9    1 
ATOM 852 C C8    . DG D 4 7  ? 17.97308  -13.62645 -4.14711  1.000 446.49599 ? 111 DG X C8    1 
ATOM 853 N N7    . DG D 4 7  ? 18.61210  -12.49806 -4.19921  1.000 442.68583 ? 111 DG X N7    1 
ATOM 854 C C5    . DG D 4 7  ? 17.74666  -11.64931 -4.87062  1.000 437.22410 ? 111 DG X C5    1 
ATOM 855 C C6    . DG D 4 7  ? 17.90933  -10.29332 -5.21276  1.000 439.02203 ? 111 DG X C6    1 
ATOM 856 O O6    . DG D 4 7  ? 18.88710  -9.57161  -4.99365  1.000 443.82186 ? 111 DG X O6    1 
ATOM 857 N N1    . DG D 4 7  ? 16.80454  -9.79189  -5.89684  1.000 437.93877 ? 111 DG X N1    1 
ATOM 858 C C2    . DG D 4 7  ? 15.67232  -10.51235 -6.20062  1.000 432.30801 ? 111 DG X C2    1 
ATOM 859 N N2    . DG D 4 7  ? 14.70579  -9.84877  -6.86134  1.000 431.82440 ? 111 DG X N2    1 
ATOM 860 N N3    . DG D 4 7  ? 15.49973  -11.79754 -5.87365  1.000 434.38636 ? 111 DG X N3    1 
ATOM 861 C C4    . DG D 4 7  ? 16.57986  -12.29927 -5.20979  1.000 438.08200 ? 111 DG X C4    1 
# 
loop_
_atom_site_anisotrop.id 
_atom_site_anisotrop.type_symbol 
_atom_site_anisotrop.pdbx_label_atom_id 
_atom_site_anisotrop.pdbx_label_alt_id 
_atom_site_anisotrop.pdbx_label_comp_id 
_atom_site_anisotrop.pdbx_label_asym_id 
_atom_site_anisotrop.pdbx_label_seq_id 
_atom_site_anisotrop.pdbx_PDB_ins_code 
_atom_site_anisotrop.U[1][1] 
_atom_site_anisotrop.U[2][2] 
_atom_site_anisotrop.U[3][3] 
_atom_site_anisotrop.U[1][2] 
_atom_site_anisotrop.U[1][3] 
_atom_site_anisotrop.U[2][3] 
_atom_site_anisotrop.pdbx_auth_seq_id 
_atom_site_anisotrop.pdbx_auth_comp_id 
_atom_site_anisotrop.pdbx_auth_asym_id 
_atom_site_anisotrop.pdbx_auth_atom_id 
1   P P     . DA A 1  ? 9.16825  3.41478 4.76636  1.34305  0.04164  -1.05378 112 DA A P     
2   O OP1   . DA A 1  ? 9.45413  3.38874 4.72745  1.39913  0.09477  -1.12469 112 DA A OP1   
3   O OP2   . DA A 1  ? 8.90348  3.43554 4.73343  1.29649  0.01194  -1.02086 112 DA A OP2   
4   O "O5'" . DA A 1  ? 9.33721  3.43152 4.91540  1.26210  -0.11359 -0.99935 112 DA A "O5'" 
5   C "C5'" . DA A 1  ? 9.66671  3.42616 4.99822  1.20320  -0.25042 -1.01263 112 DA A "C5'" 
6   C "C4'" . DA A 1  ? 9.59318  3.45416 5.07974  1.09308  -0.40665 -0.94127 112 DA A "C4'" 
7   O "O4'" . DA A 1  ? 9.32894  3.48790 5.13729  1.06405  -0.41645 -0.85917 112 DA A "O4'" 
8   C "C3'" . DA A 1  ? 9.43711  3.45909 4.99573  1.07407  -0.40219 -0.94062 112 DA A "C3'" 
9   O "O3'" . DA A 1  ? 9.72001  3.46364 5.03366  1.02391  -0.51981 -0.95953 112 DA A "O3'" 
10  C "C2'" . DA A 1  ? 9.12037  3.49749 5.04195  1.01444  -0.44725 -0.85451 112 DA A "C2'" 
11  C "C1'" . DA A 1  ? 9.16450  3.51953 5.16681  0.98809  -0.50312 -0.79898 112 DA A "C1'" 
12  N N9    . DA A 1  ? 8.90684  3.64428 5.24615  0.98827  -0.45952 -0.72847 112 DA A N9    
13  C C8    . DA A 1  ? 8.69032  3.69444 5.17089  1.06848  -0.30953 -0.74786 112 DA A C8    
14  N N7    . DA A 1  ? 8.63716  3.96424 5.40096  1.05352  -0.30557 -0.67480 112 DA A N7    
15  C C5    . DA A 1  ? 8.80878  4.08349 5.63906  0.95631  -0.45749 -0.59415 112 DA A C5    
16  C C6    . DA A 1  ? 8.82815  4.35162 5.93083  0.90062  -0.52088 -0.48584 112 DA A C6    
17  N N6    . DA A 1  ? 8.71947  4.60607 6.06151  0.94177  -0.43256 -0.44636 112 DA A N6    
18  N N1    . DA A 1  ? 8.95310  4.34128 6.07287  0.80389  -0.67899 -0.41667 112 DA A N1    
19  C C2    . DA A 1  ? 9.07325  4.09687 5.93735  0.76516  -0.77477 -0.46306 112 DA A C2    
20  N N3    . DA A 1  ? 9.10521  3.86834 5.67709  0.81455  -0.72714 -0.56904 112 DA A N3    
21  C C4    . DA A 1  ? 8.95909  3.86937 5.53643  0.91143  -0.56079 -0.62699 112 DA A C4    
22  P P     . DC A 2  ? 9.98741  3.48813 5.20913  0.92043  -0.73016 -0.92091 113 DC A P     
23  O OP1   . DC A 2  ? 10.20668 3.48045 5.30509  0.93532  -0.75304 -0.94084 113 DC A OP1   
24  O OP2   . DC A 2  ? 10.21805 3.50656 5.19787  0.89271  -0.80962 -0.95193 113 DC A OP2   
25  O "O5'" . DC A 2  ? 9.69813  3.51663 5.29495  0.83570  -0.81250 -0.81493 113 DC A "O5'" 
26  C "C5'" . DC A 2  ? 9.83268  3.54559 5.48094  0.73219  -0.99922 -0.74782 113 DC A "C5'" 
27  C "C4'" . DC A 2  ? 9.65139  3.57788 5.52299  0.65464  -1.08340 -0.67422 113 DC A "C4'" 
28  O "O4'" . DC A 2  ? 9.47234  3.78684 5.71236  0.65259  -1.02514 -0.59852 113 DC A "O4'" 
29  C "C3'" . DC A 2  ? 9.58796  3.56892 5.39136  0.68095  -1.02549 -0.71492 113 DC A "C3'" 
30  O "O3'" . DC A 2  ? 9.66927  3.60027 5.49285  0.58885  -1.18129 -0.66500 113 DC A "O3'" 
31  C "C2'" . DC A 2  ? 9.31695  3.70665 5.42803  0.73005  -0.87902 -0.69715 113 DC A "C2'" 
32  C "C1'" . DC A 2  ? 9.29588  3.88127 5.68991  0.67545  -0.94195 -0.60304 113 DC A "C1'" 
33  N N1    . DC A 2  ? 9.13005  4.05871 5.76771  0.73915  -0.79775 -0.59327 113 DC A N1    
34  C C2    . DC A 2  ? 9.08436  4.30044 6.03554  0.69912  -0.82766 -0.49824 113 DC A C2    
35  O O2    . DC A 2  ? 9.15859  4.33757 6.19790  0.60854  -0.97239 -0.41775 113 DC A O2    
36  N N3    . DC A 2  ? 8.95838  4.48900 6.10724  0.76335  -0.69752 -0.49471 113 DC A N3    
37  C C4    . DC A 2  ? 8.85349  4.41117 5.91134  0.85752  -0.55198 -0.58107 113 DC A C4    
38  N N4    . DC A 2  ? 8.72445  4.59622 5.97894  0.91764  -0.43760 -0.57810 113 DC A N4    
39  C C5    . DC A 2  ? 8.86684  4.13553 5.62871  0.89685  -0.51740 -0.67120 113 DC A C5    
40  C C6    . DC A 2  ? 9.02027  3.98464 5.57398  0.83830  -0.63874 -0.67385 113 DC A C6    
41  P P     . DG A 3  ? 9.87038  3.60741 5.43115  0.59134  -1.21061 -0.71221 114 DG A P     
42  O OP1   . DG A 3  ? 10.24004 3.60392 5.40085  0.63669  -1.21098 -0.79797 114 DG A OP1   
43  O OP2   . DG A 3  ? 9.57602  3.59304 5.30232  0.64365  -1.06991 -0.71933 114 DG A OP2   
44  O "O5'" . DG A 3  ? 9.97928  3.65509 5.60627  0.46944  -1.42408 -0.63366 114 DG A "O5'" 
45  C "C5'" . DG A 3  ? 9.74542  3.67511 5.62624  0.42713  -1.44300 -0.56854 114 DG A "C5'" 
46  C "C4'" . DG A 3  ? 9.51296  3.69898 5.76737  0.35969  -1.50553 -0.46706 114 DG A "C4'" 
47  O "O4'" . DG A 3  ? 9.25230  3.68092 5.69071  0.42613  -1.35469 -0.47401 114 DG A "O4'" 
48  C "C3'" . DG A 3  ? 9.27947  3.73067 5.82252  0.31037  -1.53661 -0.39252 114 DG A "C3'" 
49  O "O3'" . DG A 3  ? 9.25885  3.77659 6.02805  0.21384  -1.68371 -0.28673 114 DG A "O3'" 
50  C "C2'" . DG A 3  ? 8.99539  3.79780 5.77593  0.39137  -1.34344 -0.41296 114 DG A "C2'" 
51  C "C1'" . DG A 3  ? 9.03256  3.83976 5.81807  0.42516  -1.29237 -0.42143 114 DG A "C1'" 
52  N N9    . DG A 3  ? 8.94042  3.96280 5.80325  0.52635  -1.09883 -0.47855 114 DG A N9    
53  C C8    . DG A 3  ? 8.96296  3.90323 5.62839  0.61530  -0.96744 -0.57522 114 DG A C8    
54  N N7    . DG A 3  ? 8.85724  4.04022 5.66938  0.69113  -0.81653 -0.60591 114 DG A N7    
55  C C5    . DG A 3  ? 8.78039  4.22408 5.88749  0.65393  -0.84624 -0.52679 114 DG A C5    
56  C C6    . DG A 3  ? 8.68084  4.45613 6.03144  0.70567  -0.73358 -0.51873 114 DG A C6    
57  O O6    . DG A 3  ? 8.63409  4.53759 5.99582  0.79302  -0.58903 -0.58582 114 DG A O6    
58  N N1    . DG A 3  ? 8.63509  4.60502 6.23714  0.64751  -0.80573 -0.41747 114 DG A N1    
59  C C2    . DG A 3  ? 8.65647  4.51242 6.29273  0.54770  -0.96926 -0.33112 114 DG A C2    
60  N N2    . DG A 3  ? 8.58090  4.66936 6.49323  0.50652  -1.01011 -0.22798 114 DG A N2    
61  N N3    . DG A 3  ? 8.74812  4.28892 6.16470  0.49376  -1.08639 -0.34175 114 DG A N3    
62  C C4    . DG A 3  ? 8.81781  4.16775 5.96672  0.55333  -1.01483 -0.44342 114 DG A C4    
63  P P     . DG A 4  ? 9.27102  3.89792 6.24486  0.12515  -1.80944 -0.19563 115 DG A P     
64  O OP1   . DG A 4  ? 9.60180  3.92930 6.42629  0.02918  -2.02678 -0.15641 115 DG A OP1   
65  O OP2   . DG A 4  ? 9.15357  3.88174 6.11314  0.17354  -1.71068 -0.23831 115 DG A OP2   
66  O "O5'" . DG A 4  ? 8.93856  3.94197 6.34970  0.10320  -1.77883 -0.09656 115 DG A "O5'" 
67  C "C5'" . DG A 4  ? 8.72947  3.93928 6.26124  0.17469  -1.63060 -0.11473 115 DG A "C5'" 
68  C "C4'" . DG A 4  ? 8.56479  4.16440 6.38269  0.22686  -1.48710 -0.11210 115 DG A "C4'" 
69  O "O4'" . DG A 4  ? 8.52256  4.20412 6.26112  0.33337  -1.30857 -0.20695 115 DG A "O4'" 
70  C "C3'" . DG A 4  ? 8.55489  4.20199 6.40726  0.21938  -1.48779 -0.12642 115 DG A "C3'" 
71  O "O3'" . DG A 4  ? 8.57692  4.39220 6.72104  0.14106  -1.58759 -0.01795 115 DG A "O3'" 
72  C "C2'" . DG A 4  ? 8.37124  4.25921 6.30629  0.32384  -1.28791 -0.20978 115 DG A "C2'" 
73  C "C1'" . DG A 4  ? 8.38634  4.34393 6.30939  0.38299  -1.19187 -0.23771 115 DG A "C1'" 
74  N N9    . DG A 4  ? 8.36684  4.32054 6.14309  0.48405  -1.03478 -0.34974 115 DG A N9    
75  C C8    . DG A 4  ? 8.41361  4.13189 5.91223  0.51991  -1.00347 -0.42911 115 DG A C8    
76  N N7    . DG A 4  ? 8.34861  4.14560 5.80782  0.61412  -0.84748 -0.51241 115 DG A N7    
77  C C5    . DG A 4  ? 8.27037  4.37348 5.98676  0.64101  -0.77804 -0.49236 115 DG A C5    
78  C C6    . DG A 4  ? 8.18163  4.49655 5.98365  0.73236  -0.62285 -0.55482 115 DG A C6    
79  O O6    . DG A 4  ? 8.12581  4.39609 5.80640  0.80817  -0.51108 -0.64088 115 DG A O6    
80  N N1    . DG A 4  ? 8.22071  4.83091 6.28193  0.73221  -0.60469 -0.50273 115 DG A N1    
81  C C2    . DG A 4  ? 8.27464  4.96500 6.50337  0.65423  -0.71554 -0.39570 115 DG A C2    
82  N N2    . DG A 4  ? 8.32353  5.31570 6.78927  0.67205  -0.67193 -0.34846 115 DG A N2    
83  N N3    . DG A 4  ? 8.27550  4.76649 6.44416  0.56634  -0.86085 -0.33423 115 DG A N3    
84  C C4    . DG A 4  ? 8.28831  4.49266 6.19579  0.56418  -0.88732 -0.39072 115 DG A C4    
85  P P     . DA A 5  ? 8.12368  4.21926 6.62273  0.10637  -1.60585 0.09467  116 DA A P     
86  O OP1   . DA A 5  ? 8.27871  4.14746 6.69358  0.03141  -1.75868 0.16256  116 DA A OP1   
87  O OP2   . DA A 5  ? 7.99753  4.33934 6.79711  0.07687  -1.61715 0.15764  116 DA A OP2   
88  O "O5'" . DA A 5  ? 8.06569  4.42284 6.65689  0.20969  -1.41340 0.03975  116 DA A "O5'" 
89  C "C5'" . DA A 5  ? 8.08942  4.56616 6.81085  0.20777  -1.40737 0.10802  116 DA A "C5'" 
90  C "C4'" . DA A 5  ? 7.99920  4.90634 7.04858  0.25853  -1.28392 0.14006  116 DA A "C4'" 
91  O "O4'" . DA A 5  ? 7.92782  4.96088 6.90747  0.36715  -1.11029 0.02380  116 DA A "O4'" 
92  C "C3'" . DA A 5  ? 7.92203  5.05101 7.23444  0.23537  -1.29126 0.17942  116 DA A "C3'" 
93  O "O3'" . DA A 5  ? 7.94703  5.42604 7.58262  0.24592  -1.24430 0.26689  116 DA A "O3'" 
94  C "C2'" . DA A 5  ? 7.88565  5.08317 7.12747  0.31982  -1.15519 0.04636  116 DA A "C2'" 
95  C "C1'" . DA A 5  ? 7.88487  5.16172 7.04063  0.40692  -1.02488 -0.02039 116 DA A "C1'" 
96  N N9    . DA A 5  ? 7.79170  5.00001 6.76472  0.48503  -0.91367 -0.15574 116 DA A N9    
97  C C8    . DA A 5  ? 7.75970  4.67568 6.47770  0.47749  -0.94508 -0.21739 116 DA A C8    
98  N N7    . DA A 5  ? 7.66362  4.59803 6.28614  0.56136  -0.81715 -0.32770 116 DA A N7    
99  C C5    . DA A 5  ? 7.60794  4.86284 6.43016  0.62599  -0.70245 -0.34746 116 DA A C5    
100 C C6    . DA A 5  ? 7.47812  4.90521 6.32783  0.72441  -0.55100 -0.44920 116 DA A C6    
101 N N6    . DA A 5  ? 7.34227  4.63562 6.02804  0.77529  -0.48167 -0.54575 116 DA A N6    
102 N N1    . DA A 5  ? 7.49906  5.24602 6.55440  0.77045  -0.47481 -0.44435 116 DA A N1    
103 C C2    . DA A 5  ? 7.66810  5.55735 6.89298  0.72379  -0.53638 -0.33595 116 DA A C2    
104 N N3    . DA A 5  ? 7.79153  5.54619 7.03147  0.63005  -0.67367 -0.22601 116 DA A N3    
105 C C4    . DA A 5  ? 7.73989  5.16957 6.76879  0.58302  -0.75658 -0.24247 116 DA A C4    
106 P P     . DC A 6  ? 7.50029  5.30389 7.45785  0.25604  -1.19667 0.29240  117 DC A P     
107 O OP1   . DC A 6  ? 7.47421  5.51238 7.71699  0.22533  -1.22342 0.43336  117 DC A OP1   
108 O OP2   . DC A 6  ? 7.45534  5.08238 7.36202  0.20259  -1.28538 0.27854  117 DC A OP2   
109 O "O5'" . DC A 6  ? 7.46832  5.52004 7.44946  0.37786  -1.00234 0.16200  117 DC A "O5'" 
110 C "C5'" . DC A 6  ? 7.54916  5.77577 7.53917  0.44740  -0.89824 0.14892  117 DC A "C5'" 
111 C "C4'" . DC A 6  ? 7.53984  6.09419 7.66813  0.55080  -0.73565 0.05003  117 DC A "C4'" 
112 O "O4'" . DC A 6  ? 7.45723  5.88375 7.37307  0.61191  -0.65848 -0.09515 117 DC A "O4'" 
113 C "C3'" . DC A 6  ? 7.44049  6.22578 7.84136  0.55132  -0.71731 0.05430  117 DC A "C3'" 
114 O "O3'" . DC A 6  ? 7.42467  6.59205 8.03921  0.62794  -0.59996 0.04451  117 DC A "O3'" 
115 C "C2'" . DC A 6  ? 7.32128  5.98330 7.61415  0.57915  -0.68122 -0.07602 117 DC A "C2'" 
116 C "C1'" . DC A 6  ? 7.34114  5.84495 7.35494  0.63508  -0.61678 -0.17417 117 DC A "C1'" 
117 N N1    . DC A 6  ? 7.26659  5.42723 7.02716  0.60935  -0.66480 -0.23009 117 DC A N1    
118 C C2    . DC A 6  ? 7.15543  5.28706 6.80243  0.68456  -0.56007 -0.36293 117 DC A C2    
119 O O2    . DC A 6  ? 7.07980  5.45917 6.83769  0.76710  -0.43942 -0.44068 117 DC A O2    
120 N N3    . DC A 6  ? 7.12292  4.94683 6.53726  0.66353  -0.60010 -0.39814 117 DC A N3    
121 C C4    . DC A 6  ? 7.22898  4.78915 6.51240  0.57586  -0.73905 -0.31901 117 DC A C4    
122 N N4    . DC A 6  ? 7.24072  4.51118 6.27716  0.56539  -0.77012 -0.35767 117 DC A N4    
123 C C5    . DC A 6  ? 7.31339  4.89719 6.71551  0.49610  -0.85525 -0.19313 117 DC A C5    
124 C C6    . DC A 6  ? 7.31001  5.19707 6.95625  0.51601  -0.80993 -0.14871 117 DC A C6    
125 P P     . DA A 7  ? 7.42263  6.89274 8.33747  0.66064  -0.54086 0.01924  118 DA A P     
126 O OP1   . DA A 7  ? 7.39864  7.21000 8.51832  0.70316  -0.47647 0.08913  118 DA A OP1   
127 O OP2   . DA A 7  ? 7.34913  6.66709 8.34192  0.57542  -0.65207 0.07550  118 DA A OP2   
128 O "O5'" . DA A 7  ? 7.29184  6.82761 8.14294  0.75573  -0.41810 -0.16625 118 DA A "O5'" 
129 C "C5'" . DA A 7  ? 7.23276  6.90743 8.00066  0.84452  -0.30943 -0.24657 118 DA A "C5'" 
130 C "C4'" . DA A 7  ? 7.01020  6.64998 7.68728  0.91299  -0.22619 -0.41589 118 DA A "C4'" 
131 O "O4'" . DA A 7  ? 7.13230  6.40827 7.59035  0.86253  -0.29259 -0.43404 118 DA A "O4'" 
132 C "C3'" . DA A 7  ? 6.67140  6.52641 7.58159  0.95909  -0.16376 -0.50913 118 DA A "C3'" 
133 O "O3'" . DA A 7  ? 6.33293  6.30245 7.20626  1.05493  -0.05350 -0.65975 118 DA A "O3'" 
134 C "C2'" . DA A 7  ? 6.76296  6.34632 7.63002  0.88952  -0.24589 -0.50044 118 DA A "C2'" 
135 C "C1'" . DA A 7  ? 6.91959  6.19879 7.46625  0.88009  -0.26476 -0.52402 118 DA A "C1'" 
136 N N9    . DA A 7  ? 7.02809  5.97315 7.42027  0.80324  -0.36514 -0.48353 118 DA A N9    
137 C C8    . DA A 7  ? 7.20223  5.97797 7.56495  0.70639  -0.49615 -0.35559 118 DA A C8    
138 N N7    . DA A 7  ? 7.18737  5.66388 7.37206  0.65704  -0.56991 -0.35158 118 DA A N7    
139 C C5    . DA A 7  ? 7.03068  5.48079 7.12923  0.72801  -0.47218 -0.47851 118 DA A C5    
140 C C6    . DA A 7  ? 6.93794  5.13909 6.84935  0.72778  -0.47641 -0.52873 118 DA A C6    
141 N N6    . DA A 7  ? 7.00791  4.92895 6.75888  0.65221  -0.59099 -0.46085 118 DA A N6    
142 N N1    . DA A 7  ? 6.72982  4.98792 6.62955  0.81053  -0.35922 -0.64850 118 DA A N1    
143 C C2    . DA A 7  ? 6.58699  5.12546 6.64049  0.88604  -0.25516 -0.72214 118 DA A C2    
144 N N3    . DA A 7  ? 6.64935  5.44043 6.86447  0.89752  -0.24125 -0.69155 118 DA A N3    
145 C C4    . DA A 7  ? 6.90489  5.63736 7.13610  0.81603  -0.34965 -0.56283 118 DA A C4    
146 P P     . DG A 8  ? 6.08106  6.27256 7.17574  1.12551  0.02891  -0.80041 119 DG A P     
147 O OP1   . DG A 8  ? 5.83932  6.39829 7.11137  1.19372  0.10038  -0.81759 119 DG A OP1   
148 O OP2   . DG A 8  ? 6.13222  6.20165 7.34285  1.06746  -0.03075 -0.78089 119 DG A OP2   
149 O "O5'" . DG A 8  ? 5.80508  5.90580 6.73990  1.18982  0.09816  -0.94161 119 DG A "O5'" 
150 C "C5'" . DG A 8  ? 5.96510  5.72888 6.69778  1.14955  0.05846  -0.94534 119 DG A "C5'" 
151 C "C4'" . DG A 8  ? 5.68129  5.43817 6.51531  1.18692  0.10555  -1.06746 119 DG A "C4'" 
152 O "O4'" . DG A 8  ? 5.95785  5.42074 6.69960  1.11654  0.03374  -1.01415 119 DG A "O4'" 
153 C "C3'" . DG A 8  ? 5.38569  5.42512 6.53858  1.22239  0.14224  -1.12942 119 DG A "C3'" 
154 O "O3'" . DG A 8  ? 4.98201  5.12853 6.23744  1.30339  0.22702  -1.29075 119 DG A "O3'" 
155 C "C2'" . DG A 8  ? 5.61980  5.52689 6.86822  1.13836  0.05606  -1.03584 119 DG A "C2'" 
156 C "C1'" . DG A 8  ? 5.89355  5.43605 6.87519  1.08539  0.00116  -0.99340 119 DG A "C1'" 
157 N N9    . DG A 8  ? 6.27573  5.61374 7.17644  0.98547  -0.11618 -0.85062 119 DG A N9    
158 C C8    . DG A 8  ? 6.50350  5.91013 7.47222  0.93133  -0.18447 -0.73237 119 DG A C8    
159 N N7    . DG A 8  ? 6.74564  5.91450 7.61634  0.84064  -0.29837 -0.62179 119 DG A N7    
160 C C5    . DG A 8  ? 6.69995  5.63145 7.41006  0.83904  -0.30003 -0.67048 119 DG A C5    
161 C C6    . DG A 8  ? 6.80846  5.43167 7.34193  0.76578  -0.39915 -0.60097 119 DG A C6    
162 O O6    . DG A 8  ? 6.95046  5.43740 7.43673  0.68049  -0.51891 -0.48454 119 DG A O6    
163 N N1    . DG A 8  ? 6.65787  5.13014 7.06310  0.80125  -0.35055 -0.67802 119 DG A N1    
164 C C2    . DG A 8  ? 6.40560  5.00588 6.86927  0.89139  -0.22701 -0.80461 119 DG A C2    
165 N N2    . DG A 8  ? 6.30552  4.73248 6.64723  0.91399  -0.19335 -0.85130 119 DG A N2    
166 N N3    . DG A 8  ? 6.25213  5.13413 6.88340  0.95654  -0.14434 -0.87778 119 DG A N3    
167 C C4    . DG A 8  ? 6.42452  5.45894 7.16027  0.92760  -0.18487 -0.80558 119 DG A C4    
168 P P     . DC A 9  ? 5.50812  5.47701 6.80593  1.29767  0.23124  -1.35192 120 DC A P     
169 O OP1   . DC A 9  ? 5.81337  5.44110 6.82795  1.24608  0.18666  -1.28004 120 DC A OP1   
170 O OP2   . DC A 9  ? 5.03195  5.18391 6.47557  1.38907  0.31948  -1.51458 120 DC A OP2   
171 O "O5'" . DC A 9  ? 5.53236  5.55879 7.08460  1.25221  0.18467  -1.30661 120 DC A "O5'" 
172 C "C5'" . DC A 9  ? 5.26871  5.31301 7.02807  1.27262  0.20999  -1.38607 120 DC A "C5'" 
173 C "C4'" . DC A 9  ? 5.42565  5.16332 7.02155  1.23618  0.18491  -1.35398 120 DC A "C4'" 
174 O "O4'" . DC A 9  ? 5.89125  5.38685 7.25370  1.14974  0.09327  -1.20649 120 DC A "O4'" 
175 C "C3'" . DC A 9  ? 5.31108  5.02416 7.13491  1.22623  0.18097  -1.37268 120 DC A "C3'" 
176 O "O3'" . DC A 9  ? 5.27041  4.79346 6.97804  1.24181  0.21035  -1.40328 120 DC A "O3'" 
177 C "C2'" . DC A 9  ? 5.64326  5.22364 7.44559  1.13145  0.07867  -1.22016 120 DC A "C2'" 
178 C "C1'" . DC A 9  ? 6.01248  5.36618 7.44750  1.08969  0.03141  -1.13574 120 DC A "C1'" 
179 N N1    . DC A 9  ? 6.39523  5.65776 7.75747  1.00092  -0.07695 -0.98872 120 DC A N1    
180 C C2    . DC A 9  ? 6.64419  5.62912 7.85194  0.92431  -0.16811 -0.88503 120 DC A C2    
181 O O2    . DC A 9  ? 6.57302  5.40073 7.70543  0.93495  -0.14879 -0.91078 120 DC A O2    
182 N N3    . DC A 9  ? 6.91861  5.81961 8.06819  0.84186  -0.27725 -0.75591 120 DC A N3    
183 C C4    . DC A 9  ? 6.98291  6.06838 8.23509  0.83531  -0.28875 -0.71998 120 DC A C4    
184 N N4    . DC A 9  ? 7.21806  6.21343 8.43288  0.75052  -0.40173 -0.58548 120 DC A N4    
185 C C5    . DC A 9  ? 6.77415  6.14931 8.17496  0.91711  -0.18701 -0.81712 120 DC A C5    
186 C C6    . DC A 9  ? 6.46945  5.91965 7.91013  0.99731  -0.08782 -0.95372 120 DC A C6    
187 P P     . DA A 10 ? 5.19572  4.80538 7.18054  1.29650  0.27360  -1.51463 121 DA A P     
188 O OP1   . DA A 10 ? 5.00864  4.57646 6.87346  1.35905  0.34535  -1.60409 121 DA A OP1   
189 O OP2   . DA A 10 ? 4.95324  4.84788 7.27567  1.32525  0.28809  -1.58512 121 DA A OP2   
190 O "O5'" . DA A 10 ? 5.40483  4.78862 7.38817  1.23186  0.21895  -1.40588 121 DA A "O5'" 
191 C "C5'" . DA A 10 ? 5.54708  4.96754 7.70892  1.17368  0.15080  -1.32231 121 DA A "C5'" 
192 C "C4'" . DA A 10 ? 5.77668  4.93696 7.82574  1.10767  0.08759  -1.19816 121 DA A "C4'" 
193 O "O4'" . DA A 10 ? 6.12598  5.13889 7.94032  1.02875  -0.01058 -1.06796 121 DA A "O4'" 
194 C "C3'" . DA A 10 ? 5.66841  4.89129 8.04123  1.08564  0.06435  -1.16608 121 DA A "C3'" 
195 O "O3'" . DA A 10 ? 5.83814  4.81710 8.07631  1.04435  0.02715  -1.06709 121 DA A "O3'" 
196 C "C2'" . DA A 10 ? 5.81206  5.11832 8.24840  1.02753  -0.01428 -1.08313 121 DA A "C2'" 
197 C "C1'" . DA A 10 ? 6.18656  5.25249 8.21580  0.97147  -0.08254 -0.98275 121 DA A "C1'" 
198 N N9    . DA A 10 ? 6.40162  5.52646 8.37528  0.92764  -0.14552 -0.91770 121 DA A N9    
199 C C8    . DA A 10 ? 6.33078  5.67272 8.36953  0.96761  -0.10337 -0.97934 121 DA A C8    
200 N N7    . DA A 10 ? 6.60129  5.94347 8.57018  0.91242  -0.17589 -0.88085 121 DA A N7    
201 C C5    . DA A 10 ? 6.83067  5.93058 8.67349  0.82809  -0.28054 -0.75459 121 DA A C5    
202 C C6    . DA A 10 ? 7.10051  6.07793 8.83714  0.73840  -0.40157 -0.61321 121 DA A C6    
203 N N6    . DA A 10 ? 7.22978  6.32070 8.98648  0.71883  -0.43029 -0.56619 121 DA A N6    
204 N N1    . DA A 10 ? 7.19727  5.93209 8.80783  0.67025  -0.49514 -0.51768 121 DA A N1    
205 C C2    . DA A 10 ? 7.08145  5.71345 8.67557  0.69443  -0.45892 -0.55318 121 DA A C2    
206 N N3    . DA A 10 ? 6.85427  5.58653 8.56076  0.77577  -0.34287 -0.67369 121 DA A N3    
207 C C4    . DA A 10 ? 6.71710  5.68204 8.54699  0.83849  -0.26154 -0.77538 121 DA A C4    
208 P P     . DG A 11 ? 5.39814  4.38786 7.91651  1.06609  0.06452  -1.07681 122 DG A P     
209 O OP1   . DG A 11 ? 5.44449  4.23654 7.73577  1.09198  0.11045  -1.07098 122 DG A OP1   
210 O OP2   . DG A 11 ? 5.03504  4.30537 7.95337  1.12330  0.12381  -1.20452 122 DG A OP2   
211 O "O5'" . DG A 11 ? 5.59805  4.49030 8.16985  0.98129  -0.03908 -0.92102 122 DG A "O5'" 
212 C "C5'" . DG A 11 ? 5.89863  4.51674 8.17336  0.93096  -0.09770 -0.79548 122 DG A "C5'" 
213 C "C4'" . DG A 11 ? 6.05023  4.61286 8.37238  0.84455  -0.21608 -0.65230 122 DG A "C4'" 
214 O "O4'" . DG A 11 ? 6.17132  4.77064 8.39494  0.79924  -0.28693 -0.62440 122 DG A "O4'" 
215 C "C3'" . DG A 11 ? 5.82078  4.56363 8.59832  0.84158  -0.21668 -0.64022 122 DG A "C3'" 
216 O "O3'" . DG A 11 ? 5.96556  4.56626 8.72032  0.77105  -0.31149 -0.48520 122 DG A "O3'" 
217 C "C2'" . DG A 11 ? 5.72996  4.68841 8.68795  0.83591  -0.23277 -0.68281 122 DG A "C2'" 
218 C "C1'" . DG A 11 ? 6.02753  4.82533 8.60844  0.77556  -0.31974 -0.60068 122 DG A "C1'" 
219 N N9    . DG A 11 ? 6.00480  4.96616 8.60703  0.78547  -0.31267 -0.65210 122 DG A N9    
220 C C8    . DG A 11 ? 5.79451  4.97396 8.53551  0.86320  -0.21350 -0.79581 122 DG A C8    
221 N N7    . DG A 11 ? 5.84254  5.13825 8.55707  0.85625  -0.22912 -0.79679 122 DG A N7    
222 C C5    . DG A 11 ? 6.09204  5.23029 8.65447  0.76472  -0.34923 -0.64480 122 DG A C5    
223 C C6    . DG A 11 ? 6.23425  5.40173 8.72716  0.71552  -0.41882 -0.56774 122 DG A C6    
224 O O6    . DG A 11 ? 6.19473  5.54548 8.74109  0.74723  -0.37927 -0.61310 122 DG A O6    
225 N N1    . DG A 11 ? 6.42329  5.38273 8.77414  0.62053  -0.55018 -0.41732 122 DG A N1    
226 C C2    . DG A 11 ? 6.47904  5.23311 8.74317  0.58264  -0.60412 -0.35121 122 DG A C2    
227 N N2    . DG A 11 ? 6.63264  5.20508 8.75086  0.49073  -0.74218 -0.21013 122 DG A N2    
228 N N3    . DG A 11 ? 6.37621  5.11026 8.70099  0.63194  -0.53089 -0.41388 122 DG A N3    
229 C C4    . DG A 11 ? 6.18134  5.11083 8.66420  0.72027  -0.40575 -0.55986 122 DG A C4    
230 P P     . DT A 12 ? 5.78267  4.52739 8.98524  0.74744  -0.34073 -0.42543 123 DT A P     
231 O OP1   . DT A 12 ? 5.87188  4.44758 9.02193  0.72541  -0.36660 -0.31247 123 DT A OP1   
232 O OP2   . DT A 12 ? 5.46124  4.47176 9.06383  0.81663  -0.24626 -0.56753 123 DT A OP2   
233 O "O5'" . DT A 12 ? 5.91272  4.66409 9.09878  0.66315  -0.46537 -0.31661 123 DT A "O5'" 
234 C "C5'" . DT A 12 ? 6.05329  4.64596 9.15851  0.58246  -0.58404 -0.14883 123 DT A "C5'" 
235 C "C4'" . DT A 12 ? 6.19458  4.74128 9.15383  0.50366  -0.70664 -0.06020 123 DT A "C4'" 
236 O "O4'" . DT A 12 ? 6.19629  4.84330 9.07487  0.53335  -0.66332 -0.16138 123 DT A "O4'" 
237 C "C3'" . DT A 12 ? 6.07840  4.76521 9.39723  0.45038  -0.78167 0.03541  123 DT A "C3'" 
238 O "O3'" . DT A 12 ? 6.24912  4.75844 9.36257  0.35559  -0.93394 0.19038  123 DT A "O3'" 
239 C "C2'" . DT A 12 ? 5.96202  4.88346 9.47204  0.48097  -0.73196 -0.05603 123 DT A "C2'" 
240 C "C1'" . DT A 12 ? 6.13468  4.93960 9.23719  0.49391  -0.71875 -0.11526 123 DT A "C1'" 
241 N N1    . DT A 12 ? 6.03098  5.05024 9.23241  0.55873  -0.62316 -0.24808 123 DT A N1    
242 C C2    . DT A 12 ? 6.11120  5.18961 9.25612  0.52578  -0.67175 -0.21253 123 DT A C2    
243 O O2    . DT A 12 ? 6.24346  5.20318 9.27725  0.44184  -0.79555 -0.07976 123 DT A O2    
244 N N3    . DT A 12 ? 6.01358  5.30212 9.24663  0.59542  -0.57326 -0.33436 123 DT A N3    
245 C C4    . DT A 12 ? 5.82023  5.25461 9.17903  0.69115  -0.44243 -0.49463 123 DT A C4    
246 O O4    . DT A 12 ? 5.72075  5.34452 9.13628  0.75078  -0.36668 -0.59726 123 DT A O4    
247 C C5    . DT A 12 ? 5.72145  5.07582 9.14896  0.71671  -0.40464 -0.52784 123 DT A C5    
248 C C7    . DT A 12 ? 5.46549  4.96189 9.05626  0.81477  -0.27579 -0.69712 123 DT A C7    
249 C C6    . DT A 12 ? 5.84387  4.99970 9.19222  0.65112  -0.49133 -0.39974 123 DT A C6    
250 P P     . DC A 13 ? 6.09905  4.58414 9.42918  0.29240  -1.03258 0.34772  124 DC A P     
251 O OP1   . DC A 13 ? 6.32342  4.52446 9.25296  0.23141  -1.14844 0.46263  124 DC A OP1   
252 O OP2   . DC A 13 ? 5.89186  4.53514 9.60573  0.35423  -0.92676 0.29584  124 DC A OP2   
253 O "O5'" . DC A 13 ? 6.01178  4.65255 9.60672  0.23570  -1.11326 0.41724  124 DC A "O5'" 
254 C "C5'" . DC A 13 ? 5.78879  4.71254 9.84314  0.28169  -1.02815 0.35136  124 DC A "C5'" 
255 C "C4'" . DC A 13 ? 5.77936  4.84085 9.88099  0.27155  -1.03836 0.33148  124 DC A "C4'" 
256 O "O4'" . DC A 13 ? 5.76730  4.92659 9.78391  0.35582  -0.90986 0.16257  124 DC A "O4'" 
257 C "C3'" . DC A 13 ? 5.58919  4.90267 10.17234 0.26852  -1.03314 0.36709  124 DC A "C3'" 
258 O "O3'" . DC A 13 ? 5.64343  4.92000 10.21947 0.17563  -1.17346 0.52174  124 DC A "O3'" 
259 C "C2'" . DC A 13 ? 5.49048  5.03797 10.21377 0.36076  -0.89146 0.19949  124 DC A "C2'" 
260 C "C1'" . DC A 13 ? 5.66380  5.06513 9.93926  0.37725  -0.87213 0.12808  124 DC A "C1'" 
261 N N1    . DC A 13 ? 5.57304  5.13807 9.88533  0.47949  -0.72448 -0.05646 124 DC A N1    
262 C C2    . DC A 13 ? 5.58706  5.30484 9.88909  0.50331  -0.69031 -0.10133 124 DC A C2    
263 O O2    . DC A 13 ? 5.67942  5.38787 9.95485  0.43716  -0.78140 0.01817  124 DC A O2    
264 N N3    . DC A 13 ? 5.47870  5.35839 9.81253  0.59818  -0.56173 -0.26798 124 DC A N3    
265 C C4    . DC A 13 ? 5.34191  5.22599 9.72398  0.66464  -0.47410 -0.39198 124 DC A C4    
266 N N4    . DC A 13 ? 5.19172  5.23909 9.60195  0.75588  -0.35901 -0.55772 124 DC A N4    
267 C C5    . DC A 13 ? 5.32971  5.05921 9.74554  0.64112  -0.50307 -0.34509 124 DC A C5    
268 C C6    . DC A 13 ? 5.45610  5.03341 9.83060  0.54991  -0.62612 -0.17470 124 DC A C6    
269 P P     . DA A 14 ? 5.53692  4.95832 10.15077 0.16746  -1.17790 0.52357  125 DA A P     
270 O OP1   . DA A 14 ? 5.36359  5.09476 10.37568 0.24462  -1.05202 0.43090  125 DA A OP1   
271 O OP2   . DA A 14 ? 5.72757  4.98531 9.89449  0.16347  -1.19105 0.47962  125 DA A OP2   
272 O "O5'" . DA A 14 ? 5.52910  4.89363 10.24327 0.05551  -1.34911 0.72714  125 DA A "O5'" 
273 C "C5'" . DA A 14 ? 5.46005  4.75395 10.32823 0.00586  -1.43160 0.84106  125 DA A "C5'" 
274 C "C4'" . DA A 14 ? 5.22855  4.78308 10.63278 0.03624  -1.37154 0.85352  125 DA A "C4'" 
275 O "O4'" . DA A 14 ? 5.13830  4.90154 10.71229 0.14956  -1.19161 0.66938  125 DA A "O4'" 
276 C "C3'" . DA A 14 ? 5.13901  4.65078 10.75223 0.01420  -1.41096 0.93538  125 DA A "C3'" 
277 O "O3'" . DA A 14 ? 5.06301  4.72121 11.08389 -0.02809 -1.46916 1.06036  125 DA A "O3'" 
278 C "C2'" . DA A 14 ? 5.04741  4.67314 10.82004 0.12142  -1.24312 0.76738  125 DA A "C2'" 
279 C "C1'" . DA A 14 ? 4.98314  4.83445 10.87671 0.19519  -1.12322 0.62931  125 DA A "C1'" 
280 N N9    . DA A 14 ? 4.95313  4.86609 10.80266 0.29863  -0.97184 0.43076  125 DA A N9    
281 C C8    . DA A 14 ? 4.93630  4.75077 10.73260 0.33389  -0.92428 0.36942  125 DA A C8    
282 N N7    . DA A 14 ? 4.87134  4.77509 10.65644 0.42698  -0.79105 0.18619  125 DA A N7    
283 C C5    . DA A 14 ? 4.85431  4.93142 10.67406 0.45815  -0.74583 0.11980  125 DA A C5    
284 C C6    . DA A 14 ? 4.77301  5.01112 10.58431 0.55120  -0.61960 -0.06188 125 DA A C6    
285 N N6    . DA A 14 ? 4.66208  4.90840 10.44901 0.62834  -0.51919 -0.21854 125 DA A N6    
286 N N1    . DA A 14 ? 4.77842  5.17929 10.62440 0.56371  -0.60152 -0.07107 125 DA A N1    
287 C C2    . DA A 14 ? 4.86712  5.26102 10.76212 0.48386  -0.70539 0.09561  125 DA A C2    
288 N N3    . DA A 14 ? 4.92276  5.16680 10.83858 0.38822  -0.83705 0.27202  125 DA A N3    
289 C C4    . DA A 14 ? 4.91550  5.00332 10.77912 0.38125  -0.85100 0.27233  125 DA A C4    
290 P P     . DC B 1  ? 6.07947  6.96458 2.30608  0.88342  0.49498  1.08734  131 DC B P     
291 O OP1   . DC B 1  ? 6.07233  6.82809 2.32437  1.14927  0.54645  1.03356  131 DC B OP1   
292 O OP2   . DC B 1  ? 6.25507  6.94497 2.30441  0.53381  0.61409  1.13136  131 DC B OP2   
293 O "O5'" . DC B 1  ? 5.87521  7.11191 2.37602  1.19071  0.34137  1.13305  131 DC B "O5'" 
294 C "C5'" . DC B 1  ? 5.86608  7.19173 2.43715  1.19085  0.34860  1.22247  131 DC B "C5'" 
295 C "C4'" . DC B 1  ? 5.86198  7.09384 2.50364  1.46944  0.40159  1.24616  131 DC B "C4'" 
296 O "O4'" . DC B 1  ? 5.77846  7.19634 2.59185  1.61143  0.33454  1.32719  131 DC B "O4'" 
297 C "C3'" . DC B 1  ? 6.05107  6.95033 2.49677  1.24847  0.60436  1.26587  131 DC B "C3'" 
298 O "O3'" . DC B 1  ? 6.09155  6.77136 2.54235  1.56501  0.67243  1.23371  131 DC B "O3'" 
299 C "C2'" . DC B 1  ? 6.08527  7.03303 2.55037  1.07661  0.64468  1.36979  131 DC B "C2'" 
300 C "C1'" . DC B 1  ? 5.90730  7.16474 2.61752  1.41400  0.47368  1.41502  131 DC B "C1'" 
301 N N1    . DC B 1  ? 5.88897  7.33694 2.63922  1.21978  0.42486  1.48678  131 DC B N1    
302 C C2    . DC B 1  ? 5.81322  7.42093 2.74205  1.39933  0.36709  1.57395  131 DC B C2    
303 O O2    . DC B 1  ? 5.77137  7.32503 2.82468  1.72549  0.34287  1.58715  131 DC B O2    
304 N N3    . DC B 1  ? 5.81471  7.57986 2.76448  1.22114  0.33206  1.63311  131 DC B N3    
305 C C4    . DC B 1  ? 5.90767  7.62767 2.69309  0.91080  0.35043  1.59947  131 DC B C4    
306 N N4    . DC B 1  ? 5.93186  7.76829 2.72777  0.78637  0.31904  1.64916  131 DC B N4    
307 C C5    . DC B 1  ? 6.00773  7.51179 2.59509  0.73576  0.40495  1.50712  131 DC B C5    
308 C C6    . DC B 1  ? 5.98263  7.38365 2.57039  0.88041  0.43893  1.45851  131 DC B C6    
309 P P     . DA B 2  ? 6.16028  6.42094 2.45482  1.40605  0.92779  1.23556  132 DA B P     
310 O OP1   . DA B 2  ? 6.23423  6.22308 2.45284  1.65169  0.98166  1.12775  132 DA B OP1   
311 O OP2   . DA B 2  ? 6.24498  6.47537 2.42426  0.88576  1.01801  1.24969  132 DA B OP2   
312 O "O5'" . DA B 2  ? 6.12838  6.30946 2.67491  1.56207  0.93958  1.27957  132 DA B "O5'" 
313 C "C5'" . DA B 2  ? 5.93334  6.23674 2.89841  1.91948  0.71869  1.19914  132 DA B "C5'" 
314 C "C4'" . DA B 2  ? 5.87171  6.16446 3.15680  1.92178  0.69697  1.23328  132 DA B "C4'" 
315 O "O4'" . DA B 2  ? 5.86560  6.51771 2.93171  1.81004  0.65537  1.42226  132 DA B "O4'" 
316 C "C3'" . DA B 2  ? 5.99113  5.91054 3.36896  1.67889  0.90475  1.20619  132 DA B "C3'" 
317 O "O3'" . DA B 2  ? 5.88528  5.63429 3.77223  1.87877  0.83188  1.08741  132 DA B "O3'" 
318 C "C2'" . DA B 2  ? 6.08460  6.17763 3.16243  1.36867  1.00560  1.40563  132 DA B "C2'" 
319 C "C1'" . DA B 2  ? 5.95019  6.48508 3.02761  1.55947  0.79501  1.50573  132 DA B "C1'" 
320 N N9    . DA B 2  ? 6.01025  6.84170 2.72828  1.29567  0.82678  1.67692  132 DA B N9    
321 C C8    . DA B 2  ? 6.04936  6.88927 2.61906  0.97910  0.82983  1.59299  132 DA B C8    
322 N N7    . DA B 2  ? 6.06837  7.03632 2.59238  0.70743  0.77670  1.61183  132 DA B N7    
323 C C5    . DA B 2  ? 6.00598  7.12866 2.68868  0.83817  0.73643  1.72073  132 DA B C5    
324 C C6    . DA B 2  ? 6.00893  7.28871 2.72218  0.69725  0.68050  1.78278  132 DA B C6    
325 N N6    . DA B 2  ? 6.10643  7.35384 2.66157  0.41966  0.66695  1.73306  132 DA B N6    
326 N N1    . DA B 2  ? 5.94154  7.34891 2.83459  0.88705  0.64802  1.89353  132 DA B N1    
327 C C2    . DA B 2  ? 5.90157  7.21589 2.91609  1.21572  0.66860  1.93647  132 DA B C2    
328 N N3    . DA B 2  ? 5.91663  7.00529 2.92826  1.39291  0.71523  1.85459  132 DA B N3    
329 C C4    . DA B 2  ? 5.96474  7.01134 2.77622  1.19524  0.76040  1.76830  132 DA B C4    
330 P P     . DC B 3  ? 5.96805  5.26269 4.09592  1.75264  1.00591  0.97182  133 DC B P     
331 O OP1   . DC B 3  ? 5.82767  4.99635 4.46645  2.07094  0.87312  0.79907  133 DC B OP1   
332 O OP2   . DC B 3  ? 6.13086  5.20145 3.94525  1.53119  1.19748  0.95273  133 DC B OP2   
333 O "O5'" . DC B 3  ? 6.02683  5.34386 4.12821  1.50569  1.09804  1.11038  133 DC B "O5'" 
334 C "C5'" . DC B 3  ? 5.91293  5.49950 4.17802  1.64724  0.93968  1.18915  133 DC B "C5'" 
335 C "C4'" . DC B 3  ? 6.00689  5.70249 4.05061  1.35353  1.04299  1.37467  133 DC B "C4'" 
336 O "O4'" . DC B 3  ? 6.06495  6.07040 3.63746  1.19783  1.05681  1.53572  133 DC B "O4'" 
337 C "C3'" . DC B 3  ? 6.16105  5.51266 4.15930  1.02860  1.28203  1.37354  133 DC B "C3'" 
338 O "O3'" . DC B 3  ? 6.13211  5.39107 4.44147  1.03843  1.27274  1.37397  133 DC B "O3'" 
339 C "C2'" . DC B 3  ? 6.29969  5.82675 3.77962  0.68918  1.41368  1.56237  133 DC B "C2'" 
340 C "C1'" . DC B 3  ? 6.19613  6.18255 3.54401  0.85526  1.22134  1.67647  133 DC B "C1'" 
341 N N1    . DC B 3  ? 6.29197  6.54153 3.11328  0.62779  1.28603  1.83199  133 DC B N1    
342 C C2    . DC B 3  ? 6.29464  6.78766 3.04102  0.40705  1.21844  1.91485  133 DC B C2    
343 O O2    . DC B 3  ? 6.26900  6.82591 3.15982  0.48460  1.21570  2.02821  133 DC B O2    
344 N N3    . DC B 3  ? 6.36068  6.89623 2.90402  0.11813  1.15104  1.82029  133 DC B N3    
345 C C4    . DC B 3  ? 6.40667  6.82714 2.79465  0.03653  1.16177  1.70596  133 DC B C4    
346 N N4    . DC B 3  ? 6.54485  6.84650 2.69396  -0.19043 1.13541  1.61553  133 DC B N4    
347 C C5    . DC B 3  ? 6.36402  6.67523 2.80927  0.24805  1.23219  1.67490  133 DC B C5    
348 C C6    . DC B 3  ? 6.33800  6.52945 2.94842  0.56729  1.31751  1.75031  133 DC B C6    
349 P P     . DA B 4  ? 6.20156  5.00951 4.78694  0.92092  1.43121  1.24690  134 DA B P     
350 O OP1   . DA B 4  ? 6.09106  4.86028 5.12529  1.14066  1.30782  1.17700  134 DA B OP1   
351 O OP2   . DA B 4  ? 6.24239  4.79743 4.81469  0.93699  1.51354  1.10170  134 DA B OP2   
352 O "O5'" . DA B 4  ? 6.36765  5.13211 4.64012  0.50545  1.63551  1.40667  134 DA B "O5'" 
353 C "C5'" . DA B 4  ? 6.37524  5.46400 4.44337  0.40357  1.59158  1.60371  134 DA B "C5'" 
354 C "C4'" . DA B 4  ? 6.54911  5.55472 4.29772  -0.01371 1.81139  1.73352  134 DA B "C4'" 
355 O "O4'" . DA B 4  ? 6.59768  5.94509 3.89090  -0.15973 1.81402  1.90546  134 DA B "O4'" 
356 C "C3'" . DA B 4  ? 6.67994  5.30636 4.34240  -0.22992 2.02573  1.63601  134 DA B "C3'" 
357 O "O3'" . DA B 4  ? 6.69611  4.96752 4.71292  -0.25296 2.10572  1.52169  134 DA B "O3'" 
358 C "C2'" . DA B 4  ? 6.76948  5.58764 4.06924  -0.61509 2.09526  1.74993  134 DA B "C2'" 
359 C "C1'" . DA B 4  ? 6.68240  5.99572 3.79586  -0.55822 1.90304  1.87086  134 DA B "C1'" 
360 N N9    . DA B 4  ? 6.62452  6.21290 3.54242  -0.63859 1.78585  1.81701  134 DA B N9    
361 C C8    . DA B 4  ? 6.64471  6.06107 3.49988  -0.50613 1.83729  1.72558  134 DA B C8    
362 N N7    . DA B 4  ? 6.56122  6.32720 3.27797  -0.62781 1.70034  1.70069  134 DA B N7    
363 C C5    . DA B 4  ? 6.49261  6.60384 3.23133  -0.83414 1.53595  1.72015  134 DA B C5    
364 C C6    . DA B 4  ? 6.87247  6.25961 3.25577  -0.48148 1.74952  1.61269  134 DA B C6    
365 N N6    . DA B 4  ? 6.80181  6.29757 3.18200  -0.33943 1.72957  1.59681  134 DA B N6    
366 N N1    . DA B 4  ? 6.90457  6.39353 3.28114  -0.51951 1.73114  1.67216  134 DA B N1    
367 C C2    . DA B 4  ? 6.92271  6.39566 3.37869  -0.60913 1.75031  1.72623  134 DA B C2    
368 N N3    . DA B 4  ? 6.91229  6.32859 3.41144  -0.84548 1.70882  1.69065  134 DA B N3    
369 C C4    . DA B 4  ? 6.56599  6.54119 3.35552  -0.86133 1.59460  1.78930  134 DA B C4    
370 P P     . DC B 5  ? 6.82414  5.10366 5.04254  -0.31364 2.09385  1.59745  135 DC B P     
371 O OP1   . DC B 5  ? 6.93122  5.42084 4.76155  -0.61757 2.18337  1.81125  135 DC B OP1   
372 O OP2   . DC B 5  ? 6.98702  5.40065 5.57392  0.05488  1.86736  1.53522  135 DC B OP2   
373 O "O5'" . DC B 5  ? 6.90359  4.72085 5.37186  -0.45355 2.26534  1.46287  135 DC B "O5'" 
374 C "C5'" . DC B 5  ? 7.07272  4.65899 5.28243  -0.80617 2.50518  1.48541  135 DC B "C5'" 
375 C "C4'" . DC B 5  ? 7.10506  4.25342 5.63065  -0.81354 2.61968  1.29865  135 DC B "C4'" 
376 O "O4'" . DC B 5  ? 7.03401  4.09233 5.69960  -0.56201 2.55261  1.13466  135 DC B "O4'" 
377 C "C3'" . DC B 5  ? 7.03245  4.05138 6.00277  -0.68507 2.55330  1.22163  135 DC B "C3'" 
378 O "O3'" . DC B 5  ? 7.11438  3.80386 6.22615  -0.87396 2.70054  1.11295  135 DC B "O3'" 
379 C "C2'" . DC B 5  ? 6.86821  3.91531 6.18557  -0.27647 2.35886  1.05963  135 DC B "C2'" 
380 C "C1'" . DC B 5  ? 6.90606  3.84841 6.06072  -0.27164 2.42724  0.97510  135 DC B "C1'" 
381 N N1    . DC B 5  ? 6.76216  3.89884 6.01508  0.08404  2.22514  0.90004  135 DC B N1    
382 C C2    . DC B 5  ? 6.67409  3.62172 6.30494  0.34734  2.15835  0.69396  135 DC B C2    
383 O O2    . DC B 5  ? 6.71623  3.34147 6.59566  0.28356  2.26855  0.57468  135 DC B O2    
384 N N3    . DC B 5  ? 6.54548  3.67863 6.25635  0.66392  1.97389  0.63047  135 DC B N3    
385 C C4    . DC B 5  ? 6.50463  3.98831 5.93920  0.72022  1.86061  0.76113  135 DC B C4    
386 N N4    . DC B 5  ? 6.37882  4.03099 5.90459  1.03149  1.68129  0.69029  135 DC B N4    
387 C C5    . DC B 5  ? 6.59111  4.27753 5.64490  0.45860  1.92538  0.96942  135 DC B C5    
388 C C6    . DC B 5  ? 6.71802  4.22365 5.69373  0.14735  2.10665  1.03247  135 DC B C6    
389 P P     . DC B 6  ? 7.38075  3.90074 6.87126  -0.85809 2.69344  1.05879  136 DC B P     
390 O OP1   . DC B 6  ? 7.40561  4.13156 6.75621  -1.11206 2.62754  1.05070  136 DC B OP1   
391 O OP2   . DC B 6  ? 7.26193  3.98988 6.94024  -0.58781 2.50732  1.11292  136 DC B OP2   
392 O "O5'" . DC B 6  ? 7.35266  3.51693 7.21781  -0.72400 2.73963  0.81982  136 DC B "O5'" 
393 C "C5'" . DC B 6  ? 7.27439  3.39119 7.26840  -0.45225 2.66869  0.70170  136 DC B "C5'" 
394 C "C4'" . DC B 6  ? 7.12184  3.23315 7.59095  -0.11069 2.48785  0.55911  136 DC B "C4'" 
395 O "O4'" . DC B 6  ? 6.98717  3.35159 7.47824  0.20914  2.28927  0.52961  136 DC B "O4'" 
396 C "C3'" . DC B 6  ? 7.08916  3.30608 7.70572  -0.09474 2.40492  0.64079  136 DC B "C3'" 
397 O "O3'" . DC B 6  ? 7.04354  3.02549 8.10657  0.03206  2.38409  0.47573  136 DC B "O3'" 
398 C "C2'" . DC B 6  ? 6.96206  3.56052 7.52707  0.17416  2.18004  0.71721  136 DC B "C2'" 
399 C "C1'" . DC B 6  ? 6.87059  3.43427 7.57864  0.43128  2.10081  0.55278  136 DC B "C1'" 
400 N N1    . DC B 6  ? 6.76233  3.67652 7.33726  0.66796  1.91326  0.61044  136 DC B N1    
401 C C2    . DC B 6  ? 6.62840  3.57231 7.47114  1.00834  1.75783  0.45621  136 DC B C2    
402 O O2    . DC B 6  ? 6.60608  3.29189 7.77189  1.10007  1.78487  0.27636  136 DC B O2    
403 N N3    . DC B 6  ? 6.53351  3.79140 7.24889  1.21540  1.59143  0.50724  136 DC B N3    
404 C C4    . DC B 6  ? 6.57110  4.11408 6.92291  1.10126  1.57233  0.70173  136 DC B C4    
405 N N4    . DC B 6  ? 6.46634  4.31855 6.71207  1.31609  1.40381  0.74186  136 DC B N4    
406 C C5    . DC B 6  ? 6.83776  4.36994 6.91836  0.75921  1.72515  0.86319  136 DC B C5    
407 C C6    . DC B 6  ? 6.88696  4.09904 7.09188  0.55373  1.89065  0.81133  136 DC B C6    
408 P P     . DG B 7  ? 7.16545  3.03844 8.38153  -0.10608 2.42792  0.52260  137 DG B P     
409 O OP1   . DG B 7  ? 7.26124  3.18567 8.20285  -0.46176 2.55646  0.55642  137 DG B OP1   
410 O OP2   . DG B 7  ? 7.09541  3.28241 8.28368  0.04455  2.25218  0.65314  137 DG B OP2   
411 O "O5'" . DG B 7  ? 7.01918  2.94896 8.65837  0.08507  2.27963  0.27140  137 DG B "O5'" 
412 C "C5'" . DG B 7  ? 6.91539  2.92153 8.66705  0.22273  2.19856  0.09827  137 DG B "C5'" 
413 C "C4'" . DG B 7  ? 6.75631  2.95274 8.78942  0.53865  1.93989  -0.02212 137 DG B "C4'" 
414 O "O4'" . DG B 7  ? 6.70234  2.99586 8.66959  0.77346  1.84319  0.02619  137 DG B "O4'" 
415 C "C3'" . DG B 7  ? 6.73550  2.97968 8.95492  0.59992  1.84021  -0.01251 137 DG B "C3'" 
416 O "O3'" . DG B 7  ? 6.63263  3.02967 9.04474  0.74639  1.63577  -0.18095 137 DG B "O3'" 
417 C "C2'" . DG B 7  ? 6.72585  3.02349 8.89817  0.78962  1.78225  0.12872  137 DG B "C2'" 
418 C "C1'" . DG B 7  ? 6.64563  3.06674 8.73521  0.96706  1.69769  0.08023  137 DG B "C1'" 
419 N N9    . DG B 7  ? 6.67991  3.11883 8.57409  1.06643  1.74820  0.26548  137 DG B N9    
420 C C8    . DG B 7  ? 6.78646  3.34530 8.29559  0.79534  1.84021  0.47011  137 DG B C8    
421 N N7    . DG B 7  ? 6.84938  3.73244 8.08819  0.86899  1.73759  0.59783  137 DG B N7    
422 C C5    . DG B 7  ? 6.63327  3.61086 8.08662  1.20948  1.56722  0.47145  137 DG B C5    
423 C C6    . DG B 7  ? 6.56198  3.86055 7.87733  1.42187  1.40325  0.52343  137 DG B C6    
424 O O6    . DG B 7  ? 6.70906  4.28118 7.67280  1.34443  1.37904  0.69549  137 DG B O6    
425 N N1    . DG B 7  ? 6.37380  3.66432 8.00169  1.74734  1.26026  0.35074  137 DG B N1    
426 C C2    . DG B 7  ? 6.33352  3.49133 8.24636  1.76886  1.19405  0.13592  137 DG B C2    
427 N N2    . DG B 7  ? 6.21912  3.61035 8.16398  1.94819  0.91975  -0.03128 137 DG B N2    
428 N N3    . DG B 7  ? 6.41568  3.34527 8.42012  1.55054  1.31964  0.08632  137 DG B N3    
429 C C4    . DG B 7  ? 6.56092  3.27202 8.41942  1.33729  1.56953  0.26669  137 DG B C4    
430 P P     . DT B 8  ? 6.57195  3.08825 9.13654  0.93066  1.43979  -0.21086 138 DT B P     
431 O OP1   . DT B 8  ? 6.54066  3.12153 9.19930  0.96004  1.32081  -0.36657 138 DT B OP1   
432 O OP2   . DT B 8  ? 6.65485  3.05937 9.23720  0.82785  1.55080  -0.07242 138 DT B OP2   
433 O "O5'" . DT B 8  ? 6.48845  3.18926 8.99060  1.20725  1.25773  -0.20145 138 DT B "O5'" 
434 C "C5'" . DT B 8  ? 6.42456  3.29456 8.91604  1.40698  1.02727  -0.33677 138 DT B "C5'" 
435 C "C4'" . DT B 8  ? 6.38416  3.42869 8.83240  1.64298  0.85491  -0.29768 138 DT B "C4'" 
436 O "O4'" . DT B 8  ? 6.34761  3.44888 8.72191  1.69451  0.90496  -0.17211 138 DT B "O4'" 
437 C "C3'" . DT B 8  ? 6.42631  3.45062 8.98181  1.64756  0.84536  -0.23606 138 DT B "C3'" 
438 O "O3'" . DT B 8  ? 6.42963  3.57566 8.93422  1.82672  0.65632  -0.32556 138 DT B "O3'" 
439 C "C2'" . DT B 8  ? 6.41045  3.48702 8.94712  1.70370  0.89576  -0.05253 138 DT B "C2'" 
440 C "C1'" . DT B 8  ? 6.33537  3.54589 8.73597  1.81728  0.84070  -0.05955 138 DT B "C1'" 
441 N N1    . DT B 8  ? 6.34209  3.54070 8.67007  1.79782  0.99875  0.15367  138 DT B N1    
442 C C2    . DT B 8  ? 6.25838  3.68673 8.46806  1.98644  0.89275  0.20705  138 DT B C2    
443 O O2    . DT B 8  ? 6.17817  3.80571 8.34553  2.15240  0.66114  0.06153  138 DT B O2    
444 N N3    . DT B 8  ? 6.30739  3.74094 8.33484  1.94744  1.05968  0.44988  138 DT B N3    
445 C C4    . DT B 8  ? 6.44723  3.82188 8.22108  1.61271  1.22092  0.59726  138 DT B C4    
446 O O4    . DT B 8  ? 6.63564  4.22171 8.02988  1.45633  1.25312  0.77274  138 DT B O4    
447 C C5    . DT B 8  ? 6.52817  3.57902 8.51194  1.45406  1.35081  0.52721  138 DT B C5    
448 C C7    . DT B 8  ? 6.75567  3.71503 8.49502  1.08836  1.53018  0.67302  138 DT B C7    
449 C C6    . DT B 8  ? 6.46412  3.40833 8.77519  1.58632  1.25841  0.31560  138 DT B C6    
450 P P     . DC C 1  ? 7.96231  5.98875 3.58865  2.46472  1.42642  1.46160  198 DC D P     
451 O OP1   . DC C 1  ? 7.83474  5.88399 3.53524  2.34944  1.44567  1.43479  198 DC D OP1   
452 O OP2   . DC C 1  ? 8.30485  6.07433 3.68013  2.63996  1.27672  1.49245  198 DC D OP2   
453 O "O5'" . DC C 1  ? 7.63808  6.16169 3.70751  2.46403  1.47086  1.64196  198 DC D "O5'" 
454 C "C5'" . DC C 1  ? 7.71933  6.31980 3.81018  2.59439  1.43820  1.72389  198 DC D "C5'" 
455 C "C4'" . DC C 1  ? 7.72757  6.49602 4.04304  2.71018  1.26818  1.92148  198 DC D "C4'" 
456 O "O4'" . DC C 1  ? 8.09783  6.51610 4.11211  2.85046  1.10941  1.87141  198 DC D "O4'" 
457 C "C3'" . DC C 1  ? 7.59445  6.46581 4.14399  2.65574  1.17678  2.01422  198 DC D "C3'" 
458 O "O3'" . DC C 1  ? 7.27308  6.62339 4.38194  2.63975  1.12237  2.22345  198 DC D "O3'" 
459 C "C2'" . DC C 1  ? 7.93257  6.42717 4.25053  2.76272  0.96134  1.96908  198 DC D "C2'" 
460 C "C1'" . DC C 1  ? 8.12828  6.53995 4.32812  2.88660  0.89362  1.95589  198 DC D "C1'" 
461 N N1    . DC C 1  ? 8.53082  6.48368 4.34161  2.98004  0.74170  1.82963  198 DC D N1    
462 C C2    . DC C 1  ? 8.62833  6.59851 4.65157  3.07539  0.48872  1.88953  198 DC D C2    
463 O O2    . DC C 1  ? 8.37382  6.74186 4.91570  3.07723  0.39776  2.03959  198 DC D O2    
464 N N3    . DC C 1  ? 8.99118  6.55645 4.67154  3.14820  0.34840  1.76656  198 DC D N3    
465 C C4    . DC C 1  ? 9.25665  6.40596 4.39292  3.13211  0.45491  1.59741  198 DC D C4    
466 N N4    . DC C 1  ? 9.61527  6.37976 4.42827  3.20001  0.30976  1.48192  198 DC D N4    
467 C C5    . DC C 1  ? 9.14921  6.27985 4.09363  3.02881  0.71045  1.52439  198 DC D C5    
468 C C6    . DC C 1  ? 8.78165  6.32354 4.08391  2.95315  0.84151  1.64041  198 DC D C6    
469 P P     . DT C 2  ? 7.13083  6.65454 4.66026  2.60500  0.95576  2.35684  199 DT D P     
470 O OP1   . DT C 2  ? 6.72907  6.78812 4.80230  2.52014  1.01175  2.52572  199 DT D OP1   
471 O OP2   . DT C 2  ? 7.25228  6.47197 4.49969  2.55367  0.98405  2.24936  199 DT D OP2   
472 O "O5'" . DT C 2  ? 7.32088  6.73109 4.97408  2.72858  0.67229  2.37836  199 DT D "O5'" 
473 C "C5'" . DT C 2  ? 7.43067  6.65157 5.15279  2.74306  0.47162  2.35248  199 DT D "C5'" 
474 C "C4'" . DT C 2  ? 7.63754  6.73570 5.42283  2.84727  0.22281  2.32419  199 DT D "C4'" 
475 O "O4'" . DT C 2  ? 8.03522  6.64498 5.21764  2.92864  0.22683  2.15995  199 DT D "O4'" 
476 C "C3'" . DT C 2  ? 7.61732  6.72506 5.75210  2.83626  -0.02238 2.34592  199 DT D "C3'" 
477 O "O3'" . DT C 2  ? 7.30692  6.88592 6.09315  2.78250  -0.12869 2.48905  199 DT D "O3'" 
478 C "C2'" . DT C 2  ? 7.99763  6.71871 5.82359  2.94338  -0.20488 2.22067  199 DT D "C2'" 
479 C "C1'" . DT C 2  ? 8.23644  6.68630 5.48293  3.00101  -0.03139 2.11957  199 DT D "C1'" 
480 N N1    . DT C 2  ? 8.63634  6.53932 5.27073  3.04565  -0.04008 1.93924  199 DT D N1    
481 C C2    . DT C 2  ? 8.91878  6.57178 5.44755  3.12155  -0.25808 1.86046  199 DT D C2    
482 O O2    . DT C 2  ? 8.85761  6.71256 5.78221  3.15318  -0.45424 1.92835  199 DT D O2    
483 N N3    . DT C 2  ? 9.27838  6.43833 5.21783  3.14556  -0.23417 1.69172  199 DT D N3    
484 C C4    . DT C 2  ? 9.37880  6.28105 4.84270  3.09695  -0.01716 1.58949  199 DT D C4    
485 O O4    . DT C 2  ? 9.70787  6.17501 4.66436  3.10972  -0.00977 1.43125  199 DT D O4    
486 C C5    . DT C 2  ? 9.06452  6.25987 4.68223  3.01483  0.20369  1.67383  199 DT D C5    
487 C C7    . DT C 2  ? 9.12082  6.10753 4.29931  2.93278  0.45096  1.55495  199 DT D C7    
488 C C6    . DT C 2  ? 8.71758  6.38905 4.89706  2.99740  0.18156  1.84614  199 DT D C6    
489 P P     . DG C 3  ? 7.00378  6.92871 6.29617  2.64929  -0.11350 2.60524  200 DG D P     
490 O OP1   . DG C 3  ? 6.68450  7.09220 6.39035  2.57701  -0.03321 2.73560  200 DG D OP1   
491 O OP2   . DG C 3  ? 7.05343  6.74296 6.01273  2.61887  0.03640  2.55023  200 DG D OP2   
492 O "O5'" . DG C 3  ? 7.02750  6.95598 6.70161  2.64280  -0.40086 2.60610  200 DG D "O5'" 
493 C "C5'" . DG C 3  ? 6.98104  7.13322 7.03187  2.65079  -0.58206 2.64862  200 DG D "C5'" 
494 C "C4'" . DG C 3  ? 7.21567  7.12081 7.28051  2.71049  -0.84234 2.57328  200 DG D "C4'" 
495 O "O4'" . DG C 3  ? 7.58007  7.00748 7.03741  2.82217  -0.82725 2.44150  200 DG D "O4'" 
496 C "C3'" . DG C 3  ? 7.13252  7.03632 7.48293  2.63874  -0.95725 2.58327  200 DG D "C3'" 
497 O "O3'" . DG C 3  ? 7.23210  7.12065 7.83749  2.66118  -1.22037 2.56061  200 DG D "O3'" 
498 C "C2'" . DG C 3  ? 7.36580  6.83228 7.18636  2.69611  -0.86771 2.47963  200 DG D "C2'" 
499 C "C1'" . DG C 3  ? 7.70051  6.83956 6.98965  2.81776  -0.86255 2.37049  200 DG D "C1'" 
500 N N9    . DG C 3  ? 7.88525  6.68419 6.56305  2.85018  -0.65702 2.27188  200 DG D N9    
501 C C8    . DG C 3  ? 7.71144  6.61096 6.29149  2.77060  -0.41170 2.29498  200 DG D C8    
502 N N7    . DG C 3  ? 7.94856  6.47871 5.93556  2.78557  -0.26303 2.15759  200 DG D N7    
503 C C5    . DG C 3  ? 8.31582  6.46848 5.98268  2.88343  -0.42296 2.04038  200 DG D C5    
504 C C6    . DG C 3  ? 8.71196  6.37191 5.71606  2.93582  -0.36923 1.87207  200 DG D C6    
505 O O6    . DG C 3  ? 8.81844  6.26568 5.37019  2.90339  -0.16165 1.78442  200 DG D O6    
506 N N1    . DG C 3  ? 9.00530  6.40865 5.88332  3.02941  -0.58963 1.80261  200 DG D N1    
507 C C2    . DG C 3  ? 8.91117  6.53525 6.26914  3.04825  -0.82403 1.87222  200 DG D C2    
508 N N2    . DG C 3  ? 9.22052  6.57141 6.38799  3.10942  -1.00519 1.77063  200 DG D N2    
509 N N3    . DG C 3  ? 8.54463  6.62647 6.52180  2.99859  -0.87449 2.02653  200 DG D N3    
510 C C4    . DG C 3  ? 8.27073  6.58772 6.35891  2.92696  -0.66721 2.11055  200 DG D C4    
511 P P     . DA C 4  ? 7.12210  6.95451 8.00748  2.60608  -1.38301 2.54865  201 DA D P     
512 O OP1   . DA C 4  ? 7.08907  7.12650 8.38846  2.58320  -1.59556 2.56023  201 DA D OP1   
513 O OP2   . DA C 4  ? 6.88013  6.85069 7.91361  2.49520  -1.22666 2.60506  201 DA D OP2   
514 O "O5'" . DA C 4  ? 7.56633  6.87999 7.93539  2.73026  -1.44835 2.42328  201 DA D "O5'" 
515 C "C5'" . DA C 4  ? 7.83556  6.95607 8.27873  2.66660  -1.57024 2.33044  201 DA D "C5'" 
516 C "C4'" . DA C 4  ? 8.31592  7.01818 8.37832  2.75306  -1.72670 2.17304  201 DA D "C4'" 
517 O "O4'" . DA C 4  ? 8.53030  6.88035 7.93668  2.81794  -1.57363 2.05491  201 DA D "O4'" 
518 C "C3'" . DA C 4  ? 8.64731  7.09764 8.71509  2.68500  -1.84166 2.04668  201 DA D "C3'" 
519 O "O3'" . DA C 4  ? 8.99689  7.15528 8.83028  2.76793  -2.02983 1.93828  201 DA D "O3'" 
520 C "C2'" . DA C 4  ? 8.79198  6.97233 8.39761  2.64146  -1.62233 1.92964  201 DA D "C2'" 
521 C "C1'" . DA C 4  ? 8.84447  6.85084 7.93517  2.75397  -1.51748 1.89773  201 DA D "C1'" 
522 N N9    . DA C 4  ? 8.78321  6.71929 7.51293  2.72755  -1.24895 1.87056  201 DA D N9    
523 C C8    . DA C 4  ? 8.42270  6.68635 7.38172  2.65830  -1.06714 1.98865  201 DA D C8    
524 N N7    . DA C 4  ? 8.46523  6.57298 6.98034  2.64910  -0.83900 1.92591  201 DA D N7    
525 C C5    . DA C 4  ? 8.87651  6.51620 6.82866  2.71765  -0.87387 1.75709  201 DA D C5    
526 C C6    . DA C 4  ? 9.11782  6.38950 6.41667  2.73843  -0.70329 1.62036  201 DA D C6    
527 N N6    . DA C 4  ? 8.97425  6.30332 6.07733  2.69093  -0.45114 1.63017  201 DA D N6    
528 N N1    . DA C 4  ? 9.51715  6.35677 6.36417  2.80445  -0.80326 1.47148  201 DA D N1    
529 C C2    . DA C 4  ? 9.66272  6.45635 6.70639  2.84847  -1.05537 1.46192  201 DA D C2    
530 N N3    . DA C 4  ? 9.46899  6.58511 7.11140  2.83441  -1.23100 1.57708  201 DA D N3    
531 C C4    . DA C 4  ? 9.07288  6.60443 7.14938  2.76735  -1.12641 1.72349  201 DA D C4    
532 P P     . DC C 5  ? 8.63585  6.64056 8.65612  2.71781  -2.25108 1.84618  202 DC D P     
533 O OP1   . DC C 5  ? 8.53361  6.75525 8.92375  2.77056  -2.47253 1.93541  202 DC D OP1   
534 O OP2   . DC C 5  ? 8.53725  6.62808 8.83497  2.58656  -2.18566 1.84840  202 DC D OP2   
535 O "O5'" . DC C 5  ? 9.16009  6.62663 8.51413  2.77255  -2.26387 1.63700  202 DC D "O5'" 
536 C "C5'" . DC C 5  ? 9.24615  6.45865 8.03605  2.79419  -2.04671 1.55339  202 DC D "C5'" 
537 C "C4'" . DC C 5  ? 9.61406  6.44175 8.05801  2.72543  -2.00549 1.36511  202 DC D "C4'" 
538 O "O4'" . DC C 5  ? 9.58916  6.28227 7.61816  2.70367  -1.74731 1.31282  202 DC D "O4'" 
539 C "C3'" . DC C 5  ? 9.60217  6.55405 8.49398  2.60529  -2.06465 1.36193  202 DC D "C3'" 
540 O "O3'" . DC C 5  ? 10.03761 6.62026 8.69282  2.57598  -2.16692 1.17918  202 DC D "O3'" 
541 C "C2'" . DC C 5  ? 9.36425  6.44651 8.26673  2.52786  -1.81952 1.39678  202 DC D "C2'" 
542 C "C1'" . DC C 5  ? 9.52728  6.29473 7.74942  2.58344  -1.64534 1.29105  202 DC D "C1'" 
543 N N1    . DC C 5  ? 9.21758  6.17652 7.38572  2.55683  -1.39143 1.37266  202 DC D N1    
544 C C2    . DC C 5  ? 9.35267  6.04329 6.91335  2.58996  -1.20277 1.27964  202 DC D C2    
545 O O2    . DC C 5  ? 9.72888  6.01564 6.79500  2.63726  -1.24489 1.12975  202 DC D O2    
546 N N3    . DC C 5  ? 9.07856  5.94974 6.59722  2.55798  -0.97153 1.34968  202 DC D N3    
547 C C4    . DC C 5  ? 8.68028  5.98887 6.73239  2.50034  -0.93048 1.51329  202 DC D C4    
548 N N4    . DC C 5  ? 8.42854  5.90617 6.40828  2.46726  -0.69952 1.57654  202 DC D N4    
549 C C5    . DC C 5  ? 8.53387  6.11739 7.20591  2.46641  -1.12231 1.61538  202 DC D C5    
550 C C6    . DC C 5  ? 8.81127  6.20699 7.51929  2.49633  -1.34631 1.53942  202 DC D C6    
551 P P     . DT C 6  ? 9.61214  6.27197 8.75597  2.50314  -2.37699 1.16725  203 DT D P     
552 O OP1   . DT C 6  ? 9.71434  6.37072 8.94396  2.57888  -2.60933 1.18582  203 DT D OP1   
553 O OP2   . DT C 6  ? 9.22570  6.27105 8.92963  2.41731  -2.31669 1.30890  203 DT D OP2   
554 O "O5'" . DT C 6  ? 10.06163 6.29996 8.83559  2.44088  -2.35583 0.94385  203 DT D "O5'" 
555 C "C5'" . DT C 6  ? 10.05352 6.17691 8.56607  2.38200  -2.13143 0.86778  203 DT D "C5'" 
556 C "C4'" . DT C 6  ? 10.32821 6.06964 8.11548  2.43788  -2.01524 0.73046  203 DT D "C4'" 
557 O "O4'" . DT C 6  ? 10.03121 5.92782 7.67497  2.48120  -1.82234 0.83698  203 DT D "O4'" 
558 C "C3'" . DT C 6  ? 10.60958 6.01439 8.01280  2.36252  -1.89822 0.53104  203 DT D "C3'" 
559 O "O3'" . DT C 6  ? 11.01057 5.98823 7.78853  2.41125  -1.91539 0.37183  203 DT D "O3'" 
560 C "C2'" . DT C 6  ? 10.30576 5.86388 7.65051  2.32643  -1.63730 0.58601  203 DT D "C2'" 
561 C "C1'" . DT C 6  ? 10.03208 5.81521 7.39061  2.41712  -1.59320 0.75422  203 DT D "C1'" 
562 N N1    . DT C 6  ? 9.56126  5.75775 7.31011  2.37705  -1.44954 0.92278  203 DT D N1    
563 C C2    . DT C 6  ? 9.41679  5.63275 6.85763  2.38525  -1.21505 0.94426  203 DT D C2    
564 O O2    . DT C 6  ? 9.65237  5.55386 6.50698  2.42586  -1.11646 0.83227  203 DT D O2    
565 N N3    . DT C 6  ? 8.99169  5.61111 6.83434  2.33979  -1.09925 1.10468  203 DT D N3    
566 C C4    . DT C 6  ? 8.70672  5.69374 7.20897  2.28770  -1.19617 1.24485  203 DT D C4    
567 O O4    . DT C 6  ? 8.33962  5.67522 7.15790  2.24537  -1.08270 1.38841  203 DT D O4    
568 C C5    . DT C 6  ? 8.87799  5.80954 7.66660  2.28217  -1.44069 1.21218  203 DT D C5    
569 C C7    . DT C 6  ? 8.60200  5.89657 8.09178  2.22303  -1.56186 1.35509  203 DT D C7    
570 C C6    . DT C 6  ? 9.29211  5.83918 7.69740  2.32566  -1.55267 1.05224  203 DT D C6    
571 P P     . DG C 7  ? 11.01753 5.58643 7.45868  2.33874  -1.93858 0.13177  204 DG D P     
572 O OP1   . DG C 7  ? 11.42766 5.60846 7.27064  2.40753  -1.99508 0.01459  204 DG D OP1   
573 O OP2   . DG C 7  ? 11.02159 5.71774 7.98750  2.27110  -2.10336 0.12775  204 DG D OP2   
574 O "O5'" . DG C 7  ? 10.84015 5.36183 7.06286  2.26230  -1.67279 0.05851  204 DG D "O5'" 
575 C "C5'" . DG C 7  ? 10.61210 5.31101 7.24373  2.16325  -1.62671 0.05449  204 DG D "C5'" 
576 C "C4'" . DG C 7  ? 10.40904 5.10482 6.80300  2.11140  -1.35948 0.01266  204 DG D "C4'" 
577 O "O4'" . DG C 7  ? 10.05934 5.11816 6.68386  2.14061  -1.24016 0.21308  204 DG D "O4'" 
578 C "C3'" . DG C 7  ? 10.26120 4.99351 6.89623  2.00417  -1.30210 -0.07312 204 DG D "C3'" 
579 O "O3'" . DG C 7  ? 10.31023 4.75015 6.41423  1.95942  -1.12325 -0.25639 204 DG D "O3'" 
580 C "C2'" . DG C 7  ? 9.84830  5.03996 7.01097  1.98252  -1.21504 0.13015  204 DG D "C2'" 
581 C "C1'" . DG C 7  ? 9.75467  5.04781 6.68294  2.05796  -1.10248 0.25215  204 DG D "C1'" 
582 N N9    . DG C 7  ? 9.38698  5.13493 6.84546  2.07535  -1.11146 0.49019  204 DG D N9    
583 C C8    . DG C 7  ? 9.29449  5.27657 7.24900  2.10510  -1.31301 0.62962  204 DG D C8    
584 N N7    . DG C 7  ? 8.91633  5.29870 7.26672  2.10859  -1.26748 0.83183  204 DG D N7    
585 C C5    . DG C 7  ? 8.76182  5.18094 6.86474  2.08105  -1.02033 0.82877  204 DG D C5    
586 C C6    . DG C 7  ? 8.37039  5.15520 6.69880  2.06600  -0.86865 1.00017  204 DG D C6    
587 O O6    . DG C 7  ? 8.06446  5.22088 6.86792  2.07319  -0.92456 1.19390  204 DG D O6    
588 N N1    . DG C 7  ? 8.35027  5.04302 6.28853  2.03306  -0.62797 0.92574  204 DG D N1    
589 C C2    . DG C 7  ? 8.66033  4.95651 6.05641  2.01521  -0.54276 0.71090  204 DG D C2    
590 N N2    . DG C 7  ? 8.58691  4.86490 5.66709  1.97850  -0.30136 0.66825  204 DG D N2    
591 N N3    . DG C 7  ? 9.01321  4.95965 6.18737  2.02697  -0.68286 0.54728  204 DG D N3    
592 C C4    . DG C 7  ? 9.04937  5.08164 6.60214  2.06077  -0.91999 0.61908  204 DG D C4    
593 P P     . DC C 8  ? 10.08353 4.38205 6.23248  1.85586  -1.09457 -0.43967 205 DC D P     
594 O OP1   . DC C 8  ? 10.38031 4.23415 5.84994  1.83675  -1.02105 -0.66958 205 DC D OP1   
595 O OP2   . DC C 8  ? 10.11060 4.53297 6.81465  1.83455  -1.31060 -0.40483 205 DC D OP2   
596 O "O5'" . DC C 8  ? 9.73207  4.32287 6.09755  1.80292  -0.87979 -0.36067 205 DC D "O5'" 
597 C "C5'" . DC C 8  ? 9.60913  4.28940 5.69974  1.83009  -0.67981 -0.28319 205 DC D "C5'" 
598 C "C4'" . DC C 8  ? 9.27683  4.35429 5.79958  1.78501  -0.54796 -0.14194 205 DC D "C4'" 
599 O "O4'" . DC C 8  ? 9.12470  4.56714 6.10469  1.83491  -0.62887 0.10037  205 DC D "O4'" 
600 C "C3'" . DC C 8  ? 9.14103  4.31309 6.09131  1.70474  -0.58767 -0.19381 205 DC D "C3'" 
601 O "O3'" . DC C 8  ? 8.95783  4.15715 5.76132  1.64125  -0.36832 -0.26713 205 DC D "O3'" 
602 C "C2'" . DC C 8  ? 8.93493  4.52822 6.58945  1.71534  -0.70504 0.04218  205 DC D "C2'" 
603 C "C1'" . DC C 8  ? 8.83468  4.61758 6.39306  1.77804  -0.62325 0.21255  205 DC D "C1'" 
604 N N1    . DC C 8  ? 8.67620  4.79040 6.77182  1.81653  -0.77654 0.43344  205 DC D N1    
605 C C2    . DC C 8  ? 8.35921  4.83804 6.67368  1.82816  -0.67098 0.63614  205 DC D C2    
606 O O2    . DC C 8  ? 8.24044  4.76310 6.30589  1.80647  -0.45310 0.63075  205 DC D O2    
607 N N3    . DC C 8  ? 8.16818  4.95667 6.97716  1.85468  -0.80766 0.83224  205 DC D N3    
608 C C4    . DC C 8  ? 8.30569  5.04803 7.38017  1.87210  -1.04057 0.83195  205 DC D C4    
609 N N4    . DC C 8  ? 8.09198  5.15542 7.64782  1.89335  -1.16450 1.02742  205 DC D N4    
610 C C5    . DC C 8  ? 8.65179  5.02393 7.51137  1.86165  -1.15361 0.62815  205 DC D C5    
611 C C6    . DC C 8  ? 8.81758  4.88609 7.19094  1.83344  -1.01565 0.43405  205 DC D C6    
612 P P     . DT C 9  ? 8.99944  4.07095 5.87848  1.55748  -0.35172 -0.45375 206 DT D P     
613 O OP1   . DT C 9  ? 9.39085  4.01087 5.65073  1.54327  -0.32355 -0.70396 206 DT D OP1   
614 O OP2   . DT C 9  ? 8.84233  4.09641 6.36463  1.54347  -0.54440 -0.37302 206 DT D OP2   
615 O "O5'" . DT C 9  ? 8.74279  4.05209 5.66542  1.50609  -0.11172 -0.41344 206 DT D "O5'" 
616 C "C5'" . DT C 9  ? 8.55231  4.10153 5.42713  1.53481  0.02525  -0.24396 206 DT D "C5'" 
617 C "C4'" . DT C 9  ? 8.21772  4.22433 5.71379  1.50949  0.04434  -0.03705 206 DT D "C4'" 
618 O "O4'" . DT C 9  ? 8.17009  4.39506 6.14054  1.55567  -0.14944 0.15848  206 DT D "O4'" 
619 C "C3'" . DT C 9  ? 8.09560  4.17655 5.94606  1.44046  0.03843  -0.10520 206 DT D "C3'" 
620 O "O3'" . DT C 9  ? 7.89437  4.19293 5.75535  1.39319  0.25217  -0.07011 206 DT D "O3'" 
621 C "C2'" . DT C 9  ? 7.98851  4.32736 6.52292  1.45239  -0.17136 0.07265  206 DT D "C2'" 
622 C "C1'" . DT C 9  ? 7.92562  4.46599 6.50888  1.51152  -0.19246 0.27861  206 DT D "C1'" 
623 N N1    . DT C 9  ? 7.90194  4.59468 6.98336  1.54306  -0.42728 0.42797  206 DT D N1    
624 C C2    . DT C 9  ? 7.62030  4.69924 7.10106  1.55782  -0.44212 0.67551  206 DT D C2    
625 O O2    . DT C 9  ? 7.38388  4.69103 6.83349  1.54746  -0.27274 0.78315  206 DT D O2    
626 N N3    . DT C 9  ? 7.60736  4.79895 7.52545  1.57946  -0.66315 0.78907  206 DT D N3    
627 C C4    . DT C 9  ? 7.87781  4.84309 7.87354  1.58770  -0.86473 0.68415  206 DT D C4    
628 O O4    . DT C 9  ? 7.82071  4.91768 8.22052  1.60231  -1.05279 0.79817  206 DT D O4    
629 C C5    . DT C 9  ? 8.14731  4.71509 7.71571  1.57119  -0.83724 0.42708  206 DT D C5    
630 C C7    . DT C 9  ? 8.39837  4.70016 8.00892  1.57172  -1.04283 0.29183  206 DT D C7    
631 C C6    . DT C 9  ? 8.13722  4.58895 7.27447  1.54948  -0.62256 0.31208  206 DT D C6    
632 P P     . DG C 10 ? 7.78302  4.06634 5.75161  1.32051  0.33146  -0.21613 207 DG D P     
633 O OP1   . DG C 10 ? 7.62801  4.08307 5.41475  1.28281  0.58020  -0.19677 207 DG D OP1   
634 O OP2   . DG C 10 ? 8.12993  3.99336 5.75890  1.30957  0.26579  -0.47301 207 DG D OP2   
635 O "O5'" . DG C 10 ? 7.52058  4.10382 6.25518  1.30979  0.16816  -0.05474 207 DG D "O5'" 
636 C "C5'" . DG C 10 ? 7.17473  4.15901 6.32519  1.27937  0.25525  0.12364  207 DG D "C5'" 
637 C "C4'" . DG C 10 ? 6.94409  4.24676 6.46313  1.31331  0.17250  0.39581  207 DG D "C4'" 
638 O "O4'" . DG C 10 ? 7.10258  4.25098 6.66504  1.36379  -0.03600 0.40711  207 DG D "O4'" 
639 C "C3'" . DG C 10 ? 6.62900  4.30435 6.83011  1.28283  0.10461  0.58944  207 DG D "C3'" 
640 O "O3'" . DG C 10 ? 6.39043  4.34838 6.62839  1.24425  0.30151  0.68104  207 DG D "O3'" 
641 C "C2'" . DG C 10 ? 6.53192  4.37918 7.04138  1.32455  -0.05852 0.79650  207 DG D "C2'" 
642 C "C1'" . DG C 10 ? 6.85417  4.34032 6.91798  1.37999  -0.14289 0.65869  207 DG D "C1'" 
643 N N9    . DG C 10 ? 6.95929  4.34394 7.30922  1.40265  -0.39082 0.66060  207 DG D N9    
644 C C8    . DG C 10 ? 7.24279  4.27602 7.43506  1.40439  -0.50481 0.45638  207 DG D C8    
645 N N7    . DG C 10 ? 7.30135  4.32762 7.81964  1.42211  -0.72428 0.50909  207 DG D N7    
646 C C5    . DG C 10 ? 7.00555  4.40061 7.92244  1.43323  -0.75949 0.76380  207 DG D C5    
647 C C6    . DG C 10 ? 6.91788  4.47865 8.29274  1.44828  -0.96213 0.92088  207 DG D C6    
648 O O6    . DG C 10 ? 7.06881  4.47627 8.58903  1.45617  -1.15620 0.86381  207 DG D O6    
649 N N1    . DG C 10 ? 6.62698  4.57603 8.30264  1.44800  -0.92264 1.16348  207 DG D N1    
650 C C2    . DG C 10 ? 6.44335  4.59584 7.99298  1.43445  -0.71311 1.24486  207 DG D C2    
651 N N2    . DG C 10 ? 6.17236  4.70402 8.06161  1.42968  -0.70694 1.48359  207 DG D N2    
652 N N3    . DG C 10 ? 6.52185  4.52328 7.64050  1.42045  -0.51964 1.09965  207 DG D N3    
653 C C4    . DG C 10 ? 6.80579  4.42744 7.62838  1.42121  -0.55702 0.86194  207 DG D C4    
654 P P     . DT C 11 ? 6.30391  4.32436 6.69279  1.18637  0.39900  0.59168  208 DT D P     
655 O OP1   . DT C 11 ? 6.53263  4.25643 6.32509  1.17147  0.56145  0.34045  208 DT D OP1   
656 O OP2   . DT C 11 ? 6.28029  4.31112 7.19150  1.18042  0.19845  0.61139  208 DT D OP2   
657 O "O5'" . DT C 11 ? 5.95435  4.42244 6.61244  1.15233  0.53747  0.81367  208 DT D "O5'" 
658 C "C5'" . DT C 11 ? 5.71124  4.47319 6.97442  1.12032  0.46966  0.96205  208 DT D "C5'" 
659 C "C4'" . DT C 11 ? 5.48025  4.56860 7.16846  1.12785  0.37180  1.24153  208 DT D "C4'" 
660 O "O4'" . DT C 11 ? 5.63906  4.55370 7.21193  1.17988  0.22951  1.24242  208 DT D "O4'" 
661 C "C3'" . DT C 11 ? 5.29648  4.61094 7.65714  1.10297  0.21931  1.39452  208 DT D "C3'" 
662 O "O3'" . DT C 11 ? 5.03923  4.68253 7.63142  1.05360  0.35084  1.51487  208 DT D "O3'" 
663 C "C2'" . DT C 11 ? 5.21310  4.67779 7.84876  1.12629  0.06579  1.59439  208 DT D "C2'" 
664 C "C1'" . DT C 11 ? 5.47200  4.62600 7.58965  1.18164  0.05548  1.45736  208 DT D "C1'" 
665 N N1    . DT C 11 ? 5.69300  4.57219 7.88007  1.21698  -0.16567 1.36450  208 DT D N1    
666 C C2    . DT C 11 ? 5.63932  4.63686 8.13158  1.23947  -0.33766 1.52199  208 DT D C2    
667 O O2    . DT C 11 ? 5.41481  4.73738 8.14479  1.23094  -0.32289 1.73816  208 DT D O2    
668 N N3    . DT C 11 ? 5.86020  4.58937 8.37641  1.26745  -0.52917 1.41430  208 DT D N3    
669 C C4    . DT C 11 ? 6.12732  4.48498 8.38931  1.27296  -0.56244 1.16831  208 DT D C4    
670 O O4    . DT C 11 ? 6.31625  4.45732 8.61865  1.29351  -0.73906 1.08638  208 DT D O4    
671 C C5    . DT C 11 ? 6.17141  4.42127 8.11658  1.24793  -0.37372 1.01073  208 DT D C5    
672 C C7    . DT C 11 ? 6.45612  4.31710 8.10530  1.24520  -0.38606 0.73401  208 DT D C7    
673 C C6    . DT C 11 ? 5.95484  4.46788 7.87676  1.22266  -0.18704 1.11469  208 DT D C6    
674 P P     . DG C 12 ? 4.75177  4.81008 7.46850  1.02713  0.45948  1.76886  209 DG D P     
675 O OP1   . DG C 12 ? 4.56799  4.88730 7.89254  1.01374  0.28410  2.00347  209 DG D OP1   
676 O OP2   . DG C 12 ? 4.88068  4.84731 7.07958  1.05483  0.57896  1.72690  209 DG D OP2   
677 O "O5'" . DG C 12 ? 4.58919  4.85316 7.31029  0.97445  0.65385  1.76858  209 DG D "O5'" 
678 C "C5'" . DG C 12 ? 4.39739  4.90939 7.65898  0.93691  0.59686  1.89566  209 DG D "C5'" 
679 C "C4'" . DG C 12 ? 4.40224  4.89452 7.53225  0.91050  0.74598  1.75202  209 DG D "C4'" 
680 O "O4'" . DG C 12 ? 4.72029  4.79725 7.47109  0.94121  0.74101  1.46886  209 DG D "O4'" 
681 C "C3'" . DG C 12 ? 4.28378  4.96340 7.07500  0.87519  0.99774  1.76557  209 DG D "C3'" 
682 O "O3'" . DG C 12 ? 3.99982  5.08627 7.19871  0.82484  1.04730  1.96586  209 DG D "O3'" 
683 C "C2'" . DG C 12 ? 4.67308  5.05714 6.99086  0.87850  1.12934  1.47495  209 DG D "C2'" 
684 C "C1'" . DG C 12 ? 4.90076  4.94677 7.31421  0.91647  0.94285  1.31429  209 DG D "C1'" 
685 N N9    . DG C 12 ? 5.34445  4.98313 7.19148  0.94255  0.98712  1.05138  209 DG D N9    
686 C C8    . DG C 12 ? 5.56584  4.90657 7.23161  0.98630  0.85469  0.97367  209 DG D C8    
687 N N7    . DG C 12 ? 5.92555  4.92434 7.05188  0.99679  0.93224  0.72918  209 DG D N7    
688 C C5    . DG C 12 ? 5.94178  5.01956 6.88168  0.95560  1.13236  0.63464  209 DG D C5    
689 C C6    . DG C 12 ? 6.21617  5.03922 6.60277  0.93890  1.29337  0.37963  209 DG D C6    
690 O O6    . DG C 12 ? 6.49184  4.94928 6.42307  0.95703  1.28952  0.18408  209 DG D O6    
691 N N1    . DG C 12 ? 6.10545  5.14073 6.49084  0.89224  1.47308  0.36233  209 DG D N1    
692 C C2    . DG C 12 ? 5.77271  5.21607 6.63347  0.86735  1.49039  0.57202  209 DG D C2    
693 N N2    . DG C 12 ? 5.67161  5.27893 6.44865  0.82318  1.67386  0.51858  209 DG D N2    
694 N N3    . DG C 12 ? 5.49476  5.17221 6.86998  0.88089  1.33877  0.81697  209 DG D N3    
695 C C4    . DG C 12 ? 5.59908  5.07386 6.98172  0.92422  1.16682  0.83096  209 DG D C4    
696 P P     . DC C 13 ? 4.50817  5.96431 7.63217  0.77905  1.22085  2.15608  210 DC D P     
697 O OP1   . DC C 13 ? 4.00089  5.81381 7.69584  0.74998  1.10578  2.44475  210 DC D OP1   
698 O OP2   . DC C 13 ? 4.76960  6.03237 7.35059  0.80600  1.31323  2.05955  210 DC D OP2   
699 O "O5'" . DC C 13 ? 4.41611  6.01370 7.40742  0.73306  1.42617  2.08256  210 DC D "O5'" 
700 C "C5'" . DC C 13 ? 4.82339  6.12287 7.46910  0.74746  1.50125  1.80527  210 DC D "C5'" 
701 C "C4'" . DC C 13 ? 4.68479  5.92719 6.72082  0.72535  1.74760  1.67092  210 DC D "C4'" 
702 O "O4'" . DC C 13 ? 5.27862  6.10581 6.87760  0.75290  1.77597  1.37493  210 DC D "O4'" 
703 C "C3'" . DC C 13 ? 4.53644  5.78720 6.27492  0.73289  1.80642  1.74984  210 DC D "C3'" 
704 O "O3'" . DC C 13 ? 3.92652  5.60858 5.89583  0.68403  1.88679  1.99734  210 DC D "O3'" 
705 C "C2'" . DC C 13 ? 4.77289  5.75689 5.82916  0.73022  2.00277  1.50704  210 DC D "C2'" 
706 C "C1'" . DC C 13 ? 5.29693  5.97967 6.28982  0.74778  1.94873  1.26654  210 DC D "C1'" 
707 N N1    . DC C 13 ? 6.02067  6.25394 6.65781  0.79994  1.85988  1.07428  210 DC D N1    
708 C C2    . DC C 13 ? 6.36589  6.28184 6.47474  0.79459  1.97989  0.79966  210 DC D C2    
709 O O2    . DC C 13 ? 6.05008  6.06570 6.00202  0.74773  2.15806  0.71539  210 DC D O2    
710 N N3    . DC C 13 ? 6.97612  6.48530 6.75163  0.83732  1.89702  0.63174  210 DC D N3    
711 C C4    . DC C 13 ? 7.17826  6.60275 7.13858  0.88708  1.70277  0.72818  210 DC D C4    
712 N N4    . DC C 13 ? 7.57384  6.59893 7.18597  0.92683  1.62546  0.55718  210 DC D N4    
713 C C5    . DC C 13 ? 6.75248  6.50372 7.25165  0.89369  1.58208  1.00392  210 DC D C5    
714 C C6    . DC C 13 ? 6.24231  6.38644 7.05869  0.84751  1.66721  1.16897  210 DC D C6    
715 P P     . DG D 1  ? 4.84998  8.34569 4.73733  0.91459  1.27133  -1.01224 105 DG X P     
716 O OP1   . DG D 1  ? 4.95392  8.43345 4.60471  0.87070  1.51360  -1.11644 105 DG X OP1   
717 O OP2   . DG D 1  ? 4.30880  8.12781 4.57711  1.15975  1.28177  -0.95634 105 DG X OP2   
718 O "O5'" . DG D 1  ? 5.10190  8.30983 5.03023  0.90874  1.17624  -0.98312 105 DG X "O5'" 
719 C "C5'" . DG D 1  ? 5.56501  8.44784 5.17318  0.71474  1.19567  -1.03974 105 DG X "C5'" 
720 C "C4'" . DG D 1  ? 6.00593  8.65909 5.37256  0.44040  0.93331  -0.99063 105 DG X "C4'" 
721 O "O4'" . DG D 1  ? 6.22858  8.81062 5.23137  0.22659  0.98262  -1.05898 105 DG X "O4'" 
722 C "C3'" . DG D 1  ? 5.88575  8.66907 5.42681  0.45380  0.70377  -0.88325 105 DG X "C3'" 
723 O "O3'" . DG D 1  ? 5.98735  8.66750 5.72986  0.51171  0.52866  -0.78993 105 DG X "O3'" 
724 C "C2'" . DG D 1  ? 6.26788  8.91943 5.46158  0.16845  0.56440  -0.88345 105 DG X "C2'" 
725 C "C1'" . DG D 1  ? 6.45414  8.95065 5.30956  0.02248  0.73934  -0.99707 105 DG X "C1'" 
726 N N9    . DG D 1  ? 6.41245  9.00569 5.03876  -0.10241 0.79980  -1.04742 105 DG X N9    
727 C C8    . DG D 1  ? 6.06480  8.96120 4.79481  0.03041  0.96510  -1.08204 105 DG X C8    
728 N N7    . DG D 1  ? 6.14166  9.06292 4.60987  -0.13887 0.97851  -1.11923 105 DG X N7    
729 C C5    . DG D 1  ? 6.54160  9.14974 4.71267  -0.39754 0.81262  -1.11104 105 DG X C5    
730 C C6    . DG D 1  ? 6.74845  9.23485 4.56047  -0.65976 0.74756  -1.13799 105 DG X C6    
731 O O6    . DG D 1  ? 6.64693  9.27999 4.32607  -0.71859 0.82844  -1.17710 105 DG X O6    
732 N N1    . DG D 1  ? 7.15182  9.31840 4.74731  -0.86989 0.57254  -1.11328 105 DG X N1    
733 C C2    . DG D 1  ? 7.37464  9.37148 5.08839  -0.83503 0.46957  -1.06433 105 DG X C2    
734 N N2    . DG D 1  ? 7.71936  9.43208 5.18749  -1.06788 0.29911  -1.03872 105 DG X N2    
735 N N3    . DG D 1  ? 7.21680  9.32427 5.26764  -0.59167 0.52686  -1.03784 105 DG X N3    
736 C C4    . DG D 1  ? 6.76595  9.17545 5.03009  -0.38051 0.69974  -1.06498 105 DG X C4    
737 P P     . DG D 2  ? 5.33075  8.07076 5.23643  0.51704  0.26518  -0.66088 106 DG X P     
738 O OP1   . DG D 2  ? 5.20029  7.95338 5.43296  0.70523  0.19963  -0.58315 106 DG X OP1   
739 O OP2   . DG D 2  ? 5.02410  8.01384 4.97473  0.56408  0.29468  -0.66388 106 DG X OP2   
740 O "O5'" . DG D 2  ? 5.92063  8.37335 5.49173  0.21112  0.05422  -0.62530 106 DG X "O5'" 
741 C "C5'" . DG D 2  ? 6.31065  8.49352 5.66046  0.05658  0.06168  -0.66358 106 DG X "C5'" 
742 C "C4'" . DG D 2  ? 6.71200  8.67623 5.71194  -0.24692 -0.11723 -0.64051 106 DG X "C4'" 
743 O "O4'" . DG D 2  ? 6.63300  8.62023 5.35234  -0.37993 -0.00186 -0.73355 106 DG X "O4'" 
744 C "C3'" . DG D 2  ? 6.73563  8.71973 5.80565  -0.29128 -0.37437 -0.51173 106 DG X "C3'" 
745 O "O3'" . DG D 2  ? 7.00237  8.73420 5.85025  -0.52176 -0.56657 -0.45446 106 DG X "O3'" 
746 C "C2'" . DG D 2  ? 6.51660  8.63550 5.45219  -0.35170 -0.33648 -0.54983 106 DG X "C2'" 
747 C "C1'" . DG D 2  ? 6.63053  8.62768 5.23407  -0.51905 -0.18058 -0.67268 106 DG X "C1'" 
748 N N9    . DG D 2  ? 6.39084  8.55099 4.87640  -0.53860 -0.04609 -0.74717 106 DG X N9    
749 C C8    . DG D 2  ? 6.01625  8.45400 4.70442  -0.33231 0.13685  -0.79086 106 DG X C8    
750 N N7    . DG D 2  ? 5.99443  8.53856 4.50520  -0.41702 0.22041  -0.84764 106 DG X N7    
751 C C5    . DG D 2  ? 6.31669  8.62949 4.48598  -0.69404 0.08378  -0.84396 106 DG X C5    
752 C C6    . DG D 2  ? 6.54009  8.83550 4.40004  -0.89553 0.09044  -0.88917 106 DG X C6    
753 O O6    . DG D 2  ? 6.49204  8.99011 4.32089  -0.86841 0.22321  -0.94126 106 DG X O6    
754 N N1    . DG D 2  ? 6.84302  8.86572 4.41290  -1.15079 -0.07997 -0.86368 106 DG X N1    
755 C C2    . DG D 2  ? 6.92235  8.72714 4.50052  -1.20841 -0.23947 -0.79784 106 DG X C2    
756 N N2    . DG D 2  ? 7.22562  8.79964 4.50075  -1.46809 -0.39296 -0.77553 106 DG X N2    
757 N N3    . DG D 2  ? 6.71653  8.54147 4.58275  -1.02512 -0.24873 -0.75253 106 DG X N3    
758 C C4    . DG D 2  ? 6.43432  8.50957 4.58294  -0.77325 -0.08288 -0.78101 106 DG X C4    
759 P P     . DC D 3  ? 7.20221  8.89947 6.14302  -0.55649 -0.85003 -0.29414 107 DC X P     
760 O OP1   . DC D 3  ? 7.26881  8.73752 5.85731  -0.85378 -0.99982 -0.27165 107 DC X OP1   
761 O OP2   . DC D 3  ? 7.26056  8.99703 6.53337  -0.36249 -0.89915 -0.21251 107 DC X OP2   
762 O "O5'" . DC D 3  ? 6.88749  8.80319 5.94935  -0.44680 -0.85484 -0.27092 107 DC X "O5'" 
763 C "C5'" . DC D 3  ? 6.65347  8.52709 5.62168  -0.55866 -1.05607 -0.17525 107 DC X "C5'" 
764 C "C4'" . DC D 3  ? 6.67288  8.42178 5.24140  -0.83040 -1.06977 -0.23330 107 DC X "C4'" 
765 O "O4'" . DC D 3  ? 6.77234  8.59951 5.22235  -0.83567 -0.83487 -0.37932 107 DC X "O4'" 
766 C "C3'" . DC D 3  ? 6.34852  8.14251 4.83135  -0.89746 -1.18483 -0.17931 107 DC X "C3'" 
767 O "O3'" . DC D 3  ? 6.19703  7.85364 4.66695  -0.97356 -1.42928 -0.03642 107 DC X "O3'" 
768 C "C2'" . DC D 3  ? 6.43322  8.16077 4.54993  -1.12059 -1.09980 -0.28668 107 DC X "C2'" 
769 C "C1'" . DC D 3  ? 6.66225  8.45582 4.80847  -1.03578 -0.85223 -0.41705 107 DC X "C1'" 
770 N N1    . DC D 3  ? 6.49285  8.52403 4.68989  -0.92783 -0.65560 -0.50656 107 DC X N1    
771 C C2    . DC D 3  ? 6.38623  8.42621 4.29836  -1.10185 -0.61839 -0.56632 107 DC X C2    
772 O O2    . DC D 3  ? 6.43364  8.27798 4.05417  -1.33986 -0.74740 -0.54770 107 DC X O2    
773 N N3    . DC D 3  ? 6.19035  8.46708 4.15856  -1.00426 -0.44354 -0.63761 107 DC X N3    
774 C C4    . DC D 3  ? 6.06010  8.55698 4.34812  -0.74600 -0.30781 -0.65107 107 DC X C4    
775 N N4    . DC D 3  ? 5.78275  8.52784 4.11529  -0.66219 -0.13886 -0.71473 107 DC X N4    
776 C C5    . DC D 3  ? 6.15238  8.63487 4.73053  -0.56396 -0.34128 -0.59480 107 DC X C5    
777 C C6    . DC D 3  ? 6.39685  8.64468 4.91815  -0.66303 -0.51497 -0.52454 107 DC X C6    
778 P P     . DT D 4  ? 6.32763  7.75271 4.42562  -1.27872 -1.59144 0.00063  108 DT X P     
779 O OP1   . DT D 4  ? 6.60259  7.89000 4.47477  -1.43812 -1.50387 -0.09546 108 DT X OP1   
780 O OP2   . DT D 4  ? 6.14976  7.49536 4.35037  -1.26660 -1.82039 0.16727  108 DT X OP2   
781 O "O5'" . DT D 4  ? 6.24734  7.72569 4.14922  -1.37802 -1.57860 -0.03527 108 DT X "O5'" 
782 C "C5'" . DT D 4  ? 6.56296  7.87404 4.11509  -1.64383 -1.68970 -0.02267 108 DT X "C5'" 
783 C "C4'" . DT D 4  ? 6.53323  7.90958 4.01067  -1.67023 -1.73417 0.00133  108 DT X "C4'" 
784 O "O4'" . DT D 4  ? 6.37389  7.96052 3.93185  -1.55576 -1.53243 -0.10998 108 DT X "O4'" 
785 C "C3'" . DT D 4  ? 6.33336  7.73415 4.02322  -1.53302 -1.89142 0.14746  108 DT X "C3'" 
786 O "O3'" . DT D 4  ? 6.50788  7.80220 3.96868  -1.69330 -2.02998 0.21151  108 DT X "O3'" 
787 C "C2'" . DT D 4  ? 6.00887  7.64919 3.97375  -1.29254 -1.74514 0.10038  108 DT X "C2'" 
788 C "C1'" . DT D 4  ? 6.12147  7.84652 3.88708  -1.39413 -1.56738 -0.04727 108 DT X "C1'" 
789 N N1    . DT D 4  ? 5.85832  7.83318 3.85515  -1.18762 -1.36079 -0.13556 108 DT X N1    
790 C C2    . DT D 4  ? 5.79264  7.92978 3.75188  -1.17912 -1.27619 -0.18536 108 DT X C2    
791 O O2    . DT D 4  ? 5.94399  8.01788 3.68455  -1.33438 -1.36101 -0.16458 108 DT X O2    
792 N N3    . DT D 4  ? 5.54788  7.93007 3.73239  -0.98469 -1.08693 -0.25753 108 DT X N3    
793 C C4    . DT D 4  ? 5.58952  8.05739 4.02698  -0.79566 -0.97236 -0.28561 108 DT X C4    
794 O O4    . DT D 4  ? 5.52410  8.22301 4.15439  -0.62335 -0.80080 -0.34578 108 DT X O4    
795 C C5    . DT D 4  ? 5.79796  8.07043 4.25510  -0.81771 -1.06808 -0.23522 108 DT X C5    
796 C C7    . DT D 4  ? 5.98598  8.31940 4.69915  -0.62796 -0.95475 -0.26104 108 DT X C7    
797 C C6    . DT D 4  ? 5.79682  7.84041 4.03587  -1.01354 -1.25783 -0.16228 108 DT X C6    
798 P P     . DG D 5  ? 6.42487  7.65250 3.99985  -1.61968 -2.23354 0.38757  109 DG X P     
799 O OP1   . DG D 5  ? 6.72469  7.73926 4.03434  -1.84289 -2.41041 0.47370  109 DG X OP1   
800 O OP2   . DG D 5  ? 6.13066  7.45455 4.07646  -1.36712 -2.23041 0.44844  109 DG X OP2   
801 O "O5'" . DG D 5  ? 6.35012  7.66701 3.88867  -1.58831 -2.20099 0.37228  109 DG X "O5'" 
802 C "C5'" . DG D 5  ? 6.60495  7.84183 3.80628  -1.81142 -2.21564 0.33062  109 DG X "C5'" 
803 C "C4'" . DG D 5  ? 6.49240  7.84858 3.70563  -1.75190 -2.15807 0.30523  109 DG X "C4'" 
804 O "O4'" . DG D 5  ? 6.26139  7.85546 3.66744  -1.59852 -1.95642 0.18958  109 DG X "O4'" 
805 C "C3'" . DG D 5  ? 6.34200  7.67444 3.71967  -1.60477 -2.27707 0.43881  109 DG X "C3'" 
806 O "O3'" . DG D 5  ? 6.42326  7.72809 3.65223  -1.66912 -2.25954 0.42605  109 DG X "O3'" 
807 C "C2'" . DG D 5  ? 5.99037  7.53235 3.73891  -1.33381 -2.15809 0.41012  109 DG X "C2'" 
808 C "C1'" . DG D 5  ? 5.97225  7.69035 3.66521  -1.36935 -1.95357 0.24476  109 DG X "C1'" 
809 N N9    . DG D 5  ? 5.71495  7.62193 3.69974  -1.16725 -1.80240 0.17987  109 DG X N9    
810 C C8    . DG D 5  ? 5.64191  7.52138 3.79993  -1.07504 -1.80497 0.20034  109 DG X C8    
811 N N7    . DG D 5  ? 5.41055  7.48252 3.80992  -0.89359 -1.64153 0.12680  109 DG X N7    
812 C C5    . DG D 5  ? 5.31997  7.57295 3.70972  -0.86418 -1.52478 0.05609  109 DG X C5    
813 C C6    . DG D 5  ? 5.07956  7.59711 3.67508  -0.69302 -1.32994 -0.03212 109 DG X C6    
814 O O6    . DG D 5  ? 4.89410  7.53106 3.72788  -0.52163 -1.21381 -0.06878 109 DG X O6    
815 N N1    . DG D 5  ? 5.07118  7.72242 3.57004  -0.73713 -1.27105 -0.07525 109 DG X N1    
816 C C2    . DG D 5  ? 5.27540  7.80423 3.50639  -0.92389 -1.38305 -0.04231 109 DG X C2    
817 N N2    . DG D 5  ? 5.23904  7.93096 3.40933  -0.94687 -1.30213 -0.09299 109 DG X N2    
818 N N3    . DG D 5  ? 5.50345  7.77335 3.53844  -1.07847 -1.56110 0.03885  109 DG X N3    
819 C C4    . DG D 5  ? 5.50850  7.66078 3.64051  -1.03703 -1.62322 0.08597  109 DG X C4    
820 P P     . DT D 6  ? 6.43551  7.60360 3.74860  -1.56322 -2.34765 0.55212  110 DT X P     
821 O OP1   . DT D 6  ? 6.51164  7.69250 3.67179  -1.63711 -2.27125 0.49096  110 DT X OP1   
822 O OP2   . DT D 6  ? 6.60828  7.53434 3.88622  -1.60929 -2.46403 0.66744  110 DT X OP2   
823 O "O5'" . DT D 6  ? 6.09247  7.43743 3.73453  -1.30748 -2.36433 0.60551  110 DT X "O5'" 
824 C "C5'" . DT D 6  ? 5.95746  7.31926 3.71316  -1.16659 -2.36763 0.65609  110 DT X "C5'" 
825 C "C4'" . DT D 6  ? 5.87475  7.45016 3.57323  -1.18903 -2.24553 0.54252  110 DT X "C4'" 
826 O "O4'" . DT D 6  ? 5.69992  7.50000 3.56842  -1.10980 -2.07901 0.42236  110 DT X "O4'" 
827 C "C3'" . DT D 6  ? 5.68275  7.33313 3.53922  -1.01919 -2.23499 0.58384  110 DT X "C3'" 
828 O "O3'" . DT D 6  ? 5.78140  7.46455 3.44999  -1.12964 -2.15563 0.50659  110 DT X "O3'" 
829 C "C2'" . DT D 6  ? 5.34825  7.24472 3.56334  -0.78813 -2.10277 0.52871  110 DT X "C2'" 
830 C "C1'" . DT D 6  ? 5.40594  7.42131 3.53961  -0.89945 -1.97219 0.39380  110 DT X "C1'" 
831 N N1    . DT D 6  ? 5.17140  7.34792 3.60171  -0.72216 -1.86528 0.34907  110 DT X N1    
832 C C2    . DT D 6  ? 4.95598  7.40437 3.55584  -0.60209 -1.68007 0.24349  110 DT X C2    
833 O O2    . DT D 6  ? 4.93543  7.51813 3.46648  -0.63261 -1.60087 0.18634  110 DT X O2    
834 N N3    . DT D 6  ? 4.76780  7.32992 3.62313  -0.44328 -1.59011 0.21257  110 DT X N3    
835 C C4    . DT D 6  ? 4.78054  7.21134 3.72797  -0.40576 -1.66840 0.27206  110 DT X C4    
836 O O4    . DT D 6  ? 4.61641  7.15255 3.78490  -0.26571 -1.57511 0.23682  110 DT X O4    
837 C C5    . DT D 6  ? 5.00758  7.17174 3.76976  -0.54476 -1.86665 0.38336  110 DT X C5    
838 C C7    . DT D 6  ? 5.04453  7.06925 3.88511  -0.52803 -1.96997 0.46238  110 DT X C7    
839 C C6    . DT D 6  ? 5.18810  7.24041 3.70608  -0.68965 -1.95228 0.41714  110 DT X C6    
840 P P     . DG D 7  ? 6.44388  7.93117 4.03085  -1.11550 -2.19834 0.57458  111 DG X P     
841 O OP1   . DG D 7  ? 6.71963  8.08813 4.01119  -1.33358 -2.15736 0.51384  111 DG X OP1   
842 O OP2   . DG D 7  ? 6.43904  7.71891 4.14897  -0.98979 -2.31514 0.71474  111 DG X OP2   
843 O "O5'" . DG D 7  ? 6.18053  7.92378 3.93544  -0.96880 -2.11822 0.53845  111 DG X "O5'" 
844 C "C5'" . DG D 7  ? 5.86947  7.78056 3.95995  -0.72994 -2.10875 0.57644  111 DG X "C5'" 
845 C "C4'" . DG D 7  ? 5.63056  7.85047 3.89053  -0.62550 -1.93670 0.46838  111 DG X "C4'" 
846 O "O4'" . DG D 7  ? 5.55248  7.97269 3.88700  -0.63901 -1.80362 0.35593  111 DG X "O4'" 
847 C "C3'" . DG D 7  ? 5.32041  7.65729 3.92778  -0.35045 -1.91135 0.51586  111 DG X "C3'" 
848 O "O3'" . DG D 7  ? 5.35459  7.60352 3.89011  -0.33027 -1.96198 0.57304  111 DG X "O3'" 
849 C "C2'" . DG D 7  ? 5.09061  7.76988 3.88350  -0.26783 -1.72038 0.38874  111 DG X "C2'" 
850 C "C1'" . DG D 7  ? 5.22356  7.90553 3.89736  -0.40916 -1.67838 0.31669  111 DG X "C1'" 
851 N N9    . DG D 7  ? 5.10752  7.77136 3.99750  -0.28287 -1.69017 0.34517  111 DG X N9    
852 C C8    . DG D 7  ? 5.23082  7.65092 4.08306  -0.31059 -1.83970 0.44465  111 DG X C8    
853 N N7    . DG D 7  ? 5.09587  7.56013 4.16405  -0.19095 -1.81584 0.44846  111 DG X N7    
854 C C5    . DG D 7  ? 4.86671  7.61431 4.13151  -0.06598 -1.63355 0.34403  111 DG X C5    
855 C C6    . DG D 7  ? 4.75036  7.65004 4.28043  0.09418  -1.52568 0.30078  111 DG X C6    
856 O O6    . DG D 7  ? 4.80437  7.61136 4.44748  0.15103  -1.57670 0.34591  111 DG X O6    
857 N N1    . DG D 7  ? 4.59408  7.78406 4.26154  0.19319  -1.34118 0.20017  111 DG X N1    
858 C C2    . DG D 7  ? 4.51128  7.84239 4.07207  0.13402  -1.27384 0.14863  111 DG X C2    
859 N N2    . DG D 7  ? 4.34751  7.98348 4.07637  0.24820  -1.09099 0.06075  111 DG X N2    
860 N N3    . DG D 7  ? 4.67269  7.85777 3.97424  -0.02917 -1.37723 0.18448  111 DG X N3    
861 C C4    . DG D 7  ? 4.86453  7.75125 4.02933  -0.11805 -1.55354 0.28169  111 DG X C4    
# 
